data_4PEH
#
_entry.id   4PEH
#
_cell.length_a   73.021
_cell.length_b   141.936
_cell.length_c   212.942
_cell.angle_alpha   90.00
_cell.angle_beta   90.00
_cell.angle_gamma   90.00
#
_symmetry.space_group_name_H-M   'P 21 21 21'
#
loop_
_entity.id
_entity.type
_entity.pdbx_description
1 polymer 'RNA lariat debranching enzyme, putative'
2 polymer "RNA (5'-R(*CP*UP*AP*(A2P)P*AP*CP*AP*A)-3')"
3 non-polymer 'MANGANESE (II) ION'
4 non-polymer 'SULFATE ION'
5 non-polymer GLYCEROL
6 water water
#
loop_
_entity_poly.entity_id
_entity_poly.type
_entity_poly.pdbx_seq_one_letter_code
_entity_poly.pdbx_strand_id
1 'polypeptide(L)'
;GAMATEQIQHIAIVGSVHGKYREMYRQLSEYEKSTGKEISFVICTGDMQTLRYEADLVYLKVPPKYKQMGDFHLYYEGKE
KAPYLTLFIGGNHESSNVLLHLYNGGFVCFNMYYLGVCSCININGLRIVGVSGIYKSFDEKKPYTYPPSPNDVVSLFHTR
NYVIQMLSNLSQSSQIDISLSHDWPQGIVMKGNYKQLYRFQPGFKKDGASLGSPINKVILNTLKPKYWISGHMHCEYHAE
EGPTHFIALGKIGYKNAISYLDLPLKQKTDLEYDKDWVCNLIMTWPAFSNKAQFPDLSYSISELLSKRTKELDKKIIELW
EKYIGLKIIYDSDTFDIQFTSRRFYIEKIYNELNIN
;
A,B,C,D,E
2 'polyribonucleotide' CUA(A2P)CAA V,W,X,Y,Z
#
# COMPACT_ATOMS: atom_id res chain seq x y z
N GLN A 7 -40.58 -14.76 32.13
CA GLN A 7 -39.17 -14.43 31.99
C GLN A 7 -38.84 -13.09 32.65
N ILE A 8 -38.12 -13.15 33.77
CA ILE A 8 -37.76 -11.95 34.52
C ILE A 8 -36.24 -11.82 34.69
N GLN A 9 -35.77 -10.59 34.82
CA GLN A 9 -34.38 -10.35 35.16
C GLN A 9 -34.27 -9.82 36.57
N HIS A 10 -33.27 -10.31 37.31
CA HIS A 10 -33.07 -9.87 38.68
C HIS A 10 -31.96 -8.84 38.74
N ILE A 11 -32.32 -7.62 39.14
CA ILE A 11 -31.38 -6.51 39.18
C ILE A 11 -31.06 -6.11 40.61
N ALA A 12 -29.79 -6.14 40.97
CA ALA A 12 -29.37 -5.73 42.29
C ALA A 12 -29.22 -4.22 42.33
N ILE A 13 -29.85 -3.58 43.30
CA ILE A 13 -29.67 -2.15 43.52
C ILE A 13 -28.96 -1.91 44.86
N VAL A 14 -27.91 -1.08 44.83
CA VAL A 14 -27.04 -0.88 45.98
C VAL A 14 -26.94 0.60 46.33
N GLY A 15 -26.91 0.89 47.63
CA GLY A 15 -26.69 2.25 48.11
C GLY A 15 -25.22 2.63 48.06
N SER A 16 -24.75 3.29 49.11
CA SER A 16 -23.36 3.72 49.22
C SER A 16 -22.40 2.55 49.45
N VAL A 17 -21.40 2.38 48.59
CA VAL A 17 -20.42 1.29 48.76
C VAL A 17 -19.33 1.64 49.77
N HIS A 18 -18.89 2.89 49.76
CA HIS A 18 -17.78 3.36 50.59
C HIS A 18 -16.55 2.46 50.46
N GLY A 19 -16.28 2.02 49.23
CA GLY A 19 -15.09 1.23 48.95
C GLY A 19 -15.09 -0.20 49.48
N LYS A 20 -16.26 -0.73 49.83
CA LYS A 20 -16.35 -2.08 50.39
C LYS A 20 -16.83 -3.09 49.36
N TYR A 21 -16.06 -3.28 48.30
CA TYR A 21 -16.49 -4.10 47.16
C TYR A 21 -16.60 -5.60 47.47
N ARG A 22 -15.56 -6.16 48.10
CA ARG A 22 -15.55 -7.59 48.40
C ARG A 22 -16.77 -7.97 49.25
N GLU A 23 -17.07 -7.13 50.24
CA GLU A 23 -18.24 -7.34 51.09
C GLU A 23 -19.54 -7.24 50.30
N MET A 24 -19.62 -6.27 49.39
CA MET A 24 -20.82 -6.10 48.57
C MET A 24 -21.08 -7.33 47.69
N TYR A 25 -20.05 -7.78 47.00
CA TYR A 25 -20.16 -8.94 46.13
C TYR A 25 -20.41 -10.22 46.94
N ARG A 26 -19.81 -10.30 48.12
CA ARG A 26 -20.03 -11.44 49.00
C ARG A 26 -21.50 -11.50 49.39
N GLN A 27 -22.06 -10.34 49.74
CA GLN A 27 -23.51 -10.22 49.97
C GLN A 27 -24.30 -10.65 48.73
N LEU A 28 -23.91 -10.16 47.56
CA LEU A 28 -24.60 -10.48 46.32
C LEU A 28 -24.61 -11.97 45.97
N SER A 29 -23.48 -12.65 46.14
CA SER A 29 -23.42 -14.07 45.83
C SER A 29 -24.26 -14.87 46.83
N GLU A 30 -24.38 -14.36 48.05
CA GLU A 30 -25.20 -14.98 49.08
C GLU A 30 -26.69 -14.74 48.82
N TYR A 31 -27.00 -14.11 47.69
CA TYR A 31 -28.38 -13.92 47.26
C TYR A 31 -28.69 -14.94 46.19
N GLU A 32 -27.75 -15.15 45.27
CA GLU A 32 -27.92 -16.11 44.19
C GLU A 32 -27.93 -17.54 44.69
N LYS A 33 -27.56 -17.74 45.95
CA LYS A 33 -27.53 -19.07 46.55
C LYS A 33 -28.63 -19.22 47.60
N SER A 34 -28.84 -18.18 48.40
CA SER A 34 -29.95 -18.17 49.35
C SER A 34 -31.31 -18.22 48.64
N THR A 35 -31.32 -17.91 47.35
CA THR A 35 -32.57 -17.81 46.60
C THR A 35 -32.56 -18.60 45.28
N GLY A 36 -31.37 -18.90 44.75
CA GLY A 36 -31.27 -19.57 43.47
C GLY A 36 -31.58 -18.66 42.30
N LYS A 37 -31.87 -17.40 42.59
CA LYS A 37 -32.11 -16.42 41.54
C LYS A 37 -30.81 -16.01 40.88
N GLU A 38 -30.89 -15.57 39.62
CA GLU A 38 -29.70 -15.10 38.91
C GLU A 38 -29.72 -13.58 38.76
N ILE A 39 -28.62 -12.94 39.18
CA ILE A 39 -28.46 -11.50 39.03
C ILE A 39 -28.09 -11.15 37.59
N SER A 40 -28.96 -10.42 36.89
CA SER A 40 -28.61 -9.94 35.56
C SER A 40 -27.47 -8.92 35.62
N PHE A 41 -27.61 -7.95 36.53
CA PHE A 41 -26.55 -6.96 36.74
C PHE A 41 -26.78 -6.18 38.03
N VAL A 42 -25.86 -5.27 38.33
CA VAL A 42 -25.86 -4.55 39.60
C VAL A 42 -25.83 -3.05 39.36
N ILE A 43 -26.70 -2.33 40.07
CA ILE A 43 -26.73 -0.88 40.00
C ILE A 43 -26.31 -0.32 41.34
N CYS A 44 -25.35 0.61 41.31
CA CYS A 44 -24.86 1.26 42.54
C CYS A 44 -25.11 2.76 42.49
N THR A 45 -25.64 3.33 43.57
CA THR A 45 -26.01 4.74 43.60
C THR A 45 -25.00 5.72 44.18
N GLY A 46 -23.73 5.32 44.28
CA GLY A 46 -22.68 6.29 44.59
C GLY A 46 -21.80 6.03 45.79
N ASP A 47 -20.83 6.93 46.01
CA ASP A 47 -19.81 6.78 47.05
C ASP A 47 -18.98 5.53 46.80
N MET A 48 -18.51 5.38 45.56
CA MET A 48 -17.81 4.20 45.12
C MET A 48 -16.37 4.19 45.58
N GLN A 49 -15.77 5.37 45.68
CA GLN A 49 -14.40 5.52 46.16
C GLN A 49 -13.43 4.67 45.33
N THR A 50 -13.45 4.90 44.01
CA THR A 50 -12.64 4.11 43.09
C THR A 50 -11.20 4.58 43.05
N LEU A 51 -10.53 4.48 44.19
CA LEU A 51 -9.12 4.84 44.27
C LEU A 51 -8.25 3.76 43.65
N ARG A 52 -7.44 4.13 42.66
CA ARG A 52 -6.61 3.17 41.93
C ARG A 52 -5.40 2.80 42.77
N TYR A 53 -4.85 3.80 43.44
CA TYR A 53 -3.64 3.63 44.25
C TYR A 53 -3.52 4.78 45.25
N GLU A 54 -2.52 4.71 46.12
CA GLU A 54 -2.37 5.67 47.23
C GLU A 54 -2.51 7.14 46.82
N ALA A 55 -1.88 7.51 45.71
CA ALA A 55 -1.88 8.90 45.28
C ALA A 55 -3.28 9.45 45.06
N ASP A 56 -4.24 8.57 44.77
CA ASP A 56 -5.63 9.02 44.56
C ASP A 56 -6.32 9.47 45.85
N LEU A 57 -5.75 9.14 47.02
CA LEU A 57 -6.31 9.55 48.31
C LEU A 57 -6.47 11.07 48.40
N VAL A 58 -5.69 11.79 47.61
CA VAL A 58 -5.75 13.25 47.58
C VAL A 58 -7.13 13.72 47.12
N TYR A 59 -7.71 13.02 46.14
CA TYR A 59 -8.99 13.44 45.55
C TYR A 59 -10.24 12.93 46.28
N LEU A 60 -10.04 12.18 47.35
CA LEU A 60 -11.15 11.64 48.13
C LEU A 60 -11.48 12.58 49.28
N LYS A 61 -12.59 13.31 49.16
CA LYS A 61 -13.05 14.16 50.26
C LYS A 61 -13.85 13.32 51.25
N VAL A 62 -13.29 13.14 52.44
CA VAL A 62 -13.92 12.36 53.52
C VAL A 62 -13.46 12.93 54.85
N PRO A 63 -14.21 12.65 55.93
CA PRO A 63 -13.65 12.99 57.23
C PRO A 63 -12.44 12.10 57.49
N PRO A 64 -11.45 12.59 58.25
CA PRO A 64 -10.16 11.94 58.45
C PRO A 64 -10.23 10.43 58.72
N LYS A 65 -11.16 9.99 59.57
CA LYS A 65 -11.27 8.57 59.91
C LYS A 65 -11.65 7.70 58.71
N TYR A 66 -12.05 8.32 57.61
CA TYR A 66 -12.47 7.59 56.43
C TYR A 66 -11.49 7.74 55.25
N LYS A 67 -10.37 8.41 55.49
CA LYS A 67 -9.27 8.44 54.51
C LYS A 67 -8.66 7.04 54.37
N GLN A 68 -9.37 6.14 53.69
CA GLN A 68 -8.92 4.77 53.52
C GLN A 68 -8.97 4.37 52.04
N MET A 69 -8.10 3.45 51.66
CA MET A 69 -8.04 2.99 50.27
C MET A 69 -9.26 2.16 49.89
N GLY A 70 -9.78 1.40 50.84
CA GLY A 70 -10.89 0.52 50.55
C GLY A 70 -10.45 -0.63 49.66
N ASP A 71 -11.42 -1.28 49.02
CA ASP A 71 -11.20 -2.51 48.23
C ASP A 71 -10.93 -2.29 46.74
N PHE A 72 -11.36 -1.15 46.19
CA PHE A 72 -11.37 -0.96 44.73
C PHE A 72 -10.06 -1.33 44.03
N HIS A 73 -8.94 -0.96 44.63
CA HIS A 73 -7.65 -1.15 43.97
C HIS A 73 -7.34 -2.62 43.69
N LEU A 74 -7.91 -3.53 44.48
CA LEU A 74 -7.77 -4.96 44.23
C LEU A 74 -8.38 -5.33 42.88
N TYR A 75 -9.52 -4.71 42.58
CA TYR A 75 -10.21 -4.95 41.34
C TYR A 75 -9.46 -4.30 40.17
N TYR A 76 -8.94 -3.10 40.42
CA TYR A 76 -8.15 -2.37 39.43
C TYR A 76 -6.87 -3.10 39.08
N GLU A 77 -6.34 -3.87 40.03
CA GLU A 77 -5.10 -4.62 39.83
C GLU A 77 -5.37 -5.99 39.18
N GLY A 78 -6.60 -6.47 39.30
CA GLY A 78 -6.98 -7.76 38.75
C GLY A 78 -6.92 -8.88 39.76
N LYS A 79 -6.47 -8.56 40.98
CA LYS A 79 -6.42 -9.55 42.06
C LYS A 79 -7.82 -10.05 42.38
N GLU A 80 -8.77 -9.12 42.40
CA GLU A 80 -10.17 -9.47 42.57
C GLU A 80 -10.89 -9.25 41.24
N LYS A 81 -12.02 -9.94 41.07
CA LYS A 81 -12.79 -9.83 39.82
C LYS A 81 -14.28 -9.69 40.14
N ALA A 82 -14.87 -8.59 39.70
CA ALA A 82 -16.30 -8.37 39.91
C ALA A 82 -17.11 -9.41 39.15
N PRO A 83 -17.91 -10.20 39.89
CA PRO A 83 -18.69 -11.31 39.33
C PRO A 83 -19.85 -10.83 38.46
N TYR A 84 -20.34 -9.62 38.71
CA TYR A 84 -21.50 -9.11 37.98
C TYR A 84 -21.15 -7.81 37.28
N LEU A 85 -21.75 -7.59 36.11
CA LEU A 85 -21.69 -6.29 35.48
C LEU A 85 -22.27 -5.29 36.47
N THR A 86 -21.45 -4.31 36.84
CA THR A 86 -21.83 -3.34 37.87
C THR A 86 -21.84 -1.92 37.29
N LEU A 87 -23.02 -1.30 37.27
CA LEU A 87 -23.18 0.06 36.76
C LEU A 87 -23.33 1.04 37.91
N PHE A 88 -22.70 2.21 37.80
CA PHE A 88 -22.75 3.16 38.91
C PHE A 88 -22.61 4.61 38.51
N ILE A 89 -23.02 5.50 39.40
CA ILE A 89 -22.83 6.94 39.26
C ILE A 89 -21.93 7.40 40.39
N GLY A 90 -21.54 8.67 40.38
CA GLY A 90 -20.69 9.18 41.45
C GLY A 90 -21.51 9.74 42.60
N GLY A 91 -20.97 9.66 43.81
CA GLY A 91 -21.60 10.26 44.97
C GLY A 91 -20.80 11.45 45.47
N ASN A 92 -20.70 11.60 46.79
CA ASN A 92 -19.93 12.70 47.37
C ASN A 92 -18.59 12.24 47.93
N HIS A 93 -18.39 10.92 47.98
CA HIS A 93 -17.11 10.35 48.39
C HIS A 93 -16.52 9.53 47.24
N GLU A 94 -15.66 10.14 46.43
CA GLU A 94 -15.13 9.49 45.24
C GLU A 94 -13.67 9.81 45.01
N SER A 95 -12.99 9.00 44.21
CA SER A 95 -11.71 9.43 43.66
C SER A 95 -12.07 10.36 42.51
N SER A 96 -12.34 11.63 42.83
CA SER A 96 -12.97 12.55 41.88
C SER A 96 -12.15 12.82 40.62
N ASN A 97 -10.84 12.60 40.69
CA ASN A 97 -10.00 12.75 39.51
C ASN A 97 -10.28 11.66 38.47
N VAL A 98 -10.49 10.45 38.95
CA VAL A 98 -10.84 9.33 38.07
C VAL A 98 -12.17 9.61 37.37
N LEU A 99 -13.18 10.02 38.13
CA LEU A 99 -14.49 10.29 37.57
C LEU A 99 -14.51 11.46 36.57
N LEU A 100 -13.67 12.46 36.81
CA LEU A 100 -13.59 13.59 35.87
C LEU A 100 -12.96 13.16 34.55
N HIS A 101 -11.94 12.32 34.63
CA HIS A 101 -11.34 11.74 33.44
C HIS A 101 -12.42 11.03 32.64
N LEU A 102 -13.36 10.42 33.36
CA LEU A 102 -14.41 9.64 32.75
C LEU A 102 -15.74 10.34 32.86
N TYR A 103 -15.74 11.66 32.68
CA TYR A 103 -16.98 12.44 32.78
C TYR A 103 -17.97 11.99 31.69
N ASN A 104 -17.43 11.50 30.57
CA ASN A 104 -18.28 10.92 29.52
C ASN A 104 -18.45 9.41 29.70
N GLY A 105 -18.34 8.94 30.93
CA GLY A 105 -18.53 7.54 31.24
C GLY A 105 -17.35 6.66 30.89
N GLY A 106 -17.32 5.46 31.45
CA GLY A 106 -16.25 4.52 31.17
C GLY A 106 -16.10 3.43 32.21
N PHE A 107 -15.40 2.36 31.83
CA PHE A 107 -15.09 1.27 32.76
C PHE A 107 -13.92 1.66 33.65
N VAL A 108 -14.10 1.61 34.96
CA VAL A 108 -12.97 1.87 35.87
C VAL A 108 -12.12 0.62 36.02
N CYS A 109 -12.74 -0.53 35.74
CA CYS A 109 -12.05 -1.82 35.67
C CYS A 109 -13.10 -2.81 35.18
N PHE A 110 -12.71 -4.07 35.00
CA PHE A 110 -13.63 -5.09 34.47
C PHE A 110 -14.95 -5.14 35.22
N ASN A 111 -16.04 -5.08 34.46
CA ASN A 111 -17.41 -5.17 35.00
C ASN A 111 -17.85 -4.02 35.91
N MET A 112 -17.11 -2.92 35.89
CA MET A 112 -17.52 -1.75 36.66
C MET A 112 -17.59 -0.54 35.73
N TYR A 113 -18.80 -0.14 35.37
CA TYR A 113 -19.00 0.95 34.41
C TYR A 113 -19.61 2.18 35.07
N TYR A 114 -18.90 3.30 34.94
CA TYR A 114 -19.34 4.60 35.45
C TYR A 114 -20.12 5.30 34.35
N LEU A 115 -21.31 5.80 34.69
CA LEU A 115 -22.17 6.43 33.70
C LEU A 115 -21.78 7.88 33.38
N GLY A 116 -20.77 8.40 34.06
CA GLY A 116 -20.33 9.76 33.82
C GLY A 116 -21.06 10.77 34.69
N VAL A 117 -20.81 12.06 34.43
CA VAL A 117 -21.55 13.13 35.08
C VAL A 117 -23.06 12.88 35.01
N CYS A 118 -23.50 12.50 33.82
CA CYS A 118 -24.85 11.99 33.59
C CYS A 118 -24.85 11.33 32.22
N SER A 119 -25.75 10.38 32.01
CA SER A 119 -25.95 9.77 30.70
C SER A 119 -27.14 8.82 30.77
N CYS A 120 -27.47 8.24 29.63
CA CYS A 120 -28.49 7.20 29.57
C CYS A 120 -27.85 6.00 28.90
N ILE A 121 -28.02 4.82 29.47
CA ILE A 121 -27.52 3.62 28.80
C ILE A 121 -28.64 2.65 28.53
N ASN A 122 -28.37 1.68 27.67
CA ASN A 122 -29.32 0.61 27.38
C ASN A 122 -28.80 -0.73 27.86
N ILE A 123 -29.69 -1.52 28.47
CA ILE A 123 -29.35 -2.88 28.87
C ILE A 123 -30.60 -3.75 29.07
N ASN A 124 -30.63 -4.90 28.41
CA ASN A 124 -31.76 -5.82 28.49
C ASN A 124 -33.10 -5.14 28.24
N GLY A 125 -33.14 -4.27 27.24
CA GLY A 125 -34.37 -3.58 26.85
C GLY A 125 -34.75 -2.43 27.78
N LEU A 126 -33.90 -2.18 28.78
CA LEU A 126 -34.15 -1.11 29.74
C LEU A 126 -33.38 0.14 29.33
N ARG A 127 -33.90 1.29 29.72
CA ARG A 127 -33.17 2.54 29.57
C ARG A 127 -32.88 3.08 30.96
N ILE A 128 -31.60 3.28 31.26
CA ILE A 128 -31.21 3.69 32.60
C ILE A 128 -30.49 5.03 32.59
N VAL A 129 -31.02 5.99 33.34
CA VAL A 129 -30.47 7.34 33.40
C VAL A 129 -29.72 7.51 34.71
N GLY A 130 -28.55 8.14 34.67
CA GLY A 130 -27.75 8.34 35.88
C GLY A 130 -27.41 9.80 36.09
N VAL A 131 -27.51 10.26 37.34
CA VAL A 131 -27.09 11.61 37.70
C VAL A 131 -26.10 11.54 38.86
N SER A 132 -24.84 11.88 38.60
CA SER A 132 -23.81 11.80 39.62
C SER A 132 -23.77 13.01 40.54
N GLY A 133 -23.20 12.82 41.73
CA GLY A 133 -22.92 13.93 42.63
C GLY A 133 -23.98 14.24 43.66
N ILE A 134 -23.74 15.28 44.46
CA ILE A 134 -24.76 15.82 45.34
C ILE A 134 -24.90 17.34 45.12
N TYR A 135 -26.00 17.88 45.62
CA TYR A 135 -26.32 19.28 45.36
C TYR A 135 -25.76 20.24 46.40
N LYS A 136 -25.03 21.24 45.91
CA LYS A 136 -24.68 22.43 46.68
C LYS A 136 -24.93 23.63 45.76
N SER A 137 -25.78 24.56 46.20
CA SER A 137 -26.16 25.69 45.34
C SER A 137 -24.99 26.50 44.82
N PHE A 138 -23.95 26.67 45.63
CA PHE A 138 -22.81 27.52 45.27
C PHE A 138 -21.90 26.96 44.16
N ASP A 139 -22.05 25.68 43.82
CA ASP A 139 -21.26 25.07 42.75
C ASP A 139 -22.10 24.64 41.53
N GLU A 140 -23.40 24.89 41.55
CA GLU A 140 -24.30 24.39 40.52
C GLU A 140 -24.06 25.00 39.13
N LYS A 141 -23.35 26.12 39.09
CA LYS A 141 -23.05 26.78 37.84
C LYS A 141 -21.55 26.79 37.58
N LYS A 142 -20.79 26.18 38.48
CA LYS A 142 -19.35 26.09 38.30
C LYS A 142 -19.00 25.14 37.16
N PRO A 143 -18.10 25.56 36.27
CA PRO A 143 -17.65 24.66 35.20
C PRO A 143 -16.68 23.64 35.76
N TYR A 144 -16.43 22.57 35.00
CA TYR A 144 -15.36 21.65 35.36
C TYR A 144 -14.05 22.16 34.78
N THR A 145 -12.97 22.06 35.55
CA THR A 145 -11.65 22.42 35.03
C THR A 145 -10.80 21.16 34.89
N TYR A 146 -10.11 21.05 33.76
CA TYR A 146 -9.34 19.86 33.43
C TYR A 146 -7.96 20.27 32.94
N PRO A 147 -6.92 19.52 33.34
CA PRO A 147 -6.88 18.32 34.18
C PRO A 147 -7.30 18.58 35.63
N PRO A 148 -7.66 17.52 36.37
CA PRO A 148 -8.09 17.73 37.76
C PRO A 148 -6.97 18.23 38.67
N SER A 149 -7.32 19.18 39.56
CA SER A 149 -6.37 19.69 40.55
C SER A 149 -6.84 19.34 41.96
N PRO A 150 -5.89 19.05 42.86
CA PRO A 150 -6.19 18.76 44.27
C PRO A 150 -6.99 19.88 44.94
N ASN A 151 -6.92 21.08 44.38
CA ASN A 151 -7.68 22.20 44.93
C ASN A 151 -9.17 22.08 44.66
N ASP A 152 -9.55 21.15 43.79
CA ASP A 152 -10.95 20.96 43.42
C ASP A 152 -11.54 19.70 44.04
N VAL A 153 -10.86 19.13 45.01
CA VAL A 153 -11.34 17.95 45.69
C VAL A 153 -12.71 18.19 46.34
N VAL A 154 -12.94 19.43 46.78
CA VAL A 154 -14.15 19.76 47.50
C VAL A 154 -15.34 20.14 46.61
N SER A 155 -15.08 20.38 45.34
CA SER A 155 -16.14 20.87 44.45
C SER A 155 -16.47 19.95 43.28
N LEU A 156 -15.60 19.00 43.00
CA LEU A 156 -15.73 18.14 41.82
C LEU A 156 -16.99 17.27 41.83
N PHE A 157 -17.44 16.88 43.02
CA PHE A 157 -18.55 15.94 43.14
C PHE A 157 -19.90 16.65 43.30
N HIS A 158 -19.90 17.98 43.18
CA HIS A 158 -21.16 18.71 43.26
C HIS A 158 -21.88 18.67 41.91
N THR A 159 -23.17 18.36 41.95
CA THR A 159 -23.98 18.24 40.71
C THR A 159 -24.18 19.61 40.07
N ARG A 160 -23.86 19.71 38.78
CA ARG A 160 -24.08 20.95 38.05
C ARG A 160 -25.51 21.04 37.54
N ASN A 161 -26.02 22.27 37.44
CA ASN A 161 -27.36 22.52 36.91
C ASN A 161 -27.54 22.05 35.46
N TYR A 162 -26.46 22.10 34.68
CA TYR A 162 -26.55 21.85 33.24
C TYR A 162 -27.03 20.44 32.87
N VAL A 163 -26.94 19.50 33.80
CA VAL A 163 -27.37 18.14 33.52
C VAL A 163 -28.87 18.07 33.25
N ILE A 164 -29.62 19.03 33.80
CA ILE A 164 -31.06 19.10 33.59
C ILE A 164 -31.36 19.21 32.10
N GLN A 165 -30.68 20.16 31.46
CA GLN A 165 -30.86 20.39 30.03
C GLN A 165 -30.33 19.22 29.22
N MET A 166 -29.26 18.58 29.69
CA MET A 166 -28.68 17.44 28.99
C MET A 166 -29.62 16.24 28.98
N LEU A 167 -30.46 16.11 30.01
CA LEU A 167 -31.29 14.93 30.19
C LEU A 167 -32.79 15.15 29.86
N SER A 168 -33.21 16.40 29.68
CA SER A 168 -34.65 16.72 29.70
C SER A 168 -35.48 16.13 28.56
N ASN A 169 -34.87 15.94 27.39
CA ASN A 169 -35.61 15.42 26.24
C ASN A 169 -35.61 13.89 26.13
N LEU A 170 -34.92 13.23 27.05
CA LEU A 170 -34.61 11.80 26.91
C LEU A 170 -35.83 10.86 26.92
N SER A 171 -36.97 11.33 27.42
CA SER A 171 -38.16 10.49 27.48
C SER A 171 -39.18 10.81 26.37
N GLN A 172 -38.73 11.49 25.32
CA GLN A 172 -39.63 11.87 24.24
C GLN A 172 -40.05 10.69 23.35
N SER A 173 -39.11 9.79 23.06
CA SER A 173 -39.39 8.67 22.17
C SER A 173 -39.78 7.39 22.91
N SER A 174 -39.13 7.13 24.03
CA SER A 174 -39.51 6.01 24.88
C SER A 174 -39.35 6.41 26.33
N GLN A 175 -40.00 5.66 27.23
CA GLN A 175 -39.97 5.98 28.65
C GLN A 175 -38.59 5.70 29.23
N ILE A 176 -38.34 6.24 30.41
CA ILE A 176 -37.15 5.92 31.18
C ILE A 176 -37.51 4.86 32.21
N ASP A 177 -36.81 3.71 32.17
CA ASP A 177 -37.12 2.64 33.09
C ASP A 177 -36.58 2.93 34.49
N ILE A 178 -35.28 3.20 34.57
CA ILE A 178 -34.62 3.43 35.85
C ILE A 178 -33.79 4.70 35.84
N SER A 179 -33.88 5.49 36.91
CA SER A 179 -33.02 6.66 37.05
C SER A 179 -32.27 6.59 38.38
N LEU A 180 -30.98 6.92 38.36
CA LEU A 180 -30.16 6.90 39.57
C LEU A 180 -29.68 8.29 39.95
N SER A 181 -29.61 8.55 41.26
CA SER A 181 -28.93 9.73 41.77
C SER A 181 -28.34 9.38 43.12
N HIS A 182 -27.40 10.19 43.61
CA HIS A 182 -26.86 9.91 44.94
C HIS A 182 -27.79 10.48 46.00
N ASP A 183 -27.90 11.81 46.07
CA ASP A 183 -28.84 12.42 47.01
C ASP A 183 -30.28 12.37 46.48
N TRP A 184 -31.26 12.44 47.38
CA TRP A 184 -32.66 12.29 47.02
C TRP A 184 -33.16 13.46 46.21
N PRO A 185 -34.13 13.21 45.30
CA PRO A 185 -34.81 14.34 44.68
C PRO A 185 -35.51 15.14 45.78
N GLN A 186 -35.37 16.46 45.75
CA GLN A 186 -35.94 17.32 46.78
C GLN A 186 -37.47 17.21 46.86
N GLY A 187 -38.01 17.07 48.07
CA GLY A 187 -39.44 17.01 48.25
C GLY A 187 -40.00 15.59 48.36
N ILE A 188 -39.32 14.62 47.76
CA ILE A 188 -39.84 13.26 47.69
C ILE A 188 -39.87 12.55 49.05
N VAL A 189 -39.20 13.15 50.04
CA VAL A 189 -39.25 12.61 51.40
C VAL A 189 -40.69 12.67 51.93
N MET A 190 -41.43 13.67 51.49
CA MET A 190 -42.79 13.89 51.97
C MET A 190 -43.82 12.96 51.32
N LYS A 191 -43.42 12.35 50.20
CA LYS A 191 -44.35 11.53 49.43
C LYS A 191 -44.36 10.06 49.85
N GLY A 192 -43.77 9.77 51.00
CA GLY A 192 -43.81 8.42 51.55
C GLY A 192 -44.17 8.45 53.02
N ASN A 193 -43.82 7.39 53.75
CA ASN A 193 -44.05 7.32 55.18
C ASN A 193 -42.97 8.09 55.95
N TYR A 194 -42.93 9.40 55.77
CA TYR A 194 -41.90 10.26 56.35
C TYR A 194 -41.92 10.24 57.87
N LYS A 195 -43.08 9.91 58.42
CA LYS A 195 -43.25 9.81 59.86
C LYS A 195 -42.45 8.63 60.40
N GLN A 196 -42.65 7.46 59.81
CA GLN A 196 -41.89 6.25 60.14
C GLN A 196 -40.39 6.48 59.94
N LEU A 197 -40.05 7.26 58.91
CA LEU A 197 -38.67 7.62 58.63
C LEU A 197 -38.07 8.49 59.72
N TYR A 198 -38.75 9.57 60.08
CA TYR A 198 -38.25 10.54 61.06
C TYR A 198 -37.97 9.94 62.44
N ARG A 199 -38.86 9.06 62.89
CA ARG A 199 -38.64 8.35 64.14
C ARG A 199 -37.33 7.57 64.11
N PHE A 200 -36.98 7.08 62.91
CA PHE A 200 -35.75 6.33 62.71
C PHE A 200 -34.58 7.25 62.34
N GLN A 201 -34.88 8.40 61.76
CA GLN A 201 -33.86 9.37 61.38
C GLN A 201 -34.26 10.79 61.78
N PRO A 202 -34.17 11.11 63.09
CA PRO A 202 -34.60 12.40 63.64
C PRO A 202 -33.95 13.60 62.95
N GLY A 203 -32.75 13.41 62.41
CA GLY A 203 -32.00 14.47 61.77
C GLY A 203 -32.55 14.97 60.45
N PHE A 204 -33.55 14.28 59.91
CA PHE A 204 -34.09 14.62 58.58
C PHE A 204 -35.26 15.59 58.72
N LYS A 205 -35.87 15.60 59.89
CA LYS A 205 -37.07 16.38 60.14
C LYS A 205 -36.87 17.87 59.88
N LYS A 206 -35.69 18.37 60.25
CA LYS A 206 -35.37 19.79 60.17
C LYS A 206 -35.41 20.35 58.74
N ASP A 207 -34.84 19.61 57.79
CA ASP A 207 -34.82 20.07 56.41
C ASP A 207 -36.22 20.07 55.81
N GLY A 208 -37.10 19.23 56.35
CA GLY A 208 -38.47 19.15 55.89
C GLY A 208 -38.56 18.76 54.43
N ALA A 209 -39.45 19.41 53.69
CA ALA A 209 -39.61 19.13 52.26
C ALA A 209 -38.39 19.54 51.44
N SER A 210 -37.51 20.37 52.02
CA SER A 210 -36.34 20.86 51.30
C SER A 210 -35.20 19.85 51.28
N LEU A 211 -35.37 18.73 51.97
CA LEU A 211 -34.35 17.68 51.99
C LEU A 211 -34.14 17.11 50.60
N GLY A 212 -32.88 17.07 50.16
CA GLY A 212 -32.54 16.51 48.86
C GLY A 212 -32.15 17.52 47.80
N SER A 213 -31.91 17.03 46.59
CA SER A 213 -31.45 17.86 45.48
C SER A 213 -32.59 18.41 44.63
N PRO A 214 -32.61 19.74 44.44
CA PRO A 214 -33.56 20.33 43.49
C PRO A 214 -33.29 19.91 42.05
N ILE A 215 -32.03 19.62 41.73
CA ILE A 215 -31.69 19.18 40.38
C ILE A 215 -32.38 17.86 40.06
N ASN A 216 -32.25 16.88 40.96
CA ASN A 216 -32.91 15.60 40.80
C ASN A 216 -34.43 15.69 40.84
N LYS A 217 -34.96 16.63 41.61
CA LYS A 217 -36.39 16.88 41.67
C LYS A 217 -36.93 17.23 40.28
N VAL A 218 -36.24 18.18 39.63
CA VAL A 218 -36.64 18.64 38.30
C VAL A 218 -36.57 17.49 37.30
N ILE A 219 -35.46 16.76 37.33
CA ILE A 219 -35.24 15.63 36.44
C ILE A 219 -36.29 14.52 36.61
N LEU A 220 -36.60 14.18 37.85
CA LEU A 220 -37.65 13.19 38.11
C LEU A 220 -39.00 13.65 37.54
N ASN A 221 -39.38 14.89 37.84
CA ASN A 221 -40.63 15.45 37.36
CA ASN A 221 -40.64 15.44 37.36
C ASN A 221 -40.72 15.51 35.83
N THR A 222 -39.59 15.82 35.21
CA THR A 222 -39.53 15.95 33.74
C THR A 222 -39.60 14.60 33.01
N LEU A 223 -38.89 13.59 33.53
CA LEU A 223 -38.77 12.30 32.86
C LEU A 223 -39.74 11.25 33.40
N LYS A 224 -40.18 11.45 34.65
CA LYS A 224 -41.08 10.53 35.34
C LYS A 224 -40.75 9.04 35.13
N PRO A 225 -39.54 8.62 35.53
CA PRO A 225 -39.15 7.23 35.28
C PRO A 225 -39.96 6.23 36.09
N LYS A 226 -39.97 4.96 35.66
CA LYS A 226 -40.63 3.90 36.40
C LYS A 226 -40.04 3.78 37.81
N TYR A 227 -38.71 3.90 37.90
CA TYR A 227 -38.02 3.86 39.18
C TYR A 227 -37.01 4.98 39.35
N TRP A 228 -36.95 5.53 40.56
CA TRP A 228 -35.86 6.44 40.91
C TRP A 228 -35.14 5.87 42.12
N ILE A 229 -33.86 5.59 41.94
CA ILE A 229 -33.07 5.00 43.02
C ILE A 229 -32.00 5.97 43.51
N SER A 230 -31.97 6.17 44.82
CA SER A 230 -30.96 7.02 45.44
C SER A 230 -30.31 6.34 46.64
N GLY A 231 -29.10 6.73 46.96
CA GLY A 231 -28.49 6.26 48.19
C GLY A 231 -28.33 7.45 49.11
N HIS A 232 -27.21 7.45 49.82
CA HIS A 232 -26.62 8.64 50.44
C HIS A 232 -27.11 8.87 51.87
N MET A 233 -28.40 8.65 52.10
CA MET A 233 -29.04 9.02 53.37
C MET A 233 -28.97 7.96 54.48
N HIS A 234 -28.24 6.88 54.25
CA HIS A 234 -28.03 5.83 55.26
C HIS A 234 -29.33 5.26 55.81
N CYS A 235 -30.32 5.08 54.95
CA CYS A 235 -31.58 4.49 55.38
C CYS A 235 -32.29 3.84 54.21
N GLU A 236 -33.22 2.94 54.54
CA GLU A 236 -34.13 2.38 53.56
C GLU A 236 -35.37 3.27 53.54
N TYR A 237 -35.91 3.52 52.35
CA TYR A 237 -37.12 4.32 52.24
C TYR A 237 -37.81 4.09 50.91
N HIS A 238 -39.14 4.11 50.94
CA HIS A 238 -39.93 4.06 49.71
C HIS A 238 -40.93 5.21 49.73
N ALA A 239 -41.23 5.72 48.54
CA ALA A 239 -42.24 6.75 48.37
C ALA A 239 -42.72 6.67 46.93
N GLU A 240 -43.80 7.37 46.63
CA GLU A 240 -44.37 7.35 45.30
C GLU A 240 -44.64 8.78 44.85
N GLU A 241 -44.06 9.18 43.73
CA GLU A 241 -44.36 10.47 43.13
C GLU A 241 -45.01 10.22 41.78
N GLY A 242 -46.33 10.23 41.75
CA GLY A 242 -47.07 9.86 40.56
C GLY A 242 -46.74 8.45 40.12
N PRO A 243 -46.36 8.28 38.84
CA PRO A 243 -45.98 7.01 38.24
C PRO A 243 -44.62 6.48 38.69
N THR A 244 -43.84 7.32 39.37
CA THR A 244 -42.47 6.96 39.73
C THR A 244 -42.37 6.34 41.13
N HIS A 245 -41.72 5.18 41.20
N HIS A 245 -41.73 5.17 41.21
CA HIS A 245 -41.42 4.55 42.48
CA HIS A 245 -41.45 4.57 42.51
C HIS A 245 -40.06 5.03 42.98
C HIS A 245 -40.07 4.99 43.00
N PHE A 246 -40.04 5.67 44.14
CA PHE A 246 -38.76 6.08 44.72
C PHE A 246 -38.25 5.03 45.68
N ILE A 247 -36.98 4.65 45.52
CA ILE A 247 -36.35 3.71 46.43
C ILE A 247 -35.00 4.25 46.91
N ALA A 248 -34.89 4.41 48.23
CA ALA A 248 -33.64 4.86 48.84
C ALA A 248 -32.96 3.69 49.51
N LEU A 249 -31.63 3.69 49.49
CA LEU A 249 -30.87 2.57 50.02
C LEU A 249 -29.79 3.04 51.00
N GLY A 250 -29.50 2.20 51.99
CA GLY A 250 -28.49 2.54 52.98
C GLY A 250 -27.07 2.25 52.51
N LYS A 251 -26.14 2.20 53.45
CA LYS A 251 -24.73 1.99 53.12
C LYS A 251 -24.24 0.58 53.39
N ILE A 252 -23.42 0.07 52.48
CA ILE A 252 -22.84 -1.28 52.57
C ILE A 252 -22.22 -1.52 53.95
N GLY A 253 -22.42 -2.72 54.49
CA GLY A 253 -22.01 -3.04 55.85
C GLY A 253 -23.24 -3.13 56.73
N TYR A 254 -24.37 -2.67 56.20
CA TYR A 254 -25.64 -2.67 56.91
C TYR A 254 -26.75 -3.24 56.03
N LYS A 255 -27.87 -3.62 56.63
CA LYS A 255 -28.89 -4.41 55.92
C LYS A 255 -29.80 -3.62 54.97
N ASN A 256 -29.88 -2.30 55.15
CA ASN A 256 -30.70 -1.49 54.24
C ASN A 256 -29.96 -1.12 52.94
N ALA A 257 -28.77 -1.70 52.76
CA ALA A 257 -27.86 -1.29 51.68
C ALA A 257 -28.16 -1.91 50.32
N ILE A 258 -28.65 -3.14 50.30
CA ILE A 258 -28.94 -3.83 49.04
C ILE A 258 -30.41 -4.24 48.90
N SER A 259 -31.00 -3.93 47.75
CA SER A 259 -32.30 -4.46 47.40
C SER A 259 -32.27 -5.03 45.99
N TYR A 260 -33.41 -5.51 45.51
CA TYR A 260 -33.44 -6.21 44.23
C TYR A 260 -34.71 -5.86 43.45
N LEU A 261 -34.53 -5.62 42.15
CA LEU A 261 -35.67 -5.35 41.27
C LEU A 261 -35.90 -6.54 40.37
N ASP A 262 -37.09 -7.14 40.47
CA ASP A 262 -37.46 -8.22 39.60
C ASP A 262 -38.34 -7.67 38.48
N LEU A 263 -37.73 -7.44 37.33
CA LEU A 263 -38.40 -6.79 36.20
C LEU A 263 -38.63 -7.78 35.07
N PRO A 264 -39.65 -7.53 34.24
CA PRO A 264 -39.84 -8.38 33.08
C PRO A 264 -38.68 -8.25 32.12
N LEU A 265 -38.08 -9.37 31.73
CA LEU A 265 -37.03 -9.36 30.73
C LEU A 265 -37.63 -9.70 29.37
N LYS A 266 -37.64 -8.72 28.47
CA LYS A 266 -38.15 -8.92 27.12
C LYS A 266 -37.06 -9.50 26.22
N GLN A 267 -35.89 -8.87 26.26
CA GLN A 267 -34.77 -9.27 25.43
C GLN A 267 -33.50 -9.21 26.26
N LYS A 268 -32.68 -10.26 26.20
CA LYS A 268 -31.35 -10.17 26.79
C LYS A 268 -30.48 -9.41 25.81
N THR A 269 -29.81 -8.37 26.29
CA THR A 269 -29.04 -7.48 25.42
C THR A 269 -27.88 -6.86 26.16
N ASP A 270 -26.69 -6.92 25.57
CA ASP A 270 -25.49 -6.35 26.17
C ASP A 270 -25.65 -4.86 26.47
N LEU A 271 -24.89 -4.37 27.44
CA LEU A 271 -24.80 -2.95 27.74
C LEU A 271 -24.51 -2.14 26.48
N GLU A 272 -25.37 -1.16 26.19
CA GLU A 272 -25.21 -0.33 25.00
C GLU A 272 -25.38 1.16 25.31
N TYR A 273 -24.80 2.00 24.46
CA TYR A 273 -25.02 3.44 24.56
C TYR A 273 -26.47 3.73 24.15
N ASP A 274 -27.11 4.70 24.79
CA ASP A 274 -28.46 5.10 24.41
C ASP A 274 -28.40 6.09 23.25
N LYS A 275 -29.16 5.81 22.19
CA LYS A 275 -29.11 6.58 20.95
C LYS A 275 -29.41 8.06 21.14
N ASP A 276 -30.50 8.34 21.85
CA ASP A 276 -30.89 9.71 22.16
C ASP A 276 -29.80 10.43 22.96
N TRP A 277 -29.23 9.72 23.93
CA TRP A 277 -28.12 10.28 24.69
C TRP A 277 -26.94 10.60 23.78
N VAL A 278 -26.61 9.67 22.89
CA VAL A 278 -25.52 9.89 21.95
C VAL A 278 -25.77 11.15 21.12
N CYS A 279 -26.99 11.30 20.63
CA CYS A 279 -27.35 12.48 19.83
C CYS A 279 -27.15 13.77 20.63
N ASN A 280 -27.70 13.81 21.84
CA ASN A 280 -27.47 14.93 22.75
C ASN A 280 -25.99 15.17 23.00
N LEU A 281 -25.26 14.07 23.19
CA LEU A 281 -23.83 14.14 23.47
C LEU A 281 -23.07 14.80 22.31
N ILE A 282 -23.41 14.43 21.09
CA ILE A 282 -22.75 14.99 19.91
C ILE A 282 -23.18 16.43 19.67
N MET A 283 -24.49 16.67 19.76
CA MET A 283 -25.05 17.97 19.43
C MET A 283 -24.62 19.07 20.40
N THR A 284 -24.26 18.70 21.64
CA THR A 284 -23.79 19.70 22.59
C THR A 284 -22.28 19.89 22.55
N TRP A 285 -21.61 19.30 21.56
CA TRP A 285 -20.15 19.40 21.50
C TRP A 285 -19.54 20.80 21.61
N PRO A 286 -20.09 21.81 20.88
CA PRO A 286 -19.49 23.15 20.96
C PRO A 286 -19.36 23.67 22.40
N ALA A 287 -20.32 23.35 23.26
CA ALA A 287 -20.27 23.76 24.66
C ALA A 287 -19.14 23.07 25.44
N PHE A 288 -18.61 21.98 24.89
CA PHE A 288 -17.62 21.17 25.59
C PHE A 288 -16.27 21.14 24.87
N SER A 289 -16.11 21.99 23.85
CA SER A 289 -14.92 21.93 23.01
C SER A 289 -13.63 22.40 23.69
N ASN A 290 -13.75 23.17 24.77
CA ASN A 290 -12.57 23.62 25.52
C ASN A 290 -12.21 22.63 26.63
N LYS A 291 -11.22 21.79 26.36
CA LYS A 291 -10.85 20.71 27.26
C LYS A 291 -10.38 21.19 28.63
N ALA A 292 -9.96 22.44 28.71
CA ALA A 292 -9.51 23.03 29.97
C ALA A 292 -10.68 23.43 30.86
N GLN A 293 -11.79 23.86 30.25
CA GLN A 293 -12.93 24.35 31.01
C GLN A 293 -14.26 24.07 30.30
N PHE A 294 -15.10 23.27 30.93
CA PHE A 294 -16.36 22.85 30.32
C PHE A 294 -17.41 22.55 31.38
N PRO A 295 -18.70 22.76 31.05
CA PRO A 295 -19.14 23.31 29.78
C PRO A 295 -19.03 24.83 29.73
N ASP A 296 -19.02 25.36 28.51
CA ASP A 296 -19.06 26.79 28.26
C ASP A 296 -20.53 27.19 28.16
N LEU A 297 -21.03 27.89 29.17
CA LEU A 297 -22.44 28.24 29.22
C LEU A 297 -22.78 29.58 28.57
N SER A 298 -21.86 30.09 27.75
CA SER A 298 -22.20 31.15 26.81
C SER A 298 -23.08 30.48 25.77
N TYR A 299 -22.93 29.16 25.66
CA TYR A 299 -23.81 28.33 24.86
C TYR A 299 -25.08 27.98 25.64
N SER A 300 -26.19 27.87 24.93
CA SER A 300 -27.42 27.33 25.50
C SER A 300 -27.52 25.86 25.14
N ILE A 301 -27.42 25.00 26.15
CA ILE A 301 -27.56 23.56 25.95
C ILE A 301 -28.88 23.24 25.24
N SER A 302 -29.95 23.92 25.65
CA SER A 302 -31.26 23.74 25.02
C SER A 302 -31.24 24.10 23.53
N GLU A 303 -30.72 25.28 23.22
CA GLU A 303 -30.67 25.75 21.85
C GLU A 303 -29.89 24.77 20.98
N LEU A 304 -28.71 24.37 21.44
CA LEU A 304 -27.89 23.37 20.76
C LEU A 304 -28.68 22.07 20.52
N LEU A 305 -29.51 21.70 21.49
CA LEU A 305 -30.28 20.46 21.42
C LEU A 305 -31.58 20.62 20.61
N SER A 306 -32.01 21.86 20.42
CA SER A 306 -33.16 22.15 19.58
C SER A 306 -32.84 21.80 18.13
N LYS A 307 -31.54 21.73 17.82
CA LYS A 307 -31.07 21.44 16.47
C LYS A 307 -31.18 19.96 16.09
N ARG A 308 -31.65 19.12 17.03
CA ARG A 308 -31.83 17.71 16.73
C ARG A 308 -32.96 17.50 15.72
N THR A 309 -32.62 16.87 14.60
CA THR A 309 -33.60 16.47 13.60
C THR A 309 -33.45 14.96 13.39
N LYS A 310 -34.47 14.33 12.85
CA LYS A 310 -34.50 12.88 12.69
C LYS A 310 -33.37 12.38 11.80
N GLU A 311 -33.16 13.05 10.67
CA GLU A 311 -32.11 12.66 9.73
C GLU A 311 -30.73 12.87 10.33
N LEU A 312 -30.58 13.93 11.11
CA LEU A 312 -29.33 14.24 11.80
C LEU A 312 -29.03 13.17 12.85
N ASP A 313 -30.03 12.86 13.68
CA ASP A 313 -29.93 11.77 14.65
C ASP A 313 -29.46 10.50 13.94
N LYS A 314 -30.11 10.20 12.82
CA LYS A 314 -29.83 9.01 12.04
C LYS A 314 -28.36 8.94 11.60
N LYS A 315 -27.81 10.07 11.17
CA LYS A 315 -26.43 10.14 10.72
C LYS A 315 -25.45 10.03 11.90
N ILE A 316 -25.83 10.63 13.02
CA ILE A 316 -25.01 10.59 14.23
C ILE A 316 -24.81 9.15 14.70
N ILE A 317 -25.91 8.40 14.78
CA ILE A 317 -25.90 7.01 15.23
C ILE A 317 -25.05 6.15 14.31
N GLU A 318 -25.09 6.49 13.02
CA GLU A 318 -24.32 5.78 12.01
C GLU A 318 -22.82 6.07 12.21
N LEU A 319 -22.50 7.33 12.47
CA LEU A 319 -21.13 7.73 12.72
C LEU A 319 -20.60 7.21 14.06
N TRP A 320 -21.45 7.22 15.09
CA TRP A 320 -21.07 6.68 16.39
C TRP A 320 -20.76 5.20 16.26
N GLU A 321 -21.67 4.46 15.62
CA GLU A 321 -21.50 3.02 15.42
C GLU A 321 -20.21 2.68 14.68
N LYS A 322 -19.74 3.62 13.86
CA LYS A 322 -18.54 3.40 13.05
C LYS A 322 -17.26 3.63 13.84
N TYR A 323 -17.20 4.74 14.58
CA TYR A 323 -15.96 5.12 15.26
C TYR A 323 -15.83 4.51 16.66
N ILE A 324 -16.96 4.31 17.32
CA ILE A 324 -16.96 3.87 18.72
C ILE A 324 -17.70 2.54 18.92
N GLY A 325 -18.84 2.39 18.27
CA GLY A 325 -19.65 1.19 18.41
C GLY A 325 -20.77 1.40 19.41
N LEU A 326 -21.91 0.74 19.16
CA LEU A 326 -23.08 0.89 20.03
C LEU A 326 -22.90 0.15 21.35
N LYS A 327 -22.16 -0.95 21.33
CA LYS A 327 -21.90 -1.73 22.52
C LYS A 327 -20.83 -1.03 23.35
N ILE A 328 -21.07 -0.92 24.65
CA ILE A 328 -20.08 -0.33 25.54
C ILE A 328 -19.14 -1.43 26.02
N ILE A 329 -17.89 -1.39 25.55
CA ILE A 329 -16.97 -2.50 25.82
C ILE A 329 -15.78 -2.07 26.68
N TYR A 330 -15.16 -3.04 27.35
CA TYR A 330 -14.07 -2.74 28.26
C TYR A 330 -12.80 -2.30 27.55
N ASP A 331 -12.23 -1.23 28.09
CA ASP A 331 -11.09 -0.55 27.50
C ASP A 331 -10.14 -0.31 28.67
N SER A 332 -8.93 -0.89 28.61
CA SER A 332 -8.01 -0.79 29.74
C SER A 332 -7.00 0.34 29.58
N ASP A 333 -7.22 1.24 28.62
CA ASP A 333 -6.36 2.42 28.50
C ASP A 333 -6.46 3.24 29.78
N THR A 334 -5.38 3.91 30.16
CA THR A 334 -5.39 4.80 31.32
C THR A 334 -6.46 5.88 31.12
N PHE A 335 -7.09 6.32 32.20
CA PHE A 335 -8.25 7.19 32.12
C PHE A 335 -8.01 8.51 31.40
N ASP A 336 -6.81 9.09 31.55
CA ASP A 336 -6.49 10.30 30.81
C ASP A 336 -6.52 10.10 29.28
N ILE A 337 -6.16 8.89 28.84
CA ILE A 337 -6.26 8.56 27.41
C ILE A 337 -7.73 8.48 27.00
N GLN A 338 -8.54 7.81 27.83
CA GLN A 338 -9.95 7.64 27.52
C GLN A 338 -10.68 8.98 27.47
N PHE A 339 -10.30 9.91 28.35
CA PHE A 339 -10.82 11.27 28.31
C PHE A 339 -10.60 11.87 26.92
N THR A 340 -9.34 11.87 26.49
CA THR A 340 -8.95 12.47 25.22
C THR A 340 -9.56 11.73 24.03
N SER A 341 -9.59 10.40 24.12
CA SER A 341 -10.09 9.58 23.05
C SER A 341 -11.57 9.81 22.77
N ARG A 342 -12.39 9.75 23.82
CA ARG A 342 -13.83 9.90 23.63
C ARG A 342 -14.17 11.29 23.09
N ARG A 343 -13.46 12.30 23.58
CA ARG A 343 -13.67 13.66 23.09
C ARG A 343 -13.21 13.82 21.64
N PHE A 344 -12.20 13.06 21.25
CA PHE A 344 -11.69 13.10 19.88
C PHE A 344 -12.77 12.66 18.92
N TYR A 345 -13.47 11.58 19.27
CA TYR A 345 -14.49 11.05 18.39
C TYR A 345 -15.80 11.84 18.44
N ILE A 346 -16.14 12.37 19.62
CA ILE A 346 -17.29 13.28 19.70
C ILE A 346 -17.08 14.48 18.76
N GLU A 347 -15.91 15.09 18.85
CA GLU A 347 -15.58 16.24 18.00
C GLU A 347 -15.57 15.86 16.52
N LYS A 348 -15.10 14.66 16.21
CA LYS A 348 -15.03 14.21 14.82
C LYS A 348 -16.43 14.06 14.25
N ILE A 349 -17.30 13.41 15.01
CA ILE A 349 -18.68 13.16 14.56
C ILE A 349 -19.44 14.46 14.34
N TYR A 350 -19.34 15.40 15.28
CA TYR A 350 -20.00 16.70 15.14
C TYR A 350 -19.56 17.40 13.87
N ASN A 351 -18.24 17.50 13.68
CA ASN A 351 -17.69 18.19 12.52
C ASN A 351 -18.05 17.55 11.17
N GLU A 352 -18.54 16.32 11.20
CA GLU A 352 -18.87 15.60 9.99
C GLU A 352 -20.31 15.84 9.60
N LEU A 353 -21.09 16.35 10.54
CA LEU A 353 -22.48 16.70 10.27
C LEU A 353 -22.52 17.94 9.40
N ASN A 354 -21.48 18.76 9.49
CA ASN A 354 -21.42 20.00 8.75
C ASN A 354 -22.51 20.96 9.20
N ILE A 355 -22.29 21.64 10.32
CA ILE A 355 -23.29 22.56 10.84
C ILE A 355 -22.66 23.62 11.75
N GLN C 7 28.07 -3.21 -2.24
CA GLN C 7 26.81 -2.52 -2.08
C GLN C 7 25.79 -3.39 -1.33
N ILE C 8 25.49 -3.03 -0.08
CA ILE C 8 24.58 -3.85 0.73
C ILE C 8 23.45 -3.05 1.41
N GLN C 9 22.32 -3.73 1.64
CA GLN C 9 21.14 -3.12 2.26
C GLN C 9 20.93 -3.63 3.68
N HIS C 10 20.55 -2.71 4.56
CA HIS C 10 20.31 -3.05 5.96
C HIS C 10 18.82 -3.09 6.25
N ILE C 11 18.35 -4.28 6.62
CA ILE C 11 16.92 -4.52 6.80
C ILE C 11 16.60 -4.84 8.26
N ALA C 12 15.70 -4.06 8.84
CA ALA C 12 15.28 -4.30 10.21
C ALA C 12 14.19 -5.37 10.23
N ILE C 13 14.40 -6.41 11.04
CA ILE C 13 13.39 -7.44 11.22
C ILE C 13 12.88 -7.34 12.66
N VAL C 14 11.56 -7.37 12.81
CA VAL C 14 10.93 -7.09 14.10
C VAL C 14 9.97 -8.21 14.53
N GLY C 15 9.94 -8.49 15.83
CA GLY C 15 9.00 -9.46 16.37
C GLY C 15 7.63 -8.86 16.60
N SER C 16 7.00 -9.20 17.71
CA SER C 16 5.66 -8.71 18.02
C SER C 16 5.67 -7.24 18.41
N VAL C 17 4.93 -6.41 17.67
CA VAL C 17 4.89 -4.97 17.94
C VAL C 17 3.93 -4.63 19.08
N HIS C 18 2.82 -5.38 19.16
CA HIS C 18 1.80 -5.16 20.18
C HIS C 18 1.32 -3.72 20.25
N GLY C 19 1.22 -3.05 19.11
CA GLY C 19 0.73 -1.67 19.07
C GLY C 19 1.71 -0.65 19.62
N LYS C 20 2.97 -1.05 19.77
CA LYS C 20 4.01 -0.17 20.30
C LYS C 20 4.81 0.46 19.17
N TYR C 21 4.13 1.22 18.31
CA TYR C 21 4.76 1.76 17.11
C TYR C 21 5.75 2.89 17.36
N ARG C 22 5.39 3.86 18.19
CA ARG C 22 6.30 4.95 18.52
C ARG C 22 7.58 4.42 19.15
N GLU C 23 7.44 3.42 20.03
CA GLU C 23 8.59 2.82 20.69
C GLU C 23 9.49 2.08 19.70
N MET C 24 8.87 1.33 18.79
CA MET C 24 9.62 0.60 17.79
C MET C 24 10.40 1.55 16.90
N TYR C 25 9.72 2.59 16.42
CA TYR C 25 10.34 3.55 15.51
C TYR C 25 11.45 4.36 16.20
N ARG C 26 11.32 4.53 17.51
CA ARG C 26 12.39 5.19 18.26
C ARG C 26 13.64 4.31 18.29
N GLN C 27 13.47 3.01 18.57
CA GLN C 27 14.57 2.05 18.57
C GLN C 27 15.32 2.06 17.24
N LEU C 28 14.56 2.00 16.14
CA LEU C 28 15.13 1.97 14.80
C LEU C 28 15.91 3.24 14.49
N SER C 29 15.35 4.39 14.88
CA SER C 29 16.04 5.66 14.71
C SER C 29 17.38 5.66 15.44
N GLU C 30 17.40 5.00 16.61
CA GLU C 30 18.59 4.90 17.43
C GLU C 30 19.68 4.05 16.77
N TYR C 31 19.26 2.99 16.11
CA TYR C 31 20.16 2.13 15.36
C TYR C 31 20.86 2.93 14.27
N GLU C 32 20.09 3.74 13.54
CA GLU C 32 20.62 4.59 12.49
C GLU C 32 21.58 5.66 13.01
N LYS C 33 21.34 6.14 14.23
CA LYS C 33 22.21 7.13 14.85
C LYS C 33 23.50 6.50 15.37
N SER C 34 23.36 5.40 16.11
CA SER C 34 24.49 4.78 16.79
C SER C 34 25.32 3.87 15.89
N THR C 35 24.96 3.76 14.62
CA THR C 35 25.73 2.93 13.69
C THR C 35 26.10 3.67 12.41
N GLY C 36 25.34 4.70 12.06
CA GLY C 36 25.55 5.39 10.79
C GLY C 36 25.11 4.53 9.62
N LYS C 37 24.42 3.43 9.92
CA LYS C 37 23.86 2.58 8.88
C LYS C 37 22.43 2.99 8.58
N GLU C 38 22.13 3.12 7.29
CA GLU C 38 20.78 3.47 6.88
C GLU C 38 19.91 2.21 6.76
N ILE C 39 18.74 2.25 7.39
CA ILE C 39 17.76 1.18 7.26
C ILE C 39 16.99 1.33 5.95
N SER C 40 17.03 0.29 5.12
CA SER C 40 16.32 0.32 3.85
C SER C 40 14.82 0.21 4.04
N PHE C 41 14.40 -0.80 4.79
CA PHE C 41 12.99 -0.96 5.15
C PHE C 41 12.84 -1.85 6.37
N VAL C 42 11.63 -1.89 6.92
CA VAL C 42 11.37 -2.69 8.10
C VAL C 42 10.38 -3.83 7.81
N ILE C 43 10.70 -5.01 8.32
CA ILE C 43 9.87 -6.18 8.20
C ILE C 43 9.38 -6.53 9.60
N CYS C 44 8.06 -6.63 9.78
CA CYS C 44 7.48 -7.02 11.07
C CYS C 44 6.75 -8.35 10.97
N THR C 45 6.88 -9.19 11.99
CA THR C 45 6.33 -10.53 11.95
C THR C 45 5.02 -10.77 12.71
N GLY C 46 4.30 -9.69 13.05
CA GLY C 46 2.95 -9.89 13.58
C GLY C 46 2.60 -9.24 14.92
N ASP C 47 1.35 -9.49 15.35
CA ASP C 47 0.73 -8.82 16.49
C ASP C 47 0.79 -7.30 16.34
N MET C 48 0.28 -6.83 15.21
CA MET C 48 0.41 -5.44 14.82
C MET C 48 -0.63 -4.54 15.49
N GLN C 49 -1.81 -5.11 15.75
CA GLN C 49 -2.90 -4.38 16.40
C GLN C 49 -3.21 -3.05 15.69
N THR C 50 -3.52 -3.13 14.39
CA THR C 50 -3.79 -1.93 13.59
C THR C 50 -5.23 -1.47 13.70
N LEU C 51 -5.61 -1.05 14.91
CA LEU C 51 -6.96 -0.57 15.16
C LEU C 51 -7.07 0.90 14.76
N ARG C 52 -8.07 1.22 13.92
CA ARG C 52 -8.22 2.56 13.37
C ARG C 52 -8.87 3.48 14.38
N TYR C 53 -9.80 2.92 15.14
CA TYR C 53 -10.57 3.68 16.12
C TYR C 53 -11.19 2.72 17.13
N GLU C 54 -11.81 3.28 18.18
CA GLU C 54 -12.32 2.50 19.30
C GLU C 54 -13.19 1.30 18.91
N ALA C 55 -14.01 1.46 17.88
CA ALA C 55 -14.92 0.39 17.47
C ALA C 55 -14.18 -0.87 17.08
N ASP C 56 -12.94 -0.70 16.62
CA ASP C 56 -12.13 -1.83 16.18
C ASP C 56 -11.70 -2.76 17.34
N LEU C 57 -11.75 -2.25 18.57
CA LEU C 57 -11.38 -3.04 19.75
C LEU C 57 -12.18 -4.34 19.83
N VAL C 58 -13.42 -4.28 19.34
CA VAL C 58 -14.28 -5.44 19.21
C VAL C 58 -13.57 -6.63 18.54
N TYR C 59 -12.71 -6.33 17.57
CA TYR C 59 -12.06 -7.38 16.77
C TYR C 59 -10.67 -7.78 17.27
N LEU C 60 -10.22 -7.12 18.33
CA LEU C 60 -8.93 -7.46 18.93
C LEU C 60 -9.11 -8.55 19.99
N LYS C 61 -8.53 -9.73 19.72
CA LYS C 61 -8.52 -10.82 20.69
C LYS C 61 -7.33 -10.67 21.62
N VAL C 62 -7.58 -10.20 22.84
CA VAL C 62 -6.55 -10.06 23.87
C VAL C 62 -7.17 -10.27 25.24
N PRO C 63 -6.36 -10.65 26.23
CA PRO C 63 -6.89 -10.61 27.60
C PRO C 63 -7.22 -9.15 27.95
N PRO C 64 -8.29 -8.95 28.75
CA PRO C 64 -8.83 -7.64 29.11
C PRO C 64 -7.78 -6.58 29.45
N LYS C 65 -6.73 -6.95 30.17
CA LYS C 65 -5.67 -6.02 30.55
C LYS C 65 -4.96 -5.44 29.31
N TYR C 66 -5.11 -6.12 28.18
CA TYR C 66 -4.48 -5.67 26.93
C TYR C 66 -5.47 -5.12 25.92
N LYS C 67 -6.68 -4.82 26.38
CA LYS C 67 -7.69 -4.20 25.50
C LYS C 67 -7.42 -2.69 25.38
N GLN C 68 -6.37 -2.35 24.65
CA GLN C 68 -5.98 -0.95 24.46
C GLN C 68 -5.84 -0.64 22.96
N MET C 69 -6.03 0.62 22.60
CA MET C 69 -5.89 1.08 21.22
C MET C 69 -4.46 0.94 20.72
N GLY C 70 -3.51 1.15 21.63
CA GLY C 70 -2.11 1.18 21.23
C GLY C 70 -1.84 2.41 20.40
N ASP C 71 -0.75 2.38 19.62
CA ASP C 71 -0.31 3.56 18.88
C ASP C 71 -0.90 3.69 17.47
N PHE C 72 -1.40 2.61 16.88
CA PHE C 72 -1.66 2.62 15.44
C PHE C 72 -2.52 3.79 14.95
N HIS C 73 -3.61 4.06 15.65
CA HIS C 73 -4.55 5.10 15.22
C HIS C 73 -3.86 6.45 15.03
N LEU C 74 -2.79 6.68 15.79
CA LEU C 74 -1.98 7.89 15.66
C LEU C 74 -1.47 8.05 14.23
N TYR C 75 -0.95 6.95 13.68
CA TYR C 75 -0.42 6.91 12.33
C TYR C 75 -1.53 6.90 11.30
N TYR C 76 -2.64 6.25 11.65
CA TYR C 76 -3.81 6.20 10.79
C TYR C 76 -4.42 7.58 10.63
N GLU C 77 -4.39 8.37 11.71
CA GLU C 77 -4.96 9.71 11.70
C GLU C 77 -4.04 10.73 11.05
N GLY C 78 -2.74 10.44 11.04
CA GLY C 78 -1.77 11.36 10.47
C GLY C 78 -1.05 12.20 11.50
N LYS C 79 -1.28 11.88 12.78
CA LYS C 79 -0.64 12.60 13.88
C LYS C 79 0.80 12.14 14.05
N GLU C 80 1.07 10.90 13.66
CA GLU C 80 2.43 10.40 13.53
C GLU C 80 2.64 9.88 12.12
N LYS C 81 3.89 9.77 11.71
CA LYS C 81 4.18 9.31 10.36
C LYS C 81 5.33 8.31 10.40
N ALA C 82 5.10 7.11 9.86
CA ALA C 82 6.12 6.07 9.84
C ALA C 82 7.32 6.49 9.01
N PRO C 83 8.51 6.54 9.62
CA PRO C 83 9.74 7.00 8.96
C PRO C 83 10.36 5.98 8.02
N TYR C 84 9.94 4.72 8.11
CA TYR C 84 10.46 3.69 7.22
C TYR C 84 9.30 2.90 6.61
N LEU C 85 9.44 2.53 5.34
CA LEU C 85 8.52 1.59 4.72
C LEU C 85 8.50 0.32 5.57
N THR C 86 7.31 -0.03 6.05
CA THR C 86 7.16 -1.13 6.98
C THR C 86 6.23 -2.21 6.43
N LEU C 87 6.80 -3.38 6.15
CA LEU C 87 6.04 -4.53 5.66
C LEU C 87 5.73 -5.46 6.81
N PHE C 88 4.50 -5.95 6.87
CA PHE C 88 4.12 -6.84 7.96
C PHE C 88 3.09 -7.89 7.55
N ILE C 89 3.09 -9.01 8.27
CA ILE C 89 2.01 -9.99 8.22
C ILE C 89 1.20 -9.86 9.51
N GLY C 90 0.07 -10.56 9.58
CA GLY C 90 -0.73 -10.54 10.78
C GLY C 90 -0.34 -11.62 11.76
N GLY C 91 -0.58 -11.38 13.05
CA GLY C 91 -0.33 -12.39 14.06
C GLY C 91 -1.63 -12.90 14.65
N ASN C 92 -1.68 -13.02 15.97
CA ASN C 92 -2.88 -13.47 16.66
C ASN C 92 -3.56 -12.36 17.46
N HIS C 93 -2.92 -11.20 17.54
CA HIS C 93 -3.52 -10.02 18.17
C HIS C 93 -3.60 -8.92 17.12
N GLU C 94 -4.73 -8.84 16.44
CA GLU C 94 -4.88 -7.91 15.33
C GLU C 94 -6.27 -7.31 15.30
N SER C 95 -6.42 -6.22 14.56
CA SER C 95 -7.75 -5.74 14.22
C SER C 95 -8.16 -6.61 13.04
N SER C 96 -8.62 -7.82 13.33
CA SER C 96 -8.79 -8.84 12.30
C SER C 96 -9.80 -8.47 11.22
N ASN C 97 -10.71 -7.55 11.53
CA ASN C 97 -11.62 -7.05 10.52
C ASN C 97 -10.86 -6.27 9.45
N VAL C 98 -9.90 -5.47 9.90
CA VAL C 98 -9.05 -4.72 9.00
C VAL C 98 -8.26 -5.65 8.09
N LEU C 99 -7.62 -6.65 8.68
CA LEU C 99 -6.83 -7.58 7.87
C LEU C 99 -7.70 -8.42 6.92
N LEU C 100 -8.94 -8.72 7.31
CA LEU C 100 -9.85 -9.44 6.41
C LEU C 100 -10.23 -8.59 5.20
N HIS C 101 -10.50 -7.31 5.43
CA HIS C 101 -10.77 -6.40 4.33
C HIS C 101 -9.59 -6.39 3.38
N LEU C 102 -8.39 -6.42 3.96
CA LEU C 102 -7.16 -6.37 3.20
C LEU C 102 -6.52 -7.74 2.98
N TYR C 103 -7.33 -8.79 2.85
CA TYR C 103 -6.78 -10.15 2.72
C TYR C 103 -5.88 -10.31 1.49
N ASN C 104 -6.11 -9.49 0.47
CA ASN C 104 -5.20 -9.43 -0.67
C ASN C 104 -4.12 -8.37 -0.50
N GLY C 105 -3.90 -7.94 0.73
CA GLY C 105 -2.82 -7.00 1.01
C GLY C 105 -3.25 -5.56 0.84
N GLY C 106 -2.46 -4.64 1.40
CA GLY C 106 -2.75 -3.23 1.25
C GLY C 106 -2.10 -2.38 2.32
N PHE C 107 -1.97 -1.08 2.03
CA PHE C 107 -1.50 -0.14 3.05
C PHE C 107 -2.58 0.13 4.07
N VAL C 108 -2.24 -0.04 5.36
CA VAL C 108 -3.17 0.30 6.43
C VAL C 108 -3.04 1.79 6.74
N CYS C 109 -1.89 2.34 6.38
CA CYS C 109 -1.67 3.79 6.40
C CYS C 109 -0.35 4.03 5.69
N PHE C 110 0.09 5.28 5.65
CA PHE C 110 1.36 5.60 4.99
C PHE C 110 2.50 4.77 5.53
N ASN C 111 3.31 4.24 4.60
CA ASN C 111 4.49 3.45 4.95
C ASN C 111 4.26 2.13 5.70
N MET C 112 3.01 1.72 5.87
CA MET C 112 2.72 0.43 6.52
C MET C 112 1.89 -0.47 5.61
N TYR C 113 2.54 -1.44 4.99
CA TYR C 113 1.87 -2.31 4.02
C TYR C 113 1.63 -3.72 4.56
N TYR C 114 0.37 -4.13 4.61
CA TYR C 114 -0.01 -5.48 5.04
C TYR C 114 0.10 -6.44 3.87
N LEU C 115 0.72 -7.61 4.08
CA LEU C 115 0.93 -8.53 2.96
C LEU C 115 -0.27 -9.41 2.62
N GLY C 116 -1.32 -9.37 3.44
CA GLY C 116 -2.49 -10.18 3.18
C GLY C 116 -2.46 -11.46 3.99
N VAL C 117 -3.38 -12.36 3.70
CA VAL C 117 -3.39 -13.68 4.31
C VAL C 117 -2.06 -14.35 3.99
N CYS C 118 -1.65 -14.18 2.75
CA CYS C 118 -0.31 -14.57 2.32
C CYS C 118 -0.06 -13.90 0.99
N SER C 119 1.22 -13.68 0.68
CA SER C 119 1.60 -13.20 -0.64
C SER C 119 3.11 -13.20 -0.74
N CYS C 120 3.60 -12.79 -1.89
CA CYS C 120 5.01 -12.58 -2.09
C CYS C 120 5.19 -11.22 -2.74
N ILE C 121 6.12 -10.41 -2.22
CA ILE C 121 6.37 -9.09 -2.80
C ILE C 121 7.78 -8.99 -3.34
N ASN C 122 8.07 -7.88 -4.01
CA ASN C 122 9.38 -7.62 -4.53
C ASN C 122 9.91 -6.30 -4.00
N ILE C 123 11.12 -6.31 -3.48
CA ILE C 123 11.76 -5.07 -3.03
C ILE C 123 13.28 -5.22 -3.08
N ASN C 124 13.95 -4.27 -3.73
CA ASN C 124 15.41 -4.27 -3.83
C ASN C 124 16.02 -5.58 -4.35
N GLY C 125 15.38 -6.19 -5.33
CA GLY C 125 15.88 -7.44 -5.90
C GLY C 125 15.57 -8.65 -5.05
N LEU C 126 14.91 -8.41 -3.93
CA LEU C 126 14.51 -9.48 -3.01
C LEU C 126 13.08 -9.95 -3.29
N ARG C 127 12.84 -11.22 -3.05
CA ARG C 127 11.49 -11.77 -3.13
C ARG C 127 11.11 -12.21 -1.72
N ILE C 128 10.00 -11.69 -1.21
CA ILE C 128 9.62 -11.90 0.19
C ILE C 128 8.22 -12.47 0.34
N VAL C 129 8.12 -13.62 1.00
CA VAL C 129 6.83 -14.28 1.23
C VAL C 129 6.34 -14.06 2.66
N GLY C 130 5.03 -13.87 2.83
CA GLY C 130 4.45 -13.72 4.15
C GLY C 130 3.32 -14.71 4.41
N VAL C 131 3.27 -15.24 5.63
CA VAL C 131 2.17 -16.13 6.03
C VAL C 131 1.58 -15.59 7.33
N SER C 132 0.35 -15.09 7.28
CA SER C 132 -0.29 -14.49 8.45
C SER C 132 -0.95 -15.49 9.37
N GLY C 133 -1.12 -15.08 10.64
CA GLY C 133 -1.83 -15.88 11.61
C GLY C 133 -0.99 -16.85 12.42
N ILE C 134 -1.67 -17.57 13.32
CA ILE C 134 -1.06 -18.70 14.02
C ILE C 134 -1.90 -19.95 13.80
N TYR C 135 -1.29 -21.12 13.98
CA TYR C 135 -1.94 -22.38 13.69
C TYR C 135 -2.89 -22.88 14.78
N LYS C 136 -4.11 -23.21 14.36
CA LYS C 136 -5.04 -23.98 15.19
C LYS C 136 -5.73 -24.99 14.28
N SER C 137 -5.52 -26.27 14.57
CA SER C 137 -6.02 -27.35 13.72
C SER C 137 -7.54 -27.26 13.49
N PHE C 138 -8.27 -26.86 14.52
CA PHE C 138 -9.73 -26.78 14.46
C PHE C 138 -10.27 -25.67 13.54
N ASP C 139 -9.38 -24.80 13.06
CA ASP C 139 -9.81 -23.70 12.18
C ASP C 139 -9.11 -23.71 10.82
N GLU C 140 -8.17 -24.62 10.62
CA GLU C 140 -7.34 -24.57 9.42
C GLU C 140 -8.10 -24.95 8.15
N LYS C 141 -9.32 -25.44 8.33
CA LYS C 141 -10.16 -25.86 7.21
C LYS C 141 -11.26 -24.85 6.94
N LYS C 142 -11.60 -24.05 7.95
CA LYS C 142 -12.65 -23.05 7.84
C LYS C 142 -12.38 -22.04 6.72
N PRO C 143 -13.45 -21.54 6.09
CA PRO C 143 -13.28 -20.48 5.10
C PRO C 143 -13.41 -19.15 5.82
N TYR C 144 -13.13 -18.06 5.12
CA TYR C 144 -13.44 -16.74 5.67
C TYR C 144 -14.87 -16.38 5.31
N THR C 145 -15.59 -15.75 6.24
CA THR C 145 -16.89 -15.20 5.92
C THR C 145 -16.83 -13.67 5.90
N TYR C 146 -17.35 -13.08 4.83
CA TYR C 146 -17.26 -11.63 4.64
C TYR C 146 -18.65 -11.06 4.40
N PRO C 147 -18.94 -9.88 4.98
CA PRO C 147 -18.05 -9.01 5.76
C PRO C 147 -17.74 -9.57 7.14
N PRO C 148 -16.64 -9.10 7.77
CA PRO C 148 -16.30 -9.53 9.13
C PRO C 148 -17.42 -9.30 10.14
N SER C 149 -17.52 -10.19 11.11
CA SER C 149 -18.52 -10.12 12.18
C SER C 149 -17.83 -10.24 13.53
N PRO C 150 -18.35 -9.55 14.56
CA PRO C 150 -17.77 -9.60 15.91
C PRO C 150 -17.73 -11.03 16.49
N ASN C 151 -18.46 -11.95 15.89
CA ASN C 151 -18.41 -13.34 16.33
C ASN C 151 -17.09 -13.99 15.91
N ASP C 152 -16.55 -13.53 14.80
CA ASP C 152 -15.38 -14.18 14.20
C ASP C 152 -14.06 -13.74 14.82
N VAL C 153 -14.12 -12.96 15.90
CA VAL C 153 -12.92 -12.46 16.54
C VAL C 153 -11.89 -13.54 16.84
N VAL C 154 -12.37 -14.73 17.19
CA VAL C 154 -11.48 -15.79 17.64
C VAL C 154 -10.88 -16.64 16.54
N SER C 155 -11.54 -16.69 15.39
CA SER C 155 -11.13 -17.56 14.29
C SER C 155 -10.38 -16.84 13.15
N LEU C 156 -10.61 -15.54 13.00
CA LEU C 156 -10.07 -14.79 11.85
C LEU C 156 -8.55 -14.88 11.68
N PHE C 157 -7.82 -14.83 12.80
CA PHE C 157 -6.35 -14.86 12.75
C PHE C 157 -5.76 -16.26 12.73
N HIS C 158 -6.60 -17.27 12.57
CA HIS C 158 -6.10 -18.63 12.46
C HIS C 158 -5.71 -18.98 11.03
N THR C 159 -4.44 -19.34 10.84
CA THR C 159 -3.90 -19.67 9.52
C THR C 159 -4.67 -20.81 8.85
N ARG C 160 -5.09 -20.61 7.60
CA ARG C 160 -5.83 -21.63 6.86
C ARG C 160 -4.89 -22.53 6.08
N ASN C 161 -5.23 -23.82 5.98
CA ASN C 161 -4.36 -24.78 5.31
C ASN C 161 -4.14 -24.50 3.83
N TYR C 162 -5.11 -23.83 3.19
CA TYR C 162 -5.02 -23.58 1.75
C TYR C 162 -3.80 -22.77 1.33
N VAL C 163 -3.29 -21.94 2.23
CA VAL C 163 -2.16 -21.06 1.89
C VAL C 163 -0.94 -21.84 1.43
N ILE C 164 -0.83 -23.09 1.87
CA ILE C 164 0.24 -23.97 1.38
C ILE C 164 0.21 -24.03 -0.14
N GLN C 165 -0.97 -24.30 -0.69
CA GLN C 165 -1.11 -24.41 -2.14
C GLN C 165 -0.89 -23.07 -2.86
N MET C 166 -1.30 -21.98 -2.23
CA MET C 166 -1.14 -20.65 -2.83
C MET C 166 0.33 -20.30 -3.02
N LEU C 167 1.15 -20.76 -2.08
CA LEU C 167 2.56 -20.37 -2.03
C LEU C 167 3.53 -21.38 -2.64
N SER C 168 3.10 -22.64 -2.75
CA SER C 168 4.02 -23.76 -3.01
C SER C 168 4.91 -23.66 -4.25
N ASN C 169 4.43 -23.03 -5.33
CA ASN C 169 5.23 -22.96 -6.56
C ASN C 169 6.21 -21.79 -6.64
N LEU C 170 6.22 -20.93 -5.63
CA LEU C 170 6.89 -19.64 -5.75
C LEU C 170 8.42 -19.66 -5.87
N SER C 171 9.05 -20.78 -5.48
CA SER C 171 10.51 -20.86 -5.62
C SER C 171 11.01 -21.54 -6.91
N GLN C 172 10.10 -21.88 -7.80
CA GLN C 172 10.48 -22.54 -9.06
C GLN C 172 11.26 -21.63 -10.00
N SER C 173 10.88 -20.37 -10.07
CA SER C 173 11.51 -19.41 -10.99
C SER C 173 12.82 -18.91 -10.43
N SER C 174 12.87 -18.76 -9.11
CA SER C 174 14.04 -18.26 -8.41
C SER C 174 13.75 -18.52 -6.94
N GLN C 175 14.77 -18.43 -6.09
CA GLN C 175 14.61 -18.77 -4.68
C GLN C 175 14.04 -17.61 -3.88
N ILE C 176 13.16 -17.93 -2.95
CA ILE C 176 12.65 -16.94 -2.01
C ILE C 176 13.78 -16.50 -1.10
N ASP C 177 14.06 -15.20 -1.05
CA ASP C 177 15.10 -14.70 -0.16
C ASP C 177 14.65 -14.76 1.30
N ILE C 178 13.50 -14.17 1.58
CA ILE C 178 13.00 -14.10 2.95
C ILE C 178 11.55 -14.56 3.03
N SER C 179 11.24 -15.36 4.04
CA SER C 179 9.87 -15.74 4.29
C SER C 179 9.48 -15.34 5.71
N LEU C 180 8.22 -14.95 5.89
CA LEU C 180 7.75 -14.38 7.16
C LEU C 180 6.57 -15.16 7.69
N SER C 181 6.62 -15.51 8.97
CA SER C 181 5.47 -16.13 9.63
C SER C 181 5.40 -15.60 11.04
N HIS C 182 4.24 -15.73 11.68
CA HIS C 182 4.13 -15.30 13.07
C HIS C 182 4.60 -16.42 13.99
N ASP C 183 3.80 -17.48 14.12
CA ASP C 183 4.25 -18.63 14.88
C ASP C 183 5.33 -19.41 14.12
N TRP C 184 6.10 -20.21 14.84
CA TRP C 184 7.22 -20.92 14.25
C TRP C 184 6.77 -22.07 13.36
N PRO C 185 7.53 -22.32 12.29
CA PRO C 185 7.35 -23.55 11.52
C PRO C 185 7.60 -24.73 12.44
N GLN C 186 6.59 -25.59 12.60
CA GLN C 186 6.70 -26.74 13.51
C GLN C 186 7.96 -27.55 13.27
N GLY C 187 8.65 -27.91 14.35
CA GLY C 187 9.80 -28.77 14.28
C GLY C 187 11.15 -28.08 14.17
N ILE C 188 11.18 -26.83 13.71
CA ILE C 188 12.45 -26.15 13.47
C ILE C 188 13.23 -25.84 14.75
N VAL C 189 12.55 -25.93 15.90
CA VAL C 189 13.21 -25.77 17.20
C VAL C 189 14.38 -26.75 17.35
N MET C 190 14.23 -27.93 16.76
CA MET C 190 15.21 -29.00 16.87
C MET C 190 16.38 -28.82 15.90
N LYS C 191 16.34 -27.74 15.13
CA LYS C 191 17.36 -27.50 14.12
C LYS C 191 18.31 -26.40 14.57
N GLY C 192 18.13 -25.97 15.81
CA GLY C 192 19.03 -25.02 16.43
C GLY C 192 19.52 -25.58 17.75
N ASN C 193 20.22 -24.76 18.53
CA ASN C 193 20.67 -25.16 19.85
C ASN C 193 19.52 -25.18 20.86
N TYR C 194 18.68 -26.20 20.78
CA TYR C 194 17.47 -26.26 21.58
C TYR C 194 17.72 -26.55 23.06
N LYS C 195 18.83 -27.24 23.34
CA LYS C 195 19.21 -27.50 24.74
C LYS C 195 19.52 -26.19 25.47
N GLN C 196 20.27 -25.30 24.82
CA GLN C 196 20.53 -23.98 25.36
C GLN C 196 19.26 -23.15 25.40
N LEU C 197 18.41 -23.31 24.38
CA LEU C 197 17.14 -22.60 24.30
C LEU C 197 16.24 -22.91 25.49
N TYR C 198 16.19 -24.19 25.87
CA TYR C 198 15.37 -24.62 26.98
C TYR C 198 15.86 -24.06 28.32
N ARG C 199 17.13 -23.72 28.39
CA ARG C 199 17.70 -23.15 29.62
C ARG C 199 17.31 -21.69 29.81
N PHE C 200 16.86 -21.06 28.74
CA PHE C 200 16.46 -19.66 28.79
C PHE C 200 14.94 -19.58 28.79
N GLN C 201 14.32 -20.43 27.99
CA GLN C 201 12.87 -20.54 27.95
C GLN C 201 12.48 -21.97 28.27
N PRO C 202 12.38 -22.30 29.58
CA PRO C 202 12.07 -23.65 30.04
C PRO C 202 10.63 -24.02 29.74
N GLY C 203 9.82 -23.02 29.39
CA GLY C 203 8.45 -23.25 29.00
C GLY C 203 8.31 -23.73 27.57
N PHE C 204 9.43 -24.16 26.98
CA PHE C 204 9.45 -24.57 25.57
C PHE C 204 9.68 -26.08 25.40
N LYS C 205 9.96 -26.78 26.50
CA LYS C 205 10.24 -28.22 26.42
C LYS C 205 8.98 -29.07 26.24
N LYS C 206 7.85 -28.57 26.74
CA LYS C 206 6.59 -29.31 26.74
C LYS C 206 6.13 -29.74 25.35
N ASP C 207 5.90 -28.76 24.46
CA ASP C 207 5.45 -29.08 23.11
C ASP C 207 6.56 -29.81 22.35
N GLY C 208 7.79 -29.65 22.82
CA GLY C 208 8.93 -30.33 22.25
C GLY C 208 9.11 -30.03 20.77
N ALA C 209 9.14 -31.09 19.96
CA ALA C 209 9.27 -30.96 18.53
C ALA C 209 7.95 -30.50 17.88
N SER C 210 6.83 -30.74 18.58
CA SER C 210 5.50 -30.44 18.05
C SER C 210 5.19 -28.93 18.02
N LEU C 211 5.99 -28.16 18.75
CA LEU C 211 5.81 -26.72 18.87
C LEU C 211 5.78 -26.00 17.52
N GLY C 212 4.75 -25.20 17.30
CA GLY C 212 4.66 -24.39 16.09
C GLY C 212 3.66 -24.85 15.04
N SER C 213 3.79 -24.31 13.83
CA SER C 213 2.80 -24.50 12.76
C SER C 213 3.24 -25.51 11.70
N PRO C 214 2.44 -26.57 11.50
CA PRO C 214 2.78 -27.50 10.42
C PRO C 214 2.62 -26.83 9.05
N ILE C 215 1.78 -25.80 8.98
CA ILE C 215 1.58 -25.06 7.74
C ILE C 215 2.85 -24.33 7.33
N ASN C 216 3.42 -23.58 8.27
CA ASN C 216 4.66 -22.88 8.01
C ASN C 216 5.79 -23.87 7.76
N LYS C 217 5.69 -25.05 8.37
CA LYS C 217 6.65 -26.13 8.16
C LYS C 217 6.68 -26.60 6.70
N VAL C 218 5.51 -27.00 6.19
CA VAL C 218 5.39 -27.45 4.80
C VAL C 218 5.90 -26.40 3.82
N ILE C 219 5.51 -25.15 4.06
CA ILE C 219 5.92 -24.02 3.24
C ILE C 219 7.44 -23.85 3.31
N LEU C 220 7.99 -23.93 4.52
CA LEU C 220 9.44 -23.88 4.71
C LEU C 220 10.13 -24.98 3.89
N ASN C 221 9.65 -26.21 4.04
CA ASN C 221 10.24 -27.34 3.31
C ASN C 221 10.04 -27.28 1.79
N THR C 222 9.02 -26.55 1.34
CA THR C 222 8.72 -26.44 -0.08
C THR C 222 9.48 -25.29 -0.73
N LEU C 223 9.48 -24.14 -0.07
CA LEU C 223 10.11 -22.95 -0.62
C LEU C 223 11.60 -22.87 -0.32
N LYS C 224 12.02 -23.52 0.76
CA LYS C 224 13.40 -23.47 1.24
C LYS C 224 14.07 -22.10 1.05
N PRO C 225 13.53 -21.06 1.70
CA PRO C 225 14.02 -19.70 1.46
C PRO C 225 15.37 -19.47 2.12
N LYS C 226 16.11 -18.46 1.71
CA LYS C 226 17.38 -18.14 2.37
C LYS C 226 17.15 -17.85 3.85
N TYR C 227 16.04 -17.17 4.16
CA TYR C 227 15.69 -16.85 5.54
C TYR C 227 14.22 -17.14 5.85
N TRP C 228 13.97 -17.66 7.05
CA TRP C 228 12.62 -17.71 7.59
C TRP C 228 12.63 -16.97 8.91
N ILE C 229 11.83 -15.90 8.99
CA ILE C 229 11.77 -15.07 10.18
C ILE C 229 10.41 -15.18 10.86
N SER C 230 10.43 -15.46 12.16
CA SER C 230 9.19 -15.61 12.93
C SER C 230 9.24 -14.76 14.19
N GLY C 231 8.07 -14.46 14.74
CA GLY C 231 7.98 -13.81 16.03
C GLY C 231 7.18 -14.68 16.99
N HIS C 232 6.20 -14.07 17.65
CA HIS C 232 5.26 -14.79 18.53
C HIS C 232 5.86 -15.44 19.78
N MET C 233 7.11 -15.91 19.70
CA MET C 233 7.68 -16.75 20.77
C MET C 233 8.46 -16.01 21.86
N HIS C 234 8.57 -14.68 21.73
CA HIS C 234 9.19 -13.84 22.78
C HIS C 234 10.57 -14.28 23.21
N CYS C 235 11.43 -14.60 22.25
CA CYS C 235 12.81 -14.94 22.55
C CYS C 235 13.66 -14.72 21.30
N GLU C 236 14.96 -14.90 21.46
CA GLU C 236 15.84 -14.91 20.30
C GLU C 236 16.21 -16.36 20.04
N TYR C 237 16.35 -16.72 18.77
CA TYR C 237 16.72 -18.07 18.40
C TYR C 237 17.20 -18.14 16.98
N HIS C 238 18.15 -19.03 16.71
CA HIS C 238 18.65 -19.25 15.37
C HIS C 238 18.62 -20.73 15.08
N ALA C 239 18.32 -21.08 13.83
CA ALA C 239 18.30 -22.47 13.40
C ALA C 239 18.64 -22.53 11.92
N GLU C 240 19.13 -23.69 11.48
CA GLU C 240 19.43 -23.89 10.06
C GLU C 240 18.76 -25.18 9.57
N GLU C 241 17.97 -25.06 8.51
CA GLU C 241 17.32 -26.22 7.89
C GLU C 241 17.69 -26.23 6.42
N GLY C 242 18.66 -27.06 6.07
CA GLY C 242 19.19 -27.06 4.71
C GLY C 242 19.77 -25.70 4.39
N PRO C 243 19.25 -25.06 3.34
CA PRO C 243 19.73 -23.76 2.91
C PRO C 243 18.99 -22.61 3.61
N THR C 244 18.08 -22.95 4.51
CA THR C 244 17.26 -21.93 5.17
C THR C 244 17.82 -21.47 6.52
N HIS C 245 17.94 -20.15 6.69
CA HIS C 245 18.31 -19.58 7.97
C HIS C 245 17.07 -19.18 8.75
N PHE C 246 16.77 -19.88 9.83
CA PHE C 246 15.65 -19.49 10.67
C PHE C 246 16.07 -18.48 11.73
N ILE C 247 15.27 -17.43 11.88
CA ILE C 247 15.51 -16.40 12.88
C ILE C 247 14.25 -16.11 13.66
N ALA C 248 14.31 -16.26 14.98
CA ALA C 248 13.18 -15.92 15.85
C ALA C 248 13.44 -14.61 16.57
N LEU C 249 12.40 -13.79 16.72
CA LEU C 249 12.55 -12.47 17.32
C LEU C 249 11.65 -12.32 18.53
N GLY C 250 12.05 -11.45 19.47
CA GLY C 250 11.25 -11.19 20.66
C GLY C 250 10.18 -10.14 20.46
N LYS C 251 9.66 -9.60 21.56
CA LYS C 251 8.58 -8.62 21.51
C LYS C 251 9.10 -7.21 21.82
N ILE C 252 8.55 -6.21 21.14
CA ILE C 252 8.93 -4.81 21.37
C ILE C 252 8.84 -4.46 22.86
N GLY C 253 9.88 -3.81 23.37
CA GLY C 253 9.98 -3.53 24.80
C GLY C 253 11.14 -4.30 25.40
N TYR C 254 11.75 -5.15 24.57
CA TYR C 254 12.89 -5.95 24.97
C TYR C 254 13.96 -5.89 23.88
N LYS C 255 15.22 -6.14 24.25
CA LYS C 255 16.34 -5.99 23.33
C LYS C 255 16.20 -6.91 22.11
N ASN C 256 15.86 -8.17 22.35
CA ASN C 256 15.77 -9.18 21.30
C ASN C 256 14.62 -9.01 20.29
N ALA C 257 13.86 -7.91 20.43
CA ALA C 257 12.70 -7.64 19.60
C ALA C 257 13.06 -7.25 18.18
N ILE C 258 14.22 -6.62 18.02
CA ILE C 258 14.64 -6.12 16.73
C ILE C 258 16.03 -6.65 16.39
N SER C 259 16.16 -7.16 15.17
CA SER C 259 17.47 -7.56 14.67
C SER C 259 17.62 -7.02 13.26
N TYR C 260 18.77 -7.28 12.65
CA TYR C 260 19.08 -6.64 11.37
C TYR C 260 19.71 -7.61 10.38
N LEU C 261 19.21 -7.57 9.15
CA LEU C 261 19.74 -8.39 8.09
C LEU C 261 20.60 -7.53 7.16
N ASP C 262 21.86 -7.94 7.02
CA ASP C 262 22.76 -7.30 6.07
C ASP C 262 22.78 -8.18 4.83
N LEU C 263 22.13 -7.73 3.77
CA LEU C 263 21.95 -8.52 2.57
C LEU C 263 22.55 -7.78 1.38
N PRO C 264 23.00 -8.53 0.36
CA PRO C 264 23.56 -7.93 -0.87
C PRO C 264 22.54 -7.13 -1.69
N LEU C 265 22.94 -5.93 -2.10
CA LEU C 265 22.07 -5.03 -2.88
C LEU C 265 22.44 -5.03 -4.36
N LYS C 266 21.71 -5.82 -5.13
CA LYS C 266 21.89 -5.85 -6.57
C LYS C 266 21.30 -4.61 -7.20
N GLN C 267 20.03 -4.34 -6.87
CA GLN C 267 19.31 -3.19 -7.42
C GLN C 267 18.49 -2.53 -6.32
N LYS C 268 18.36 -1.21 -6.38
CA LYS C 268 17.40 -0.55 -5.50
C LYS C 268 16.08 -0.43 -6.25
N THR C 269 15.02 -1.01 -5.68
CA THR C 269 13.74 -1.11 -6.38
C THR C 269 12.56 -0.88 -5.44
N ASP C 270 11.60 -0.07 -5.89
CA ASP C 270 10.41 0.20 -5.10
C ASP C 270 9.62 -1.06 -4.80
N LEU C 271 8.82 -1.03 -3.75
CA LEU C 271 7.94 -2.14 -3.42
C LEU C 271 7.06 -2.48 -4.62
N GLU C 272 7.09 -3.74 -5.04
CA GLU C 272 6.28 -4.18 -6.17
C GLU C 272 5.57 -5.50 -5.85
N TYR C 273 4.56 -5.83 -6.65
CA TYR C 273 3.92 -7.13 -6.54
C TYR C 273 4.81 -8.17 -7.21
N ASP C 274 4.83 -9.38 -6.66
CA ASP C 274 5.57 -10.47 -7.30
C ASP C 274 4.76 -11.07 -8.46
N LYS C 275 5.38 -11.12 -9.64
CA LYS C 275 4.72 -11.63 -10.84
C LYS C 275 4.13 -13.04 -10.69
N ASP C 276 4.96 -13.97 -10.18
CA ASP C 276 4.50 -15.33 -9.92
C ASP C 276 3.35 -15.36 -8.93
N TRP C 277 3.44 -14.58 -7.86
CA TRP C 277 2.34 -14.50 -6.91
C TRP C 277 1.07 -13.93 -7.57
N VAL C 278 1.25 -12.91 -8.41
CA VAL C 278 0.12 -12.32 -9.14
C VAL C 278 -0.55 -13.35 -10.05
N CYS C 279 0.27 -14.17 -10.72
CA CYS C 279 -0.27 -15.20 -11.60
C CYS C 279 -1.08 -16.19 -10.78
N ASN C 280 -0.53 -16.61 -9.64
CA ASN C 280 -1.26 -17.48 -8.72
C ASN C 280 -2.55 -16.83 -8.25
N LEU C 281 -2.51 -15.53 -8.02
CA LEU C 281 -3.67 -14.80 -7.49
C LEU C 281 -4.82 -14.77 -8.50
N ILE C 282 -4.49 -14.45 -9.75
CA ILE C 282 -5.51 -14.41 -10.80
C ILE C 282 -6.03 -15.82 -11.09
N MET C 283 -5.11 -16.79 -11.22
CA MET C 283 -5.50 -18.13 -11.67
C MET C 283 -6.35 -18.88 -10.64
N THR C 284 -6.39 -18.37 -9.42
CA THR C 284 -7.19 -19.00 -8.38
C THR C 284 -8.51 -18.26 -8.13
N TRP C 285 -8.77 -17.22 -8.92
CA TRP C 285 -10.03 -16.47 -8.82
C TRP C 285 -11.31 -17.30 -8.65
N PRO C 286 -11.47 -18.37 -9.46
CA PRO C 286 -12.67 -19.19 -9.30
C PRO C 286 -12.91 -19.68 -7.87
N ALA C 287 -11.83 -19.98 -7.14
CA ALA C 287 -11.97 -20.42 -5.75
C ALA C 287 -12.36 -19.29 -4.80
N PHE C 288 -12.15 -18.05 -5.23
CA PHE C 288 -12.43 -16.90 -4.38
C PHE C 288 -13.58 -16.02 -4.90
N SER C 289 -14.31 -16.51 -5.91
CA SER C 289 -15.33 -15.70 -6.58
C SER C 289 -16.55 -15.37 -5.72
N ASN C 290 -16.77 -16.15 -4.65
CA ASN C 290 -17.83 -15.80 -3.72
C ASN C 290 -17.33 -14.85 -2.65
N LYS C 291 -17.81 -13.61 -2.67
CA LYS C 291 -17.31 -12.59 -1.76
C LYS C 291 -17.72 -12.84 -0.32
N ALA C 292 -18.76 -13.64 -0.11
CA ALA C 292 -19.25 -13.89 1.23
C ALA C 292 -18.57 -15.08 1.90
N GLN C 293 -17.97 -15.95 1.09
CA GLN C 293 -17.27 -17.12 1.60
C GLN C 293 -16.15 -17.56 0.66
N PHE C 294 -14.91 -17.42 1.14
CA PHE C 294 -13.74 -17.80 0.36
C PHE C 294 -12.65 -18.39 1.25
N PRO C 295 -11.82 -19.30 0.71
CA PRO C 295 -11.98 -19.83 -0.65
C PRO C 295 -13.02 -20.94 -0.67
N ASP C 296 -13.63 -21.17 -1.82
CA ASP C 296 -14.52 -22.33 -1.98
C ASP C 296 -13.65 -23.52 -2.38
N LEU C 297 -13.34 -24.38 -1.43
CA LEU C 297 -12.35 -25.43 -1.66
C LEU C 297 -12.92 -26.68 -2.32
N SER C 298 -14.10 -26.56 -2.91
CA SER C 298 -14.59 -27.59 -3.83
C SER C 298 -13.67 -27.53 -5.04
N TYR C 299 -13.08 -26.36 -5.27
CA TYR C 299 -11.98 -26.22 -6.21
C TYR C 299 -10.70 -26.73 -5.57
N SER C 300 -9.86 -27.36 -6.38
CA SER C 300 -8.50 -27.68 -5.96
C SER C 300 -7.61 -26.52 -6.37
N ILE C 301 -7.05 -25.83 -5.37
CA ILE C 301 -6.14 -24.72 -5.62
C ILE C 301 -5.00 -25.20 -6.51
N SER C 302 -4.50 -26.39 -6.22
CA SER C 302 -3.42 -26.99 -6.98
CA SER C 302 -3.41 -26.97 -7.00
C SER C 302 -3.80 -27.17 -8.45
N GLU C 303 -5.04 -27.60 -8.67
CA GLU C 303 -5.51 -27.84 -10.03
C GLU C 303 -5.56 -26.52 -10.81
N LEU C 304 -6.12 -25.48 -10.17
CA LEU C 304 -6.18 -24.16 -10.79
C LEU C 304 -4.78 -23.68 -11.15
N LEU C 305 -3.84 -23.88 -10.23
CA LEU C 305 -2.47 -23.40 -10.43
C LEU C 305 -1.71 -24.16 -11.52
N SER C 306 -2.05 -25.42 -11.73
CA SER C 306 -1.38 -26.23 -12.75
C SER C 306 -1.73 -25.73 -14.15
N LYS C 307 -2.75 -24.88 -14.22
CA LYS C 307 -3.19 -24.29 -15.49
C LYS C 307 -2.27 -23.17 -15.96
N ARG C 308 -1.28 -22.81 -15.14
CA ARG C 308 -0.36 -21.73 -15.50
C ARG C 308 0.49 -22.09 -16.72
N THR C 309 0.56 -21.16 -17.67
CA THR C 309 1.43 -21.32 -18.83
C THR C 309 2.24 -20.04 -19.02
N LYS C 310 3.29 -20.12 -19.82
CA LYS C 310 4.18 -18.99 -20.04
C LYS C 310 3.45 -17.85 -20.75
N GLU C 311 2.52 -18.19 -21.63
CA GLU C 311 1.77 -17.15 -22.35
C GLU C 311 0.65 -16.57 -21.50
N LEU C 312 0.06 -17.40 -20.64
CA LEU C 312 -0.97 -16.92 -19.73
C LEU C 312 -0.32 -16.01 -18.69
N ASP C 313 0.83 -16.42 -18.17
CA ASP C 313 1.61 -15.62 -17.23
C ASP C 313 1.91 -14.25 -17.82
N LYS C 314 2.45 -14.25 -19.03
CA LYS C 314 2.82 -13.02 -19.72
C LYS C 314 1.61 -12.12 -19.90
N LYS C 315 0.47 -12.72 -20.23
CA LYS C 315 -0.79 -11.99 -20.39
C LYS C 315 -1.27 -11.41 -19.06
N ILE C 316 -1.17 -12.20 -18.00
CA ILE C 316 -1.62 -11.79 -16.67
C ILE C 316 -0.86 -10.56 -16.18
N ILE C 317 0.47 -10.59 -16.29
CA ILE C 317 1.29 -9.46 -15.86
C ILE C 317 0.95 -8.19 -16.64
N GLU C 318 0.70 -8.36 -17.94
CA GLU C 318 0.33 -7.24 -18.79
C GLU C 318 -0.94 -6.54 -18.31
N LEU C 319 -1.98 -7.34 -18.07
CA LEU C 319 -3.25 -6.81 -17.58
C LEU C 319 -3.11 -6.21 -16.18
N TRP C 320 -2.42 -6.93 -15.30
CA TRP C 320 -2.20 -6.44 -13.95
C TRP C 320 -1.55 -5.06 -14.01
N GLU C 321 -0.51 -4.94 -14.83
CA GLU C 321 0.20 -3.69 -14.97
C GLU C 321 -0.72 -2.58 -15.48
N LYS C 322 -1.68 -2.95 -16.31
CA LYS C 322 -2.62 -1.99 -16.87
C LYS C 322 -3.62 -1.50 -15.81
N TYR C 323 -4.28 -2.44 -15.15
CA TYR C 323 -5.40 -2.13 -14.28
C TYR C 323 -4.97 -1.71 -12.87
N ILE C 324 -3.84 -2.25 -12.41
CA ILE C 324 -3.40 -2.05 -11.03
C ILE C 324 -2.02 -1.42 -10.98
N GLY C 325 -1.09 -1.95 -11.78
CA GLY C 325 0.28 -1.51 -11.77
C GLY C 325 1.15 -2.44 -10.94
N LEU C 326 2.43 -2.60 -11.31
CA LEU C 326 3.31 -3.52 -10.59
C LEU C 326 3.85 -2.90 -9.30
N LYS C 327 3.98 -1.57 -9.31
CA LYS C 327 4.35 -0.84 -8.10
C LYS C 327 3.20 -0.88 -7.10
N ILE C 328 3.53 -1.19 -5.84
CA ILE C 328 2.55 -1.18 -4.77
C ILE C 328 2.54 0.22 -4.20
N ILE C 329 1.42 0.92 -4.35
CA ILE C 329 1.36 2.33 -3.98
C ILE C 329 0.27 2.63 -2.96
N TYR C 330 0.47 3.69 -2.18
CA TYR C 330 -0.48 4.07 -1.14
C TYR C 330 -1.84 4.43 -1.72
N ASP C 331 -2.88 3.86 -1.12
CA ASP C 331 -4.26 4.09 -1.54
C ASP C 331 -5.02 4.41 -0.26
N SER C 332 -5.79 5.50 -0.24
CA SER C 332 -6.43 5.93 1.01
C SER C 332 -7.94 5.70 1.05
N ASP C 333 -8.46 4.92 0.10
CA ASP C 333 -9.86 4.52 0.17
C ASP C 333 -10.06 3.65 1.41
N THR C 334 -11.30 3.59 1.89
CA THR C 334 -11.59 2.74 3.05
C THR C 334 -11.30 1.30 2.69
N PHE C 335 -11.03 0.48 3.71
CA PHE C 335 -10.57 -0.88 3.50
C PHE C 335 -11.61 -1.77 2.81
N ASP C 336 -12.90 -1.50 3.06
CA ASP C 336 -13.96 -2.26 2.40
C ASP C 336 -14.09 -1.91 0.91
N ILE C 337 -13.82 -0.65 0.57
CA ILE C 337 -13.73 -0.24 -0.83
C ILE C 337 -12.55 -0.94 -1.48
N GLN C 338 -11.42 -0.95 -0.76
CA GLN C 338 -10.21 -1.58 -1.28
C GLN C 338 -10.41 -3.08 -1.49
N PHE C 339 -11.19 -3.69 -0.60
CA PHE C 339 -11.53 -5.11 -0.71
C PHE C 339 -12.17 -5.36 -2.07
N THR C 340 -13.21 -4.59 -2.36
CA THR C 340 -14.01 -4.75 -3.56
C THR C 340 -13.24 -4.44 -4.83
N SER C 341 -12.49 -3.34 -4.80
CA SER C 341 -11.76 -2.91 -5.98
C SER C 341 -10.70 -3.92 -6.42
N ARG C 342 -9.89 -4.39 -5.48
CA ARG C 342 -8.82 -5.34 -5.83
C ARG C 342 -9.41 -6.64 -6.37
N ARG C 343 -10.49 -7.11 -5.76
CA ARG C 343 -11.20 -8.28 -6.27
C ARG C 343 -11.87 -8.00 -7.64
N PHE C 344 -12.30 -6.76 -7.86
CA PHE C 344 -12.88 -6.39 -9.15
C PHE C 344 -11.89 -6.63 -10.26
N TYR C 345 -10.67 -6.14 -10.06
CA TYR C 345 -9.64 -6.26 -11.09
C TYR C 345 -9.07 -7.68 -11.21
N ILE C 346 -8.98 -8.39 -10.09
CA ILE C 346 -8.57 -9.79 -10.13
C ILE C 346 -9.55 -10.57 -11.01
N GLU C 347 -10.85 -10.35 -10.79
CA GLU C 347 -11.89 -11.03 -11.56
C GLU C 347 -11.85 -10.60 -13.02
N LYS C 348 -11.63 -9.31 -13.26
CA LYS C 348 -11.61 -8.76 -14.61
C LYS C 348 -10.51 -9.40 -15.42
N ILE C 349 -9.33 -9.53 -14.81
CA ILE C 349 -8.19 -10.11 -15.48
C ILE C 349 -8.38 -11.61 -15.76
N TYR C 350 -8.93 -12.35 -14.80
CA TYR C 350 -9.18 -13.77 -15.03
C TYR C 350 -10.14 -13.95 -16.21
N ASN C 351 -11.19 -13.15 -16.25
CA ASN C 351 -12.17 -13.27 -17.32
C ASN C 351 -11.63 -12.95 -18.71
N GLU C 352 -10.64 -12.08 -18.76
CA GLU C 352 -10.07 -11.62 -20.02
C GLU C 352 -9.14 -12.67 -20.61
N LEU C 353 -8.70 -13.61 -19.78
CA LEU C 353 -7.83 -14.68 -20.21
C LEU C 353 -8.61 -15.66 -21.09
N ASN C 354 -9.91 -15.77 -20.81
CA ASN C 354 -10.76 -16.69 -21.54
C ASN C 354 -10.26 -18.13 -21.40
N ILE C 355 -10.19 -18.61 -20.16
CA ILE C 355 -9.69 -19.94 -19.87
C ILE C 355 -10.68 -20.68 -18.98
N GLN E 7 33.37 -46.11 -9.42
CA GLN E 7 32.42 -47.18 -9.64
C GLN E 7 31.13 -46.64 -10.27
N ILE E 8 30.73 -47.23 -11.39
CA ILE E 8 29.57 -46.73 -12.13
C ILE E 8 28.60 -47.83 -12.60
N GLN E 9 27.31 -47.48 -12.69
CA GLN E 9 26.30 -48.41 -13.17
C GLN E 9 25.76 -48.02 -14.55
N HIS E 10 25.42 -49.03 -15.35
CA HIS E 10 24.89 -48.81 -16.69
C HIS E 10 23.41 -49.16 -16.75
N ILE E 11 22.59 -48.14 -16.97
CA ILE E 11 21.14 -48.30 -16.96
C ILE E 11 20.58 -48.16 -18.37
N ALA E 12 19.90 -49.19 -18.84
CA ALA E 12 19.22 -49.11 -20.14
C ALA E 12 17.95 -48.31 -20.01
N ILE E 13 17.73 -47.38 -20.94
CA ILE E 13 16.50 -46.62 -20.98
C ILE E 13 15.82 -46.86 -22.33
N VAL E 14 14.51 -47.09 -22.31
CA VAL E 14 13.79 -47.56 -23.49
C VAL E 14 12.53 -46.74 -23.72
N GLY E 15 12.23 -46.46 -24.98
CA GLY E 15 10.99 -45.77 -25.33
C GLY E 15 9.82 -46.73 -25.41
N SER E 16 8.97 -46.53 -26.41
CA SER E 16 7.78 -47.37 -26.60
C SER E 16 8.14 -48.80 -26.98
N VAL E 17 7.66 -49.75 -26.19
CA VAL E 17 7.97 -51.16 -26.40
C VAL E 17 6.97 -51.82 -27.36
N HIS E 18 5.71 -51.39 -27.29
CA HIS E 18 4.65 -51.90 -28.16
C HIS E 18 4.53 -53.43 -28.17
N GLY E 19 4.89 -54.06 -27.05
CA GLY E 19 4.79 -55.50 -26.93
C GLY E 19 5.91 -56.28 -27.59
N LYS E 20 6.98 -55.60 -27.97
CA LYS E 20 8.10 -56.26 -28.63
C LYS E 20 9.19 -56.62 -27.63
N TYR E 21 8.87 -57.50 -26.68
CA TYR E 21 9.75 -57.79 -25.55
C TYR E 21 10.97 -58.61 -25.93
N ARG E 22 10.78 -59.63 -26.76
CA ARG E 22 11.90 -60.45 -27.22
C ARG E 22 12.91 -59.60 -28.00
N GLU E 23 12.43 -58.74 -28.88
CA GLU E 23 13.31 -57.87 -29.65
C GLU E 23 14.07 -56.89 -28.75
N MET E 24 13.39 -56.32 -27.76
CA MET E 24 14.04 -55.41 -26.81
C MET E 24 15.17 -56.11 -26.06
N TYR E 25 14.88 -57.28 -25.52
CA TYR E 25 15.85 -57.99 -24.69
C TYR E 25 17.04 -58.47 -25.50
N ARG E 26 16.79 -58.91 -26.73
CA ARG E 26 17.87 -59.30 -27.62
C ARG E 26 18.81 -58.13 -27.83
N GLN E 27 18.24 -56.98 -28.14
CA GLN E 27 19.01 -55.77 -28.39
C GLN E 27 19.81 -55.34 -27.17
N LEU E 28 19.20 -55.48 -25.98
CA LEU E 28 19.91 -55.16 -24.75
C LEU E 28 21.07 -56.13 -24.55
N SER E 29 20.80 -57.42 -24.74
CA SER E 29 21.82 -58.45 -24.62
C SER E 29 23.01 -58.18 -25.54
N GLU E 30 22.71 -57.78 -26.78
CA GLU E 30 23.75 -57.45 -27.74
C GLU E 30 24.73 -56.42 -27.21
N TYR E 31 24.19 -55.35 -26.61
CA TYR E 31 25.00 -54.27 -26.05
C TYR E 31 25.99 -54.79 -25.01
N GLU E 32 25.52 -55.67 -24.13
CA GLU E 32 26.39 -56.24 -23.10
C GLU E 32 27.56 -57.00 -23.72
N LYS E 33 27.27 -57.83 -24.71
CA LYS E 33 28.31 -58.61 -25.39
C LYS E 33 29.23 -57.73 -26.23
N SER E 34 28.66 -56.73 -26.91
CA SER E 34 29.44 -55.87 -27.80
C SER E 34 30.33 -54.87 -27.05
N THR E 35 29.91 -54.48 -25.85
CA THR E 35 30.65 -53.48 -25.07
C THR E 35 31.41 -54.11 -23.90
N GLY E 36 30.97 -55.29 -23.45
CA GLY E 36 31.55 -55.91 -22.28
C GLY E 36 31.07 -55.21 -21.02
N LYS E 37 30.06 -54.36 -21.17
CA LYS E 37 29.48 -53.64 -20.05
C LYS E 37 28.31 -54.43 -19.48
N GLU E 38 28.07 -54.26 -18.19
CA GLU E 38 26.97 -54.93 -17.51
C GLU E 38 25.80 -53.98 -17.29
N ILE E 39 24.61 -54.40 -17.69
CA ILE E 39 23.39 -53.62 -17.47
C ILE E 39 22.85 -53.85 -16.06
N SER E 40 22.74 -52.79 -15.27
CA SER E 40 22.20 -52.91 -13.92
C SER E 40 20.72 -53.24 -13.96
N PHE E 41 19.97 -52.44 -14.70
CA PHE E 41 18.54 -52.67 -14.89
C PHE E 41 18.00 -51.85 -16.06
N VAL E 42 16.77 -52.14 -16.46
CA VAL E 42 16.14 -51.47 -17.59
C VAL E 42 14.97 -50.61 -17.14
N ILE E 43 14.85 -49.42 -17.74
CA ILE E 43 13.70 -48.55 -17.54
C ILE E 43 12.94 -48.38 -18.86
N CYS E 44 11.64 -48.67 -18.86
CA CYS E 44 10.81 -48.49 -20.04
C CYS E 44 9.78 -47.39 -19.82
N THR E 45 9.53 -46.59 -20.84
CA THR E 45 8.69 -45.41 -20.68
C THR E 45 7.27 -45.55 -21.25
N GLY E 46 6.81 -46.78 -21.46
CA GLY E 46 5.40 -46.99 -21.75
C GLY E 46 5.04 -47.69 -23.03
N ASP E 47 3.73 -47.78 -23.27
CA ASP E 47 3.14 -48.59 -24.34
C ASP E 47 3.62 -50.03 -24.22
N MET E 48 3.49 -50.56 -23.01
CA MET E 48 4.06 -51.87 -22.68
C MET E 48 3.16 -53.02 -23.11
N GLN E 49 1.86 -52.75 -23.23
CA GLN E 49 0.90 -53.74 -23.71
C GLN E 49 1.03 -55.07 -22.98
N THR E 50 0.85 -55.03 -21.66
CA THR E 50 1.01 -56.22 -20.83
C THR E 50 -0.26 -57.07 -20.82
N LEU E 51 -0.64 -57.55 -22.01
CA LEU E 51 -1.82 -58.39 -22.14
C LEU E 51 -1.54 -59.80 -21.66
N ARG E 52 -2.29 -60.24 -20.64
CA ARG E 52 -2.10 -61.57 -20.09
C ARG E 52 -2.61 -62.62 -21.07
N TYR E 53 -3.82 -62.38 -21.56
CA TYR E 53 -4.49 -63.31 -22.47
C TYR E 53 -5.42 -62.58 -23.45
N GLU E 54 -6.03 -63.35 -24.36
CA GLU E 54 -6.86 -62.80 -25.43
C GLU E 54 -7.96 -61.87 -24.92
N ALA E 55 -8.54 -62.19 -23.77
CA ALA E 55 -9.63 -61.39 -23.23
C ALA E 55 -9.16 -59.97 -22.86
N ASP E 56 -7.87 -59.82 -22.62
CA ASP E 56 -7.30 -58.51 -22.29
C ASP E 56 -7.24 -57.59 -23.51
N LEU E 57 -7.35 -58.16 -24.71
CA LEU E 57 -7.39 -57.36 -25.95
C LEU E 57 -8.48 -56.30 -25.89
N VAL E 58 -9.54 -56.62 -25.14
CA VAL E 58 -10.67 -55.73 -24.94
C VAL E 58 -10.25 -54.38 -24.31
N TYR E 59 -9.18 -54.40 -23.51
CA TYR E 59 -8.76 -53.22 -22.76
C TYR E 59 -7.63 -52.45 -23.42
N LEU E 60 -7.24 -52.89 -24.61
CA LEU E 60 -6.15 -52.27 -25.35
C LEU E 60 -6.70 -51.30 -26.39
N LYS E 61 -6.50 -50.00 -26.18
CA LYS E 61 -6.86 -49.05 -27.23
C LYS E 61 -5.76 -48.94 -28.27
N VAL E 62 -6.04 -49.45 -29.47
CA VAL E 62 -5.11 -49.35 -30.60
C VAL E 62 -5.92 -49.20 -31.88
N PRO E 63 -5.28 -48.67 -32.94
CA PRO E 63 -5.91 -48.83 -34.25
C PRO E 63 -5.98 -50.31 -34.58
N PRO E 64 -7.08 -50.75 -35.22
CA PRO E 64 -7.40 -52.16 -35.51
C PRO E 64 -6.19 -52.99 -35.97
N LYS E 65 -5.32 -52.42 -36.80
CA LYS E 65 -4.14 -53.15 -37.28
C LYS E 65 -3.12 -53.47 -36.17
N TYR E 66 -3.32 -52.86 -35.01
CA TYR E 66 -2.42 -53.10 -33.88
C TYR E 66 -3.10 -53.87 -32.74
N LYS E 67 -4.27 -54.42 -33.00
CA LYS E 67 -4.90 -55.36 -32.07
C LYS E 67 -4.17 -56.69 -32.11
N GLN E 68 -2.98 -56.72 -31.51
CA GLN E 68 -2.17 -57.93 -31.40
C GLN E 68 -1.87 -58.18 -29.93
N MET E 69 -1.61 -59.43 -29.59
CA MET E 69 -1.20 -59.81 -28.24
C MET E 69 0.22 -59.35 -27.93
N GLY E 70 1.10 -59.45 -28.93
CA GLY E 70 2.51 -59.14 -28.70
C GLY E 70 3.19 -60.24 -27.91
N ASP E 71 4.37 -59.93 -27.38
CA ASP E 71 5.21 -60.93 -26.71
C ASP E 71 4.94 -61.10 -25.21
N PHE E 72 4.24 -60.16 -24.59
CA PHE E 72 4.13 -60.15 -23.12
C PHE E 72 3.66 -61.48 -22.52
N HIS E 73 2.63 -62.07 -23.10
CA HIS E 73 2.06 -63.31 -22.56
C HIS E 73 3.11 -64.42 -22.42
N LEU E 74 4.13 -64.38 -23.28
CA LEU E 74 5.21 -65.36 -23.21
C LEU E 74 5.99 -65.27 -21.90
N TYR E 75 6.10 -64.05 -21.38
CA TYR E 75 6.79 -63.80 -20.11
C TYR E 75 5.82 -64.04 -18.96
N TYR E 76 4.55 -63.71 -19.20
CA TYR E 76 3.51 -63.94 -18.22
C TYR E 76 3.37 -65.43 -17.94
N GLU E 77 3.54 -66.25 -18.97
CA GLU E 77 3.44 -67.70 -18.84
C GLU E 77 4.74 -68.35 -18.37
N GLY E 78 5.86 -67.64 -18.53
CA GLY E 78 7.13 -68.19 -18.11
C GLY E 78 7.90 -68.86 -19.23
N LYS E 79 7.32 -68.87 -20.43
CA LYS E 79 8.00 -69.40 -21.61
C LYS E 79 9.27 -68.61 -21.86
N GLU E 80 9.16 -67.30 -21.73
CA GLU E 80 10.33 -66.44 -21.82
C GLU E 80 10.59 -65.82 -20.44
N LYS E 81 11.85 -65.51 -20.18
CA LYS E 81 12.21 -64.89 -18.91
C LYS E 81 13.00 -63.60 -19.14
N ALA E 82 12.50 -62.50 -18.61
CA ALA E 82 13.19 -61.23 -18.71
C ALA E 82 14.55 -61.30 -18.01
N PRO E 83 15.63 -61.05 -18.78
CA PRO E 83 17.00 -61.21 -18.31
C PRO E 83 17.48 -60.07 -17.41
N TYR E 84 16.72 -58.98 -17.33
CA TYR E 84 17.10 -57.86 -16.49
C TYR E 84 15.91 -57.38 -15.68
N LEU E 85 16.16 -56.84 -14.50
CA LEU E 85 15.12 -56.11 -13.78
C LEU E 85 14.63 -54.99 -14.70
N THR E 86 13.32 -54.95 -14.94
CA THR E 86 12.75 -53.99 -15.87
C THR E 86 11.64 -53.19 -15.20
N LEU E 87 11.91 -51.90 -15.01
CA LEU E 87 10.97 -50.99 -14.37
C LEU E 87 10.25 -50.17 -15.43
N PHE E 88 8.92 -50.10 -15.33
CA PHE E 88 8.19 -49.38 -16.37
C PHE E 88 6.98 -48.60 -15.86
N ILE E 89 6.58 -47.62 -16.65
CA ILE E 89 5.31 -46.92 -16.44
C ILE E 89 4.38 -47.22 -17.58
N GLY E 90 3.13 -46.80 -17.44
CA GLY E 90 2.15 -47.03 -18.48
C GLY E 90 2.19 -45.92 -19.52
N GLY E 91 1.79 -46.26 -20.73
CA GLY E 91 1.64 -45.27 -21.78
C GLY E 91 0.18 -45.21 -22.21
N ASN E 92 -0.04 -45.10 -23.52
CA ASN E 92 -1.41 -44.98 -24.05
C ASN E 92 -1.91 -46.26 -24.72
N HIS E 93 -1.00 -47.18 -25.02
CA HIS E 93 -1.38 -48.49 -25.52
C HIS E 93 -1.07 -49.54 -24.44
N GLU E 94 -2.06 -49.87 -23.63
CA GLU E 94 -1.85 -50.76 -22.50
C GLU E 94 -3.00 -51.73 -22.30
N SER E 95 -2.76 -52.77 -21.49
CA SER E 95 -3.85 -53.58 -20.99
C SER E 95 -4.35 -52.84 -19.75
N SER E 96 -5.09 -51.75 -19.98
CA SER E 96 -5.46 -50.80 -18.93
C SER E 96 -6.12 -51.42 -17.71
N ASN E 97 -6.75 -52.59 -17.89
CA ASN E 97 -7.33 -53.32 -16.76
C ASN E 97 -6.26 -53.81 -15.79
N VAL E 98 -5.22 -54.44 -16.34
CA VAL E 98 -4.10 -54.93 -15.56
C VAL E 98 -3.43 -53.81 -14.79
N LEU E 99 -3.30 -52.66 -15.43
CA LEU E 99 -2.61 -51.53 -14.82
C LEU E 99 -3.47 -50.91 -13.73
N LEU E 100 -4.80 -50.99 -13.91
CA LEU E 100 -5.71 -50.49 -12.90
C LEU E 100 -5.66 -51.34 -11.63
N HIS E 101 -5.57 -52.66 -11.82
CA HIS E 101 -5.44 -53.58 -10.71
C HIS E 101 -4.19 -53.22 -9.92
N LEU E 102 -3.12 -52.89 -10.66
CA LEU E 102 -1.84 -52.57 -10.08
C LEU E 102 -1.58 -51.06 -9.98
N TYR E 103 -2.62 -50.26 -9.74
CA TYR E 103 -2.44 -48.80 -9.65
C TYR E 103 -1.48 -48.41 -8.53
N ASN E 104 -1.36 -49.27 -7.51
CA ASN E 104 -0.35 -49.05 -6.48
C ASN E 104 0.96 -49.75 -6.82
N GLY E 105 1.17 -50.01 -8.12
CA GLY E 105 2.40 -50.64 -8.55
C GLY E 105 2.39 -52.13 -8.34
N GLY E 106 3.31 -52.84 -8.98
CA GLY E 106 3.38 -54.29 -8.82
C GLY E 106 4.07 -55.00 -9.97
N PHE E 107 4.49 -56.23 -9.72
CA PHE E 107 5.06 -57.07 -10.78
C PHE E 107 3.94 -57.66 -11.62
N VAL E 108 4.03 -57.45 -12.93
CA VAL E 108 3.10 -58.06 -13.88
C VAL E 108 3.60 -59.44 -14.27
N CYS E 109 4.89 -59.68 -14.04
CA CYS E 109 5.53 -60.98 -14.27
C CYS E 109 6.95 -60.83 -13.75
N PHE E 110 7.69 -61.93 -13.67
CA PHE E 110 9.05 -61.89 -13.15
C PHE E 110 9.92 -60.83 -13.80
N ASN E 111 10.69 -60.12 -12.98
CA ASN E 111 11.62 -59.08 -13.44
C ASN E 111 11.00 -57.86 -14.14
N MET E 112 9.67 -57.79 -14.20
CA MET E 112 8.99 -56.65 -14.79
C MET E 112 8.07 -56.00 -13.76
N TYR E 113 8.49 -54.83 -13.25
CA TYR E 113 7.75 -54.11 -12.22
C TYR E 113 7.08 -52.83 -12.73
N TYR E 114 5.76 -52.77 -12.59
CA TYR E 114 5.00 -51.57 -12.93
C TYR E 114 4.97 -50.57 -11.78
N LEU E 115 5.32 -49.32 -12.06
CA LEU E 115 5.41 -48.30 -11.01
C LEU E 115 4.04 -47.79 -10.57
N GLY E 116 2.97 -48.26 -11.22
CA GLY E 116 1.64 -47.81 -10.85
C GLY E 116 1.25 -46.53 -11.58
N VAL E 117 0.10 -45.97 -11.21
CA VAL E 117 -0.34 -44.67 -11.73
C VAL E 117 0.78 -43.65 -11.60
N CYS E 118 1.38 -43.61 -10.41
CA CYS E 118 2.58 -42.83 -10.16
C CYS E 118 3.20 -43.36 -8.86
N SER E 119 4.51 -43.26 -8.74
CA SER E 119 5.20 -43.61 -7.49
C SER E 119 6.66 -43.20 -7.55
N CYS E 120 7.38 -43.45 -6.46
CA CYS E 120 8.82 -43.27 -6.44
C CYS E 120 9.43 -44.55 -5.89
N ILE E 121 10.52 -45.01 -6.50
CA ILE E 121 11.20 -46.19 -5.99
C ILE E 121 12.67 -45.88 -5.69
N ASN E 122 13.35 -46.81 -5.03
CA ASN E 122 14.77 -46.69 -4.80
C ASN E 122 15.49 -47.89 -5.38
N ILE E 123 16.66 -47.66 -5.95
CA ILE E 123 17.51 -48.75 -6.44
C ILE E 123 18.90 -48.22 -6.69
N ASN E 124 19.91 -48.92 -6.20
CA ASN E 124 21.31 -48.50 -6.30
C ASN E 124 21.54 -47.05 -5.88
N GLY E 125 20.85 -46.61 -4.83
CA GLY E 125 21.06 -45.26 -4.32
C GLY E 125 20.49 -44.20 -5.23
N LEU E 126 19.61 -44.62 -6.11
CA LEU E 126 18.90 -43.70 -6.99
C LEU E 126 17.46 -43.61 -6.53
N ARG E 127 16.85 -42.45 -6.73
CA ARG E 127 15.43 -42.31 -6.48
C ARG E 127 14.78 -42.05 -7.83
N ILE E 128 13.79 -42.88 -8.18
CA ILE E 128 13.19 -42.84 -9.50
C ILE E 128 11.68 -42.63 -9.42
N VAL E 129 11.21 -41.55 -10.03
CA VAL E 129 9.78 -41.23 -10.07
C VAL E 129 9.16 -41.65 -11.40
N GLY E 130 7.94 -42.18 -11.37
CA GLY E 130 7.25 -42.51 -12.61
C GLY E 130 5.90 -41.85 -12.71
N VAL E 131 5.55 -41.38 -13.90
CA VAL E 131 4.20 -40.84 -14.16
C VAL E 131 3.59 -41.53 -15.37
N SER E 132 2.53 -42.31 -15.15
CA SER E 132 1.96 -43.10 -16.24
C SER E 132 0.91 -42.35 -17.07
N GLY E 133 0.76 -42.80 -18.31
CA GLY E 133 -0.31 -42.31 -19.17
C GLY E 133 0.02 -41.14 -20.06
N ILE E 134 -0.96 -40.72 -20.85
CA ILE E 134 -0.82 -39.49 -21.63
C ILE E 134 -1.92 -38.51 -21.25
N TYR E 135 -1.69 -37.23 -21.55
CA TYR E 135 -2.59 -36.17 -21.14
C TYR E 135 -3.73 -35.93 -22.13
N LYS E 136 -4.95 -35.93 -21.60
CA LYS E 136 -6.13 -35.43 -22.32
C LYS E 136 -6.93 -34.60 -21.31
N SER E 137 -7.20 -33.35 -21.64
CA SER E 137 -7.81 -32.41 -20.70
C SER E 137 -9.22 -32.83 -20.25
N PHE E 138 -9.92 -33.57 -21.10
CA PHE E 138 -11.30 -33.93 -20.80
C PHE E 138 -11.43 -35.10 -19.82
N ASP E 139 -10.32 -35.77 -19.52
CA ASP E 139 -10.34 -36.90 -18.60
C ASP E 139 -9.50 -36.65 -17.35
N GLU E 140 -8.83 -35.50 -17.27
CA GLU E 140 -7.83 -35.27 -16.23
C GLU E 140 -8.39 -35.09 -14.82
N LYS E 141 -9.70 -34.87 -14.74
CA LYS E 141 -10.36 -34.66 -13.46
C LYS E 141 -11.19 -35.88 -13.09
N LYS E 142 -11.27 -36.83 -14.01
CA LYS E 142 -12.07 -38.03 -13.81
C LYS E 142 -11.44 -38.93 -12.75
N PRO E 143 -12.26 -39.61 -11.93
CA PRO E 143 -11.69 -40.61 -11.04
C PRO E 143 -11.63 -41.94 -11.77
N TYR E 144 -10.95 -42.93 -11.17
CA TYR E 144 -10.99 -44.28 -11.71
C TYR E 144 -12.18 -45.01 -11.13
N THR E 145 -12.80 -45.87 -11.93
CA THR E 145 -13.87 -46.71 -11.44
C THR E 145 -13.40 -48.16 -11.42
N TYR E 146 -13.72 -48.86 -10.33
CA TYR E 146 -13.27 -50.23 -10.14
C TYR E 146 -14.45 -51.12 -9.78
N PRO E 147 -14.50 -52.35 -10.32
CA PRO E 147 -13.51 -53.02 -11.18
C PRO E 147 -13.53 -52.44 -12.58
N PRO E 148 -12.48 -52.66 -13.38
CA PRO E 148 -12.45 -52.10 -14.74
C PRO E 148 -13.63 -52.52 -15.61
N SER E 149 -14.19 -51.57 -16.36
CA SER E 149 -15.26 -51.85 -17.32
C SER E 149 -14.75 -51.68 -18.74
N PRO E 150 -15.19 -52.56 -19.66
CA PRO E 150 -14.80 -52.50 -21.08
C PRO E 150 -15.17 -51.17 -21.76
N ASN E 151 -15.91 -50.31 -21.08
CA ASN E 151 -16.25 -49.00 -21.63
C ASN E 151 -15.22 -47.94 -21.24
N ASP E 152 -14.26 -48.34 -20.40
CA ASP E 152 -13.26 -47.41 -19.89
C ASP E 152 -11.94 -47.56 -20.64
N VAL E 153 -11.96 -48.32 -21.74
CA VAL E 153 -10.77 -48.58 -22.52
C VAL E 153 -10.18 -47.31 -23.12
N VAL E 154 -11.00 -46.29 -23.31
CA VAL E 154 -10.55 -45.05 -23.94
C VAL E 154 -10.11 -44.00 -22.92
N SER E 155 -10.49 -44.20 -21.66
CA SER E 155 -10.23 -43.21 -20.61
C SER E 155 -9.12 -43.60 -19.63
N LEU E 156 -8.98 -44.90 -19.37
CA LEU E 156 -8.12 -45.40 -18.28
C LEU E 156 -6.66 -44.92 -18.32
N PHE E 157 -6.11 -44.78 -19.52
CA PHE E 157 -4.70 -44.44 -19.69
C PHE E 157 -4.43 -42.94 -19.72
N HIS E 158 -5.46 -42.15 -19.47
CA HIS E 158 -5.31 -40.71 -19.43
C HIS E 158 -4.85 -40.25 -18.06
N THR E 159 -3.73 -39.52 -18.04
CA THR E 159 -3.13 -39.05 -16.81
C THR E 159 -4.09 -38.13 -16.06
N ARG E 160 -4.28 -38.38 -14.77
CA ARG E 160 -5.16 -37.55 -13.93
C ARG E 160 -4.35 -36.44 -13.26
N ASN E 161 -4.98 -35.27 -13.09
CA ASN E 161 -4.31 -34.10 -12.51
C ASN E 161 -3.82 -34.31 -11.08
N TYR E 162 -4.48 -35.18 -10.31
CA TYR E 162 -4.16 -35.33 -8.89
C TYR E 162 -2.74 -35.85 -8.65
N VAL E 163 -2.16 -36.52 -9.66
CA VAL E 163 -0.83 -37.10 -9.51
C VAL E 163 0.21 -36.04 -9.19
N ILE E 164 -0.06 -34.80 -9.60
CA ILE E 164 0.82 -33.67 -9.28
C ILE E 164 0.94 -33.51 -7.77
N GLN E 165 -0.19 -33.51 -7.07
CA GLN E 165 -0.18 -33.40 -5.61
C GLN E 165 0.46 -34.62 -4.95
N MET E 166 0.34 -35.78 -5.61
CA MET E 166 0.86 -37.03 -5.05
C MET E 166 2.39 -37.02 -5.07
N LEU E 167 2.96 -36.34 -6.06
CA LEU E 167 4.40 -36.39 -6.32
C LEU E 167 5.18 -35.14 -5.89
N SER E 168 4.48 -34.02 -5.68
CA SER E 168 5.15 -32.71 -5.57
C SER E 168 6.20 -32.57 -4.46
N ASN E 169 6.02 -33.27 -3.34
CA ASN E 169 6.93 -33.09 -2.19
C ASN E 169 8.16 -33.99 -2.22
N LEU E 170 8.24 -34.86 -3.23
CA LEU E 170 9.22 -35.93 -3.26
C LEU E 170 10.69 -35.50 -3.38
N SER E 171 10.94 -34.26 -3.79
CA SER E 171 12.32 -33.76 -3.86
C SER E 171 12.73 -32.97 -2.61
N GLN E 172 11.85 -32.89 -1.62
CA GLN E 172 12.15 -32.13 -0.41
C GLN E 172 13.30 -32.72 0.41
N SER E 173 13.28 -34.03 0.62
CA SER E 173 14.32 -34.68 1.43
C SER E 173 15.62 -34.82 0.66
N SER E 174 15.51 -35.13 -0.63
CA SER E 174 16.68 -35.20 -1.50
C SER E 174 16.26 -35.13 -2.96
N GLN E 175 17.24 -34.90 -3.83
CA GLN E 175 17.00 -34.72 -5.25
C GLN E 175 16.57 -36.02 -5.94
N ILE E 176 15.50 -35.96 -6.72
CA ILE E 176 15.09 -37.09 -7.56
C ILE E 176 16.09 -37.28 -8.69
N ASP E 177 16.62 -38.49 -8.83
CA ASP E 177 17.61 -38.75 -9.86
C ASP E 177 16.96 -38.82 -11.24
N ILE E 178 15.95 -39.66 -11.38
CA ILE E 178 15.31 -39.90 -12.66
C ILE E 178 13.78 -39.83 -12.54
N SER E 179 13.14 -39.14 -13.47
CA SER E 179 11.68 -39.19 -13.57
C SER E 179 11.28 -39.71 -14.96
N LEU E 180 10.26 -40.57 -15.01
CA LEU E 180 9.79 -41.11 -16.28
C LEU E 180 8.37 -40.67 -16.57
N SER E 181 8.11 -40.35 -17.84
CA SER E 181 6.73 -40.11 -18.30
C SER E 181 6.56 -40.74 -19.68
N HIS E 182 5.33 -40.90 -20.15
CA HIS E 182 5.18 -41.42 -21.49
C HIS E 182 5.25 -40.27 -22.49
N ASP E 183 4.26 -39.38 -22.44
CA ASP E 183 4.32 -38.16 -23.27
C ASP E 183 5.25 -37.10 -22.66
N TRP E 184 5.77 -36.22 -23.50
CA TRP E 184 6.74 -35.20 -23.07
C TRP E 184 6.16 -34.22 -22.07
N PRO E 185 7.00 -33.65 -21.19
CA PRO E 185 6.57 -32.49 -20.42
C PRO E 185 6.25 -31.36 -21.41
N GLN E 186 5.10 -30.72 -21.24
CA GLN E 186 4.68 -29.69 -22.18
C GLN E 186 5.73 -28.57 -22.26
N GLY E 187 6.13 -28.23 -23.48
CA GLY E 187 7.05 -27.12 -23.67
C GLY E 187 8.51 -27.50 -23.73
N ILE E 188 8.84 -28.71 -23.29
CA ILE E 188 10.24 -29.12 -23.24
C ILE E 188 10.83 -29.21 -24.64
N VAL E 189 9.96 -29.33 -25.65
CA VAL E 189 10.41 -29.45 -27.03
C VAL E 189 11.26 -28.24 -27.47
N MET E 190 10.99 -27.08 -26.87
CA MET E 190 11.66 -25.85 -27.26
C MET E 190 13.04 -25.68 -26.62
N LYS E 191 13.41 -26.60 -25.74
CA LYS E 191 14.65 -26.48 -24.99
C LYS E 191 15.82 -27.27 -25.59
N GLY E 192 15.58 -27.93 -26.71
CA GLY E 192 16.63 -28.63 -27.42
C GLY E 192 16.79 -28.05 -28.80
N ASN E 193 17.33 -28.84 -29.73
CA ASN E 193 17.46 -28.41 -31.11
C ASN E 193 16.19 -28.77 -31.87
N TYR E 194 15.17 -27.94 -31.71
CA TYR E 194 13.86 -28.21 -32.29
C TYR E 194 13.87 -28.13 -33.81
N LYS E 195 14.73 -27.27 -34.36
CA LYS E 195 14.90 -27.18 -35.81
C LYS E 195 15.34 -28.52 -36.40
N GLN E 196 16.31 -29.14 -35.76
CA GLN E 196 16.80 -30.45 -36.18
C GLN E 196 15.67 -31.48 -36.04
N LEU E 197 14.91 -31.35 -34.96
CA LEU E 197 13.79 -32.26 -34.68
C LEU E 197 12.68 -32.14 -35.72
N TYR E 198 12.37 -30.91 -36.11
CA TYR E 198 11.29 -30.66 -37.06
C TYR E 198 11.62 -31.13 -38.47
N ARG E 199 12.89 -31.12 -38.82
CA ARG E 199 13.29 -31.60 -40.15
C ARG E 199 13.07 -33.11 -40.29
N PHE E 200 13.32 -33.86 -39.22
CA PHE E 200 13.14 -35.31 -39.22
C PHE E 200 11.71 -35.69 -38.83
N GLN E 201 11.06 -34.82 -38.05
CA GLN E 201 9.67 -35.04 -37.66
C GLN E 201 8.85 -33.76 -37.82
N PRO E 202 8.49 -33.41 -39.06
CA PRO E 202 7.74 -32.17 -39.31
C PRO E 202 6.33 -32.21 -38.72
N GLY E 203 5.83 -33.39 -38.39
CA GLY E 203 4.51 -33.51 -37.79
C GLY E 203 4.45 -32.92 -36.39
N PHE E 204 5.60 -32.79 -35.75
CA PHE E 204 5.67 -32.32 -34.37
C PHE E 204 5.54 -30.81 -34.27
N LYS E 205 5.85 -30.13 -35.38
CA LYS E 205 5.83 -28.68 -35.40
C LYS E 205 4.41 -28.14 -35.31
N LYS E 206 3.43 -29.00 -35.62
CA LYS E 206 2.02 -28.61 -35.59
C LYS E 206 1.56 -28.10 -34.21
N ASP E 207 2.04 -28.73 -33.15
CA ASP E 207 1.62 -28.35 -31.80
C ASP E 207 2.50 -27.26 -31.22
N GLY E 208 3.63 -27.01 -31.86
CA GLY E 208 4.57 -26.00 -31.39
C GLY E 208 5.04 -26.24 -29.96
N ALA E 209 5.05 -25.18 -29.16
CA ALA E 209 5.51 -25.25 -27.79
C ALA E 209 4.51 -25.93 -26.85
N SER E 210 3.27 -26.06 -27.30
CA SER E 210 2.22 -26.65 -26.46
C SER E 210 2.19 -28.18 -26.59
N LEU E 211 3.17 -28.71 -27.32
CA LEU E 211 3.33 -30.16 -27.45
C LEU E 211 3.66 -30.78 -26.11
N GLY E 212 2.92 -31.81 -25.71
CA GLY E 212 3.25 -32.58 -24.52
C GLY E 212 2.26 -32.43 -23.39
N SER E 213 2.65 -32.87 -22.20
CA SER E 213 1.76 -32.93 -21.05
C SER E 213 2.03 -31.81 -20.06
N PRO E 214 0.99 -31.01 -19.77
CA PRO E 214 1.09 -29.94 -18.77
C PRO E 214 1.23 -30.53 -17.36
N ILE E 215 0.65 -31.71 -17.15
CA ILE E 215 0.84 -32.41 -15.88
C ILE E 215 2.31 -32.77 -15.67
N ASN E 216 2.91 -33.35 -16.70
CA ASN E 216 4.34 -33.67 -16.63
C ASN E 216 5.22 -32.43 -16.55
N LYS E 217 4.76 -31.32 -17.13
CA LYS E 217 5.52 -30.08 -17.09
C LYS E 217 5.58 -29.55 -15.67
N VAL E 218 4.44 -29.55 -15.00
CA VAL E 218 4.36 -29.12 -13.60
C VAL E 218 5.25 -29.99 -12.72
N ILE E 219 5.18 -31.31 -12.91
CA ILE E 219 5.97 -32.24 -12.10
C ILE E 219 7.45 -32.00 -12.35
N LEU E 220 7.82 -31.76 -13.61
CA LEU E 220 9.21 -31.49 -13.94
C LEU E 220 9.73 -30.24 -13.24
N ASN E 221 8.95 -29.17 -13.28
CA ASN E 221 9.34 -27.90 -12.67
C ASN E 221 9.35 -27.97 -11.15
N THR E 222 8.53 -28.86 -10.61
CA THR E 222 8.43 -29.01 -9.16
C THR E 222 9.58 -29.87 -8.64
N LEU E 223 9.72 -31.05 -9.23
CA LEU E 223 10.70 -32.01 -8.76
C LEU E 223 12.12 -31.66 -9.21
N LYS E 224 12.23 -31.02 -10.37
CA LYS E 224 13.53 -30.67 -10.95
C LYS E 224 14.57 -31.81 -10.90
N PRO E 225 14.21 -33.00 -11.42
CA PRO E 225 15.09 -34.16 -11.31
C PRO E 225 16.35 -34.02 -12.16
N LYS E 226 17.34 -34.90 -11.97
CA LYS E 226 18.57 -34.86 -12.76
C LYS E 226 18.31 -35.25 -14.21
N TYR E 227 17.37 -36.18 -14.39
CA TYR E 227 16.97 -36.62 -15.72
C TYR E 227 15.46 -36.75 -15.81
N TRP E 228 14.91 -36.43 -16.97
CA TRP E 228 13.52 -36.74 -17.28
C TRP E 228 13.49 -37.48 -18.61
N ILE E 229 12.92 -38.68 -18.59
CA ILE E 229 12.94 -39.55 -19.75
C ILE E 229 11.51 -39.84 -20.21
N SER E 230 11.26 -39.70 -21.51
CA SER E 230 9.93 -39.95 -22.08
C SER E 230 9.99 -40.80 -23.35
N GLY E 231 8.90 -41.46 -23.66
N GLY E 231 8.86 -41.39 -23.74
CA GLY E 231 8.82 -42.14 -24.93
CA GLY E 231 8.83 -42.36 -24.83
C GLY E 231 7.83 -41.37 -25.77
C GLY E 231 7.79 -42.31 -25.96
N HIS E 232 6.58 -41.82 -25.68
CA HIS E 232 5.53 -41.54 -26.68
C HIS E 232 5.88 -41.15 -28.14
N MET E 233 6.91 -40.33 -28.32
CA MET E 233 7.06 -39.57 -29.58
C MET E 233 7.81 -40.18 -30.77
N HIS E 234 8.38 -41.38 -30.64
CA HIS E 234 9.05 -42.07 -31.75
C HIS E 234 10.30 -41.36 -32.25
N CYS E 235 11.08 -40.76 -31.37
CA CYS E 235 12.29 -40.08 -31.82
C CYS E 235 13.33 -39.98 -30.72
N GLU E 236 14.58 -39.76 -31.14
CA GLU E 236 15.65 -39.42 -30.21
C GLU E 236 15.73 -37.90 -30.08
N TYR E 237 15.71 -37.41 -28.85
CA TYR E 237 15.77 -35.97 -28.61
C TYR E 237 16.42 -35.68 -27.26
N HIS E 238 17.09 -34.54 -27.18
CA HIS E 238 17.77 -34.15 -25.95
C HIS E 238 17.50 -32.68 -25.70
N ALA E 239 17.30 -32.32 -24.44
CA ALA E 239 17.05 -30.93 -24.08
C ALA E 239 17.44 -30.70 -22.63
N GLU E 240 17.63 -29.44 -22.27
CA GLU E 240 17.98 -29.08 -20.91
C GLU E 240 16.97 -28.07 -20.37
N GLU E 241 16.44 -28.35 -19.18
CA GLU E 241 15.49 -27.44 -18.53
C GLU E 241 16.00 -27.17 -17.12
N GLY E 242 16.81 -26.13 -16.96
CA GLY E 242 17.48 -25.92 -15.70
C GLY E 242 18.41 -27.07 -15.42
N PRO E 243 18.37 -27.61 -14.20
CA PRO E 243 19.25 -28.71 -13.78
C PRO E 243 18.80 -30.07 -14.32
N THR E 244 17.78 -30.10 -15.17
CA THR E 244 17.22 -31.36 -15.68
C THR E 244 17.65 -31.69 -17.12
N HIS E 245 18.19 -32.89 -17.31
CA HIS E 245 18.52 -33.39 -18.64
C HIS E 245 17.33 -34.17 -19.17
N PHE E 246 16.63 -33.62 -20.17
CA PHE E 246 15.53 -34.35 -20.79
C PHE E 246 16.03 -35.25 -21.91
N ILE E 247 15.54 -36.48 -21.91
CA ILE E 247 15.89 -37.45 -22.94
C ILE E 247 14.62 -38.13 -23.47
N ALA E 248 14.41 -38.05 -24.79
CA ALA E 248 13.28 -38.72 -25.44
C ALA E 248 13.76 -39.92 -26.25
N LEU E 249 12.95 -40.98 -26.28
CA LEU E 249 13.37 -42.25 -26.89
C LEU E 249 12.34 -42.75 -27.91
N GLY E 250 12.82 -43.51 -28.89
CA GLY E 250 11.96 -43.98 -29.97
C GLY E 250 11.23 -45.27 -29.62
N LYS E 251 10.73 -45.97 -30.64
CA LYS E 251 9.97 -47.18 -30.42
C LYS E 251 10.80 -48.41 -30.81
N ILE E 252 10.60 -49.50 -30.08
CA ILE E 252 11.39 -50.73 -30.30
C ILE E 252 11.27 -51.21 -31.74
N GLY E 253 12.39 -51.55 -32.36
CA GLY E 253 12.41 -51.92 -33.76
C GLY E 253 13.16 -50.88 -34.57
N TYR E 254 13.54 -49.80 -33.92
CA TYR E 254 14.28 -48.70 -34.55
C TYR E 254 15.47 -48.34 -33.66
N LYS E 255 16.52 -47.78 -34.25
CA LYS E 255 17.81 -47.64 -33.54
C LYS E 255 17.88 -46.52 -32.50
N ASN E 256 16.83 -45.71 -32.41
CA ASN E 256 16.77 -44.65 -31.39
C ASN E 256 15.87 -45.04 -30.22
N ALA E 257 15.52 -46.32 -30.15
CA ALA E 257 14.62 -46.84 -29.12
C ALA E 257 15.30 -47.03 -27.76
N ILE E 258 16.59 -47.34 -27.79
CA ILE E 258 17.33 -47.66 -26.57
C ILE E 258 18.58 -46.81 -26.41
N SER E 259 18.80 -46.30 -25.20
CA SER E 259 20.01 -45.56 -24.87
C SER E 259 20.52 -46.08 -23.53
N TYR E 260 21.61 -45.51 -23.02
CA TYR E 260 22.18 -46.00 -21.78
C TYR E 260 22.68 -44.86 -20.90
N LEU E 261 22.15 -44.75 -19.68
CA LEU E 261 22.66 -43.78 -18.72
C LEU E 261 23.81 -44.39 -17.94
N ASP E 262 24.95 -43.74 -17.98
CA ASP E 262 26.10 -44.18 -17.21
C ASP E 262 26.17 -43.33 -15.93
N LEU E 263 25.82 -43.94 -14.81
CA LEU E 263 25.63 -43.23 -13.55
C LEU E 263 26.57 -43.74 -12.44
N PRO E 264 27.08 -42.83 -11.60
CA PRO E 264 27.89 -43.20 -10.44
C PRO E 264 27.16 -44.22 -9.59
N LEU E 265 27.87 -45.27 -9.19
CA LEU E 265 27.31 -46.30 -8.33
C LEU E 265 27.94 -46.25 -6.94
N LYS E 266 27.20 -45.71 -5.97
CA LYS E 266 27.70 -45.57 -4.61
C LYS E 266 27.42 -46.83 -3.80
N GLN E 267 26.16 -47.24 -3.79
CA GLN E 267 25.72 -48.43 -3.10
C GLN E 267 24.91 -49.28 -4.06
N LYS E 268 25.22 -50.57 -4.13
CA LYS E 268 24.41 -51.49 -4.89
C LYS E 268 23.29 -52.02 -4.00
N THR E 269 22.08 -51.54 -4.22
CA THR E 269 20.94 -51.90 -3.37
C THR E 269 19.78 -52.40 -4.20
N ASP E 270 19.01 -53.34 -3.66
CA ASP E 270 17.89 -53.92 -4.36
C ASP E 270 16.75 -52.92 -4.50
N LEU E 271 15.83 -53.21 -5.41
CA LEU E 271 14.65 -52.41 -5.65
C LEU E 271 13.84 -52.24 -4.36
N GLU E 272 13.61 -50.99 -3.97
CA GLU E 272 12.92 -50.71 -2.72
C GLU E 272 11.84 -49.66 -2.92
N TYR E 273 10.80 -49.71 -2.10
CA TYR E 273 9.82 -48.63 -2.03
C TYR E 273 10.51 -47.37 -1.51
N ASP E 274 10.25 -46.22 -2.11
CA ASP E 274 10.80 -44.97 -1.59
C ASP E 274 10.05 -44.57 -0.30
N LYS E 275 10.79 -44.21 0.74
CA LYS E 275 10.18 -43.92 2.04
C LYS E 275 9.24 -42.72 2.01
N ASP E 276 9.66 -41.65 1.35
CA ASP E 276 8.79 -40.49 1.18
C ASP E 276 7.54 -40.87 0.40
N TRP E 277 7.71 -41.64 -0.67
CA TRP E 277 6.54 -42.06 -1.43
C TRP E 277 5.59 -42.88 -0.56
N VAL E 278 6.15 -43.82 0.20
CA VAL E 278 5.33 -44.65 1.09
C VAL E 278 4.49 -43.80 2.02
N CYS E 279 5.14 -42.80 2.62
CA CYS E 279 4.44 -41.90 3.54
C CYS E 279 3.28 -41.17 2.87
N ASN E 280 3.52 -40.67 1.65
CA ASN E 280 2.45 -40.04 0.88
C ASN E 280 1.31 -41.00 0.60
N LEU E 281 1.66 -42.24 0.28
CA LEU E 281 0.66 -43.27 -0.02
C LEU E 281 -0.23 -43.51 1.20
N ILE E 282 0.38 -43.65 2.37
CA ILE E 282 -0.38 -43.92 3.58
C ILE E 282 -1.28 -42.74 3.94
N MET E 283 -0.68 -41.55 3.97
CA MET E 283 -1.40 -40.37 4.43
C MET E 283 -2.57 -39.94 3.55
N THR E 284 -2.63 -40.44 2.32
CA THR E 284 -3.71 -40.07 1.41
C THR E 284 -4.77 -41.14 1.35
N TRP E 285 -4.59 -42.21 2.13
CA TRP E 285 -5.56 -43.30 2.12
C TRP E 285 -7.05 -42.88 2.19
N PRO E 286 -7.39 -41.85 2.98
CA PRO E 286 -8.83 -41.50 3.03
C PRO E 286 -9.38 -41.12 1.65
N ALA E 287 -8.54 -40.53 0.80
CA ALA E 287 -8.97 -40.14 -0.53
C ALA E 287 -9.18 -41.35 -1.45
N PHE E 288 -8.65 -42.49 -1.05
CA PHE E 288 -8.70 -43.70 -1.87
C PHE E 288 -9.49 -44.83 -1.19
N SER E 289 -10.17 -44.52 -0.10
CA SER E 289 -10.84 -45.53 0.72
C SER E 289 -12.00 -46.26 0.03
N ASN E 290 -12.65 -45.59 -0.92
CA ASN E 290 -13.73 -46.21 -1.69
C ASN E 290 -13.16 -46.99 -2.88
N LYS E 291 -13.22 -48.31 -2.81
CA LYS E 291 -12.62 -49.16 -3.83
C LYS E 291 -13.28 -49.01 -5.21
N ALA E 292 -14.53 -48.56 -5.24
CA ALA E 292 -15.29 -48.49 -6.49
C ALA E 292 -15.05 -47.20 -7.28
N GLN E 293 -14.65 -46.13 -6.57
CA GLN E 293 -14.35 -44.86 -7.21
C GLN E 293 -13.31 -44.08 -6.42
N PHE E 294 -12.13 -43.93 -7.00
CA PHE E 294 -11.01 -43.24 -6.35
C PHE E 294 -10.17 -42.48 -7.38
N PRO E 295 -9.55 -41.36 -6.98
CA PRO E 295 -9.63 -40.80 -5.62
C PRO E 295 -10.95 -40.09 -5.39
N ASP E 296 -11.36 -40.02 -4.13
CA ASP E 296 -12.51 -39.21 -3.76
C ASP E 296 -12.00 -37.78 -3.55
N LEU E 297 -12.10 -36.95 -4.58
CA LEU E 297 -11.51 -35.61 -4.51
C LEU E 297 -12.35 -34.60 -3.74
N SER E 298 -13.38 -35.07 -3.06
CA SER E 298 -14.03 -34.25 -2.03
C SER E 298 -12.97 -33.95 -0.98
N TYR E 299 -12.09 -34.92 -0.74
CA TYR E 299 -10.88 -34.68 0.05
C TYR E 299 -9.90 -33.86 -0.77
N SER E 300 -9.06 -33.08 -0.11
CA SER E 300 -7.95 -32.43 -0.78
C SER E 300 -6.69 -33.25 -0.53
N ILE E 301 -6.05 -33.69 -1.62
CA ILE E 301 -4.83 -34.49 -1.51
C ILE E 301 -3.75 -33.73 -0.77
N SER E 302 -3.48 -32.50 -1.21
CA SER E 302 -2.46 -31.67 -0.62
CA SER E 302 -2.45 -31.69 -0.60
C SER E 302 -2.70 -31.47 0.88
N GLU E 303 -3.98 -31.39 1.26
CA GLU E 303 -4.35 -31.21 2.65
C GLU E 303 -3.97 -32.45 3.47
N LEU E 304 -4.24 -33.62 2.91
CA LEU E 304 -3.89 -34.88 3.55
C LEU E 304 -2.38 -34.98 3.78
N LEU E 305 -1.61 -34.57 2.78
CA LEU E 305 -0.16 -34.64 2.86
C LEU E 305 0.48 -33.63 3.82
N SER E 306 -0.27 -32.61 4.20
CA SER E 306 0.26 -31.59 5.11
C SER E 306 0.40 -32.13 6.53
N LYS E 307 -0.14 -33.32 6.78
CA LYS E 307 -0.13 -33.88 8.12
C LYS E 307 1.08 -34.75 8.41
N ARG E 308 1.95 -34.90 7.41
CA ARG E 308 3.18 -35.66 7.60
C ARG E 308 4.10 -35.01 8.64
N THR E 309 4.52 -35.78 9.63
CA THR E 309 5.54 -35.32 10.58
C THR E 309 6.69 -36.30 10.55
N LYS E 310 7.83 -35.90 11.12
CA LYS E 310 9.00 -36.77 11.15
C LYS E 310 8.72 -38.06 11.93
N GLU E 311 8.00 -37.94 13.03
CA GLU E 311 7.71 -39.09 13.88
C GLU E 311 6.57 -39.92 13.32
N LEU E 312 5.63 -39.27 12.62
CA LEU E 312 4.57 -40.00 11.96
C LEU E 312 5.14 -40.77 10.76
N ASP E 313 6.06 -40.13 10.03
CA ASP E 313 6.74 -40.78 8.92
C ASP E 313 7.51 -41.99 9.45
N LYS E 314 8.04 -41.86 10.66
CA LYS E 314 8.81 -42.92 11.28
C LYS E 314 7.94 -44.14 11.59
N LYS E 315 6.74 -43.89 12.09
CA LYS E 315 5.79 -44.95 12.39
C LYS E 315 5.29 -45.64 11.12
N ILE E 316 5.02 -44.84 10.09
CA ILE E 316 4.53 -45.36 8.81
C ILE E 316 5.53 -46.35 8.22
N ILE E 317 6.80 -45.93 8.16
CA ILE E 317 7.86 -46.76 7.62
C ILE E 317 8.03 -48.05 8.43
N GLU E 318 8.01 -47.91 9.75
CA GLU E 318 8.09 -49.08 10.62
C GLU E 318 6.94 -50.05 10.29
N LEU E 319 5.72 -49.54 10.27
CA LEU E 319 4.56 -50.36 9.95
C LEU E 319 4.61 -50.94 8.53
N TRP E 320 5.14 -50.16 7.58
CA TRP E 320 5.23 -50.63 6.20
C TRP E 320 6.20 -51.80 6.14
N GLU E 321 7.35 -51.61 6.77
CA GLU E 321 8.40 -52.63 6.84
C GLU E 321 7.86 -53.90 7.48
N LYS E 322 7.02 -53.74 8.49
CA LYS E 322 6.40 -54.88 9.15
C LYS E 322 5.43 -55.65 8.23
N TYR E 323 4.42 -54.97 7.71
CA TYR E 323 3.35 -55.65 6.98
C TYR E 323 3.66 -55.95 5.51
N ILE E 324 4.45 -55.09 4.87
CA ILE E 324 4.70 -55.16 3.43
C ILE E 324 6.16 -55.42 3.08
N GLY E 325 7.07 -54.82 3.86
CA GLY E 325 8.49 -54.89 3.56
C GLY E 325 8.95 -53.72 2.71
N LEU E 326 10.18 -53.27 2.91
CA LEU E 326 10.73 -52.16 2.14
C LEU E 326 11.22 -52.61 0.77
N LYS E 327 11.71 -53.84 0.70
CA LYS E 327 12.13 -54.42 -0.57
C LYS E 327 10.91 -54.72 -1.44
N ILE E 328 10.93 -54.25 -2.69
CA ILE E 328 9.86 -54.62 -3.60
C ILE E 328 10.12 -56.03 -4.12
N ILE E 329 9.27 -56.98 -3.71
CA ILE E 329 9.50 -58.39 -3.99
C ILE E 329 8.49 -58.95 -4.98
N TYR E 330 8.92 -59.93 -5.80
CA TYR E 330 8.02 -60.54 -6.77
C TYR E 330 6.87 -61.29 -6.10
N ASP E 331 5.69 -61.16 -6.68
CA ASP E 331 4.46 -61.71 -6.14
C ASP E 331 3.70 -62.27 -7.35
N SER E 332 3.32 -63.55 -7.29
CA SER E 332 2.62 -64.15 -8.42
C SER E 332 1.11 -64.26 -8.19
N ASP E 333 0.60 -63.58 -7.17
CA ASP E 333 -0.84 -63.53 -6.97
C ASP E 333 -1.48 -62.82 -8.17
N THR E 334 -2.74 -63.15 -8.46
CA THR E 334 -3.45 -62.51 -9.55
C THR E 334 -3.67 -61.03 -9.24
N PHE E 335 -3.80 -60.23 -10.28
CA PHE E 335 -3.78 -58.77 -10.13
C PHE E 335 -4.96 -58.22 -9.33
N ASP E 336 -6.11 -58.89 -9.42
CA ASP E 336 -7.25 -58.50 -8.60
C ASP E 336 -7.04 -58.81 -7.11
N ILE E 337 -6.21 -59.82 -6.81
CA ILE E 337 -5.86 -60.15 -5.43
C ILE E 337 -4.83 -59.16 -4.90
N GLN E 338 -3.85 -58.82 -5.75
CA GLN E 338 -2.83 -57.85 -5.37
C GLN E 338 -3.45 -56.49 -5.09
N PHE E 339 -4.46 -56.13 -5.87
CA PHE E 339 -5.19 -54.87 -5.69
C PHE E 339 -5.76 -54.78 -4.28
N THR E 340 -6.53 -55.79 -3.91
CA THR E 340 -7.21 -55.83 -2.62
C THR E 340 -6.21 -55.90 -1.46
N SER E 341 -5.15 -56.69 -1.66
CA SER E 341 -4.17 -56.91 -0.61
C SER E 341 -3.38 -55.65 -0.28
N ARG E 342 -2.86 -54.97 -1.30
CA ARG E 342 -2.09 -53.76 -1.06
C ARG E 342 -2.94 -52.68 -0.39
N ARG E 343 -4.20 -52.56 -0.81
CA ARG E 343 -5.10 -51.61 -0.17
C ARG E 343 -5.43 -52.03 1.27
N PHE E 344 -5.51 -53.33 1.52
CA PHE E 344 -5.76 -53.86 2.86
C PHE E 344 -4.69 -53.34 3.83
N TYR E 345 -3.42 -53.50 3.46
CA TYR E 345 -2.31 -53.07 4.31
C TYR E 345 -2.13 -51.54 4.40
N ILE E 346 -2.34 -50.83 3.29
CA ILE E 346 -2.38 -49.37 3.35
C ILE E 346 -3.43 -48.89 4.35
N GLU E 347 -4.66 -49.39 4.22
CA GLU E 347 -5.74 -49.04 5.15
C GLU E 347 -5.36 -49.43 6.58
N LYS E 348 -4.76 -50.61 6.73
CA LYS E 348 -4.35 -51.11 8.04
C LYS E 348 -3.35 -50.16 8.69
N ILE E 349 -2.31 -49.80 7.95
CA ILE E 349 -1.28 -48.90 8.45
C ILE E 349 -1.84 -47.51 8.78
N TYR E 350 -2.68 -46.98 7.89
CA TYR E 350 -3.31 -45.68 8.14
C TYR E 350 -4.06 -45.68 9.46
N ASN E 351 -4.84 -46.71 9.69
CA ASN E 351 -5.68 -46.78 10.89
C ASN E 351 -4.92 -46.97 12.20
N GLU E 352 -3.73 -47.54 12.11
CA GLU E 352 -2.90 -47.77 13.28
C GLU E 352 -2.18 -46.50 13.72
N LEU E 353 -2.25 -45.47 12.89
CA LEU E 353 -1.65 -44.19 13.22
C LEU E 353 -2.58 -43.40 14.13
N ASN E 354 -3.87 -43.72 14.04
CA ASN E 354 -4.90 -42.99 14.76
C ASN E 354 -4.79 -41.49 14.56
N ILE E 355 -5.35 -40.99 13.47
CA ILE E 355 -5.41 -39.55 13.24
C ILE E 355 -6.67 -39.16 12.47
N GLN G 7 27.33 0.24 -16.71
CA GLN G 7 28.51 1.01 -16.36
C GLN G 7 28.12 2.24 -15.53
N ILE G 8 28.81 2.43 -14.41
CA ILE G 8 28.44 3.49 -13.46
C ILE G 8 29.64 4.36 -13.05
N GLN G 9 29.36 5.62 -12.70
CA GLN G 9 30.38 6.53 -12.20
C GLN G 9 30.13 6.90 -10.73
N HIS G 10 31.21 7.01 -9.95
CA HIS G 10 31.10 7.40 -8.54
C HIS G 10 31.49 8.87 -8.34
N ILE G 11 30.53 9.67 -7.87
CA ILE G 11 30.74 11.11 -7.69
C ILE G 11 30.71 11.46 -6.22
N ALA G 12 31.76 12.12 -5.74
CA ALA G 12 31.76 12.59 -4.35
C ALA G 12 31.05 13.93 -4.27
N ILE G 13 30.19 14.08 -3.26
CA ILE G 13 29.49 15.34 -3.04
C ILE G 13 29.83 15.88 -1.66
N VAL G 14 30.19 17.16 -1.60
CA VAL G 14 30.82 17.73 -0.41
C VAL G 14 30.07 18.97 0.08
N GLY G 15 29.95 19.09 1.39
CA GLY G 15 29.37 20.28 2.01
C GLY G 15 30.38 21.40 2.15
N SER G 16 30.18 22.26 3.14
CA SER G 16 31.09 23.38 3.37
C SER G 16 32.54 22.94 3.59
N VAL G 17 33.46 23.49 2.82
CA VAL G 17 34.88 23.14 2.93
C VAL G 17 35.62 23.97 3.99
N HIS G 18 35.28 25.26 4.07
CA HIS G 18 35.94 26.18 5.00
C HIS G 18 37.47 26.18 4.88
N GLY G 19 37.98 25.95 3.68
CA GLY G 19 39.42 25.98 3.43
C GLY G 19 40.19 24.77 3.93
N LYS G 20 39.47 23.71 4.30
CA LYS G 20 40.12 22.50 4.76
C LYS G 20 40.31 21.53 3.60
N TYR G 21 41.04 21.99 2.58
CA TYR G 21 41.19 21.22 1.34
C TYR G 21 41.99 19.93 1.54
N ARG G 22 43.10 20.02 2.29
CA ARG G 22 43.94 18.85 2.52
C ARG G 22 43.19 17.76 3.28
N GLU G 23 42.44 18.16 4.29
CA GLU G 23 41.65 17.22 5.08
C GLU G 23 40.53 16.61 4.22
N MET G 24 39.85 17.46 3.44
CA MET G 24 38.80 16.96 2.55
C MET G 24 39.34 15.89 1.62
N TYR G 25 40.44 16.19 0.96
CA TYR G 25 41.01 15.27 -0.02
C TYR G 25 41.58 14.00 0.60
N ARG G 26 41.92 14.07 1.89
CA ARG G 26 42.39 12.87 2.58
C ARG G 26 41.24 11.92 2.89
N GLN G 27 40.07 12.48 3.19
CA GLN G 27 38.86 11.68 3.36
C GLN G 27 38.52 10.94 2.07
N LEU G 28 38.54 11.66 0.96
CA LEU G 28 38.22 11.11 -0.35
C LEU G 28 39.20 9.99 -0.69
N SER G 29 40.41 10.11 -0.18
CA SER G 29 41.39 9.04 -0.25
C SER G 29 40.87 7.86 0.58
N GLU G 30 40.47 8.14 1.82
CA GLU G 30 39.95 7.12 2.73
C GLU G 30 38.65 6.44 2.28
N TYR G 31 38.15 6.81 1.11
CA TYR G 31 36.99 6.15 0.51
C TYR G 31 37.42 5.34 -0.70
N GLU G 32 38.40 5.85 -1.44
CA GLU G 32 38.80 5.26 -2.71
C GLU G 32 39.55 3.92 -2.60
N LYS G 33 39.79 3.47 -1.37
CA LYS G 33 40.48 2.22 -1.15
C LYS G 33 39.71 1.33 -0.17
N SER G 34 39.20 1.93 0.90
CA SER G 34 38.35 1.22 1.85
C SER G 34 37.24 0.51 1.08
N THR G 35 36.66 1.22 0.11
CA THR G 35 35.66 0.64 -0.77
C THR G 35 36.31 0.12 -2.05
N GLY G 36 37.44 0.71 -2.42
CA GLY G 36 38.10 0.38 -3.67
C GLY G 36 37.39 0.98 -4.87
N LYS G 37 36.32 1.72 -4.61
CA LYS G 37 35.60 2.41 -5.67
C LYS G 37 36.37 3.63 -6.12
N GLU G 38 36.19 4.03 -7.38
CA GLU G 38 36.97 5.12 -7.95
C GLU G 38 36.14 6.39 -8.15
N ILE G 39 36.59 7.48 -7.53
CA ILE G 39 35.95 8.79 -7.67
C ILE G 39 36.13 9.33 -9.09
N SER G 40 35.03 9.49 -9.82
CA SER G 40 35.09 10.10 -11.14
C SER G 40 35.44 11.57 -11.01
N PHE G 41 34.72 12.27 -10.14
CA PHE G 41 35.04 13.65 -9.81
C PHE G 41 34.39 14.05 -8.49
N VAL G 42 34.63 15.31 -8.10
CA VAL G 42 34.12 15.83 -6.84
C VAL G 42 33.24 17.05 -7.08
N ILE G 43 32.16 17.15 -6.32
CA ILE G 43 31.29 18.31 -6.35
C ILE G 43 31.31 18.93 -4.95
N CYS G 44 31.48 20.25 -4.88
CA CYS G 44 31.47 20.96 -3.59
C CYS G 44 30.40 22.04 -3.56
N THR G 45 29.69 22.15 -2.45
CA THR G 45 28.56 23.07 -2.33
C THR G 45 28.86 24.43 -1.72
N GLY G 46 30.14 24.82 -1.68
CA GLY G 46 30.47 26.19 -1.32
C GLY G 46 31.20 26.42 0.00
N ASP G 47 31.33 27.69 0.38
CA ASP G 47 32.19 28.09 1.49
C ASP G 47 33.60 27.57 1.24
N MET G 48 34.09 27.83 0.03
CA MET G 48 35.36 27.28 -0.43
C MET G 48 36.57 28.07 0.06
N GLN G 49 36.39 29.38 0.26
CA GLN G 49 37.46 30.25 0.75
C GLN G 49 38.70 30.14 -0.11
N THR G 50 38.56 30.41 -1.41
CA THR G 50 39.67 30.30 -2.36
C THR G 50 40.58 31.53 -2.31
N LEU G 51 41.14 31.81 -1.13
CA LEU G 51 42.06 32.94 -0.97
C LEU G 51 43.44 32.64 -1.58
N ARG G 52 43.87 33.46 -2.54
CA ARG G 52 45.12 33.21 -3.25
C ARG G 52 46.33 33.58 -2.41
N TYR G 53 46.20 34.67 -1.67
CA TYR G 53 47.28 35.20 -0.86
C TYR G 53 46.71 36.12 0.22
N GLU G 54 47.55 36.59 1.14
CA GLU G 54 47.10 37.38 2.29
C GLU G 54 46.12 38.50 1.95
N ALA G 55 46.36 39.18 0.84
CA ALA G 55 45.56 40.34 0.47
C ALA G 55 44.09 39.99 0.26
N ASP G 56 43.83 38.74 -0.11
CA ASP G 56 42.47 38.27 -0.33
C ASP G 56 41.64 38.16 0.95
N LEU G 57 42.32 38.12 2.10
CA LEU G 57 41.64 38.01 3.40
C LEU G 57 40.60 39.11 3.57
N VAL G 58 40.89 40.25 2.96
CA VAL G 58 40.02 41.42 3.03
C VAL G 58 38.60 41.12 2.51
N TYR G 59 38.49 40.15 1.62
CA TYR G 59 37.22 39.83 0.96
C TYR G 59 36.48 38.66 1.60
N LEU G 60 37.10 38.03 2.58
CA LEU G 60 36.48 36.91 3.27
C LEU G 60 35.59 37.38 4.43
N LYS G 61 34.27 37.31 4.25
CA LYS G 61 33.31 37.70 5.31
C LYS G 61 33.13 36.56 6.32
N VAL G 62 33.84 36.68 7.45
CA VAL G 62 33.79 35.66 8.51
C VAL G 62 33.95 36.34 9.86
N PRO G 63 33.61 35.63 10.95
CA PRO G 63 34.00 36.13 12.26
C PRO G 63 35.50 35.99 12.48
N PRO G 64 36.13 36.95 13.17
CA PRO G 64 37.57 37.12 13.34
C PRO G 64 38.37 35.84 13.64
N LYS G 65 37.81 34.95 14.46
CA LYS G 65 38.47 33.68 14.76
C LYS G 65 38.71 32.84 13.49
N TYR G 66 37.97 33.15 12.43
CA TYR G 66 38.06 32.40 11.18
C TYR G 66 38.78 33.19 10.09
N LYS G 67 39.37 34.33 10.44
CA LYS G 67 40.18 35.10 9.49
C LYS G 67 41.52 34.41 9.24
N GLN G 68 41.46 33.28 8.56
CA GLN G 68 42.66 32.50 8.27
C GLN G 68 42.71 32.24 6.78
N MET G 69 43.91 31.97 6.27
CA MET G 69 44.10 31.65 4.87
C MET G 69 43.50 30.31 4.48
N GLY G 70 43.51 29.36 5.42
CA GLY G 70 43.10 28.00 5.10
C GLY G 70 44.11 27.36 4.17
N ASP G 71 43.70 26.32 3.46
CA ASP G 71 44.63 25.53 2.65
C ASP G 71 44.74 25.94 1.18
N PHE G 72 43.74 26.64 0.67
CA PHE G 72 43.66 26.88 -0.78
C PHE G 72 44.97 27.36 -1.41
N HIS G 73 45.61 28.35 -0.78
CA HIS G 73 46.81 28.96 -1.36
C HIS G 73 47.90 27.94 -1.67
N LEU G 74 47.99 26.89 -0.87
CA LEU G 74 48.91 25.79 -1.13
C LEU G 74 48.65 25.21 -2.53
N TYR G 75 47.38 25.09 -2.90
CA TYR G 75 47.00 24.60 -4.21
C TYR G 75 47.19 25.66 -5.30
N TYR G 76 46.89 26.91 -4.96
CA TYR G 76 47.11 28.02 -5.89
C TYR G 76 48.60 28.16 -6.19
N GLU G 77 49.45 27.89 -5.19
CA GLU G 77 50.89 28.01 -5.34
C GLU G 77 51.53 26.82 -6.02
N GLY G 78 50.78 25.73 -6.18
CA GLY G 78 51.31 24.52 -6.79
C GLY G 78 52.05 23.60 -5.82
N LYS G 79 52.03 23.95 -4.54
CA LYS G 79 52.63 23.11 -3.51
C LYS G 79 51.81 21.85 -3.27
N GLU G 80 50.49 22.01 -3.24
CA GLU G 80 49.58 20.87 -3.20
C GLU G 80 48.82 20.79 -4.52
N LYS G 81 48.37 19.59 -4.88
CA LYS G 81 47.67 19.38 -6.14
C LYS G 81 46.40 18.58 -5.90
N ALA G 82 45.28 19.08 -6.40
CA ALA G 82 44.01 18.38 -6.26
C ALA G 82 44.00 17.09 -7.05
N PRO G 83 43.86 15.95 -6.36
CA PRO G 83 43.87 14.62 -6.99
C PRO G 83 42.64 14.31 -7.83
N TYR G 84 41.58 15.08 -7.64
CA TYR G 84 40.34 14.86 -8.39
C TYR G 84 39.85 16.17 -9.00
N LEU G 85 39.25 16.09 -10.19
CA LEU G 85 38.54 17.24 -10.73
C LEU G 85 37.47 17.60 -9.73
N THR G 86 37.49 18.86 -9.29
CA THR G 86 36.59 19.33 -8.25
C THR G 86 35.79 20.52 -8.81
N LEU G 87 34.46 20.35 -8.87
CA LEU G 87 33.58 21.42 -9.34
C LEU G 87 32.90 22.03 -8.13
N PHE G 88 32.80 23.35 -8.10
CA PHE G 88 32.19 24.00 -6.94
C PHE G 88 31.42 25.26 -7.29
N ILE G 89 30.54 25.65 -6.37
CA ILE G 89 29.82 26.91 -6.47
C ILE G 89 30.25 27.74 -5.28
N GLY G 90 29.85 29.00 -5.26
CA GLY G 90 30.17 29.87 -4.14
C GLY G 90 29.16 29.75 -3.02
N GLY G 91 29.65 29.88 -1.78
CA GLY G 91 28.79 29.94 -0.62
C GLY G 91 28.78 31.35 -0.03
N ASN G 92 28.70 31.46 1.30
CA ASN G 92 28.67 32.77 1.94
C ASN G 92 30.01 33.16 2.57
N HIS G 93 30.92 32.19 2.69
CA HIS G 93 32.25 32.47 3.20
C HIS G 93 33.27 32.21 2.09
N GLU G 94 33.56 33.25 1.31
CA GLU G 94 34.39 33.10 0.13
C GLU G 94 35.35 34.25 -0.04
N SER G 95 36.38 34.04 -0.84
CA SER G 95 37.15 35.17 -1.34
C SER G 95 36.34 35.78 -2.48
N SER G 96 35.40 36.65 -2.11
CA SER G 96 34.40 37.15 -3.05
C SER G 96 34.96 37.91 -4.25
N ASN G 97 36.18 38.43 -4.12
CA ASN G 97 36.83 39.10 -5.24
C ASN G 97 37.19 38.11 -6.34
N VAL G 98 37.73 36.97 -5.93
CA VAL G 98 38.09 35.91 -6.87
C VAL G 98 36.88 35.40 -7.65
N LEU G 99 35.76 35.20 -6.95
CA LEU G 99 34.58 34.65 -7.61
C LEU G 99 33.92 35.66 -8.55
N LEU G 100 34.05 36.95 -8.26
CA LEU G 100 33.49 37.96 -9.14
C LEU G 100 34.25 38.04 -10.45
N HIS G 101 35.58 38.00 -10.36
CA HIS G 101 36.43 37.95 -11.54
C HIS G 101 35.99 36.78 -12.42
N LEU G 102 35.73 35.65 -11.76
CA LEU G 102 35.37 34.42 -12.44
C LEU G 102 33.85 34.21 -12.45
N TYR G 103 33.08 35.30 -12.51
CA TYR G 103 31.62 35.18 -12.47
C TYR G 103 31.08 34.33 -13.62
N ASN G 104 31.80 34.27 -14.73
CA ASN G 104 31.47 33.41 -15.85
C ASN G 104 32.11 32.03 -15.73
N GLY G 105 32.53 31.67 -14.54
CA GLY G 105 33.21 30.40 -14.31
C GLY G 105 34.70 30.46 -14.57
N GLY G 106 35.43 29.47 -14.07
CA GLY G 106 36.86 29.40 -14.28
C GLY G 106 37.59 28.48 -13.31
N PHE G 107 38.78 28.05 -13.70
CA PHE G 107 39.62 27.29 -12.79
C PHE G 107 40.34 28.25 -11.84
N VAL G 108 40.23 28.02 -10.54
CA VAL G 108 40.97 28.83 -9.58
C VAL G 108 42.37 28.27 -9.42
N CYS G 109 42.51 26.98 -9.72
CA CYS G 109 43.80 26.31 -9.79
C CYS G 109 43.57 24.98 -10.45
N PHE G 110 44.63 24.20 -10.65
CA PHE G 110 44.48 22.92 -11.33
C PHE G 110 43.46 22.02 -10.63
N ASN G 111 42.51 21.51 -11.42
CA ASN G 111 41.47 20.58 -10.95
C ASN G 111 40.37 21.17 -10.06
N MET G 112 40.36 22.49 -9.89
CA MET G 112 39.29 23.12 -9.12
C MET G 112 38.57 24.13 -9.99
N TYR G 113 37.39 23.74 -10.48
CA TYR G 113 36.65 24.59 -11.41
C TYR G 113 35.43 25.23 -10.72
N TYR G 114 35.39 26.56 -10.71
CA TYR G 114 34.26 27.32 -10.16
C TYR G 114 33.22 27.50 -11.27
N LEU G 115 31.95 27.25 -10.95
CA LEU G 115 30.90 27.31 -11.97
C LEU G 115 30.40 28.72 -12.29
N GLY G 116 30.87 29.72 -11.54
CA GLY G 116 30.42 31.08 -11.76
C GLY G 116 29.27 31.46 -10.85
N VAL G 117 28.70 32.64 -11.08
CA VAL G 117 27.49 33.08 -10.39
C VAL G 117 26.41 32.02 -10.57
N CYS G 118 26.27 31.55 -11.81
CA CYS G 118 25.44 30.41 -12.13
C CYS G 118 25.83 29.94 -13.52
N SER G 119 25.58 28.66 -13.81
CA SER G 119 25.83 28.10 -15.13
C SER G 119 25.40 26.64 -15.18
N CYS G 120 25.56 26.03 -16.35
CA CYS G 120 25.37 24.59 -16.50
C CYS G 120 26.61 24.05 -17.20
N ILE G 121 27.08 22.87 -16.77
CA ILE G 121 28.24 22.25 -17.40
C ILE G 121 27.92 20.82 -17.83
N ASN G 122 28.78 20.25 -18.67
CA ASN G 122 28.63 18.87 -19.10
C ASN G 122 29.82 18.02 -18.68
N ILE G 123 29.55 16.84 -18.15
CA ILE G 123 30.60 15.87 -17.83
C ILE G 123 30.04 14.46 -17.72
N ASN G 124 30.72 13.51 -18.37
CA ASN G 124 30.29 12.11 -18.37
C ASN G 124 28.81 11.92 -18.66
N GLY G 125 28.31 12.66 -19.66
CA GLY G 125 26.91 12.58 -20.04
C GLY G 125 25.95 13.30 -19.10
N LEU G 126 26.49 13.98 -18.10
CA LEU G 126 25.64 14.64 -17.11
C LEU G 126 25.53 16.14 -17.38
N ARG G 127 24.38 16.71 -17.03
CA ARG G 127 24.20 18.16 -17.07
C ARG G 127 24.06 18.68 -15.64
N ILE G 128 25.02 19.50 -15.22
CA ILE G 128 25.06 19.99 -13.84
C ILE G 128 24.92 21.51 -13.77
N VAL G 129 23.93 21.96 -13.00
CA VAL G 129 23.66 23.39 -12.86
C VAL G 129 24.10 23.87 -11.49
N GLY G 130 24.72 25.05 -11.43
CA GLY G 130 25.17 25.58 -10.15
C GLY G 130 24.56 26.94 -9.89
N VAL G 131 24.21 27.18 -8.63
CA VAL G 131 23.73 28.49 -8.21
C VAL G 131 24.52 28.90 -6.96
N SER G 132 25.33 29.96 -7.08
CA SER G 132 26.18 30.39 -5.97
C SER G 132 25.48 31.35 -5.00
N GLY G 133 25.99 31.38 -3.76
CA GLY G 133 25.58 32.38 -2.79
C GLY G 133 24.48 31.97 -1.82
N ILE G 134 24.08 32.92 -0.98
CA ILE G 134 22.90 32.72 -0.12
C ILE G 134 21.93 33.88 -0.27
N TYR G 135 20.66 33.64 0.05
CA TYR G 135 19.62 34.65 -0.13
C TYR G 135 19.51 35.65 1.01
N LYS G 136 19.47 36.93 0.64
CA LYS G 136 19.03 38.00 1.50
C LYS G 136 18.19 38.94 0.64
N SER G 137 16.94 39.18 1.03
CA SER G 137 15.99 39.95 0.23
C SER G 137 16.48 41.33 -0.16
N PHE G 138 17.23 41.98 0.74
CA PHE G 138 17.69 43.35 0.50
C PHE G 138 18.77 43.50 -0.58
N ASP G 139 19.39 42.39 -0.97
CA ASP G 139 20.47 42.44 -1.96
C ASP G 139 20.12 41.76 -3.29
N GLU G 140 18.93 41.16 -3.37
CA GLU G 140 18.59 40.30 -4.51
C GLU G 140 18.38 41.01 -5.85
N LYS G 141 18.18 42.32 -5.81
CA LYS G 141 18.03 43.11 -7.03
C LYS G 141 19.25 44.01 -7.23
N LYS G 142 20.21 43.91 -6.33
CA LYS G 142 21.46 44.65 -6.45
C LYS G 142 22.27 44.12 -7.64
N PRO G 143 22.98 45.01 -8.35
CA PRO G 143 23.87 44.50 -9.40
C PRO G 143 25.25 44.22 -8.83
N TYR G 144 26.16 43.70 -9.65
CA TYR G 144 27.57 43.59 -9.25
C TYR G 144 28.30 44.82 -9.75
N THR G 145 29.19 45.35 -8.93
CA THR G 145 30.08 46.42 -9.37
C THR G 145 31.51 45.88 -9.47
N TYR G 146 32.16 46.17 -10.59
CA TYR G 146 33.47 45.63 -10.91
C TYR G 146 34.39 46.80 -11.29
N PRO G 147 35.65 46.75 -10.87
CA PRO G 147 36.32 45.66 -10.14
C PRO G 147 35.86 45.52 -8.70
N PRO G 148 36.13 44.37 -8.07
CA PRO G 148 35.67 44.16 -6.69
C PRO G 148 36.21 45.22 -5.72
N SER G 149 35.40 45.56 -4.73
CA SER G 149 35.77 46.55 -3.71
C SER G 149 35.51 45.98 -2.32
N PRO G 150 36.43 46.25 -1.38
CA PRO G 150 36.28 45.74 -0.01
C PRO G 150 34.97 46.21 0.61
N ASN G 151 34.40 47.29 0.07
CA ASN G 151 33.12 47.79 0.57
C ASN G 151 31.96 46.85 0.24
N ASP G 152 32.23 45.82 -0.56
CA ASP G 152 31.20 44.89 -1.02
C ASP G 152 31.38 43.50 -0.45
N VAL G 153 32.25 43.38 0.55
CA VAL G 153 32.54 42.08 1.15
C VAL G 153 31.29 41.40 1.70
N VAL G 154 30.32 42.19 2.11
CA VAL G 154 29.11 41.66 2.73
C VAL G 154 27.99 41.36 1.74
N SER G 155 28.06 41.96 0.55
CA SER G 155 26.99 41.87 -0.42
C SER G 155 27.29 40.96 -1.62
N LEU G 156 28.58 40.77 -1.92
CA LEU G 156 28.99 40.06 -3.13
C LEU G 156 28.49 38.62 -3.22
N PHE G 157 28.31 37.96 -2.08
CA PHE G 157 27.91 36.55 -2.08
C PHE G 157 26.41 36.36 -1.89
N HIS G 158 25.65 37.44 -2.00
CA HIS G 158 24.20 37.35 -1.90
C HIS G 158 23.58 37.07 -3.28
N THR G 159 22.85 35.97 -3.36
CA THR G 159 22.29 35.50 -4.63
C THR G 159 21.34 36.52 -5.25
N ARG G 160 21.54 36.81 -6.53
CA ARG G 160 20.72 37.77 -7.23
C ARG G 160 19.52 37.09 -7.91
N ASN G 161 18.38 37.75 -7.87
CA ASN G 161 17.15 37.27 -8.51
C ASN G 161 17.34 36.87 -9.98
N TYR G 162 18.19 37.60 -10.69
CA TYR G 162 18.33 37.42 -12.13
C TYR G 162 18.78 36.03 -12.59
N VAL G 163 19.38 35.25 -11.69
CA VAL G 163 19.83 33.91 -12.08
C VAL G 163 18.65 32.99 -12.44
N ILE G 164 17.46 33.34 -11.95
CA ILE G 164 16.27 32.58 -12.29
C ILE G 164 16.02 32.65 -13.79
N GLN G 165 16.06 33.85 -14.33
CA GLN G 165 15.84 34.06 -15.76
C GLN G 165 16.98 33.51 -16.61
N MET G 166 18.18 33.46 -16.05
CA MET G 166 19.35 32.95 -16.80
C MET G 166 19.25 31.44 -16.98
N LEU G 167 18.67 30.78 -15.98
CA LEU G 167 18.69 29.32 -15.92
C LEU G 167 17.37 28.65 -16.31
N SER G 168 16.28 29.40 -16.35
CA SER G 168 14.94 28.80 -16.43
C SER G 168 14.66 27.95 -17.69
N ASN G 169 15.30 28.27 -18.81
CA ASN G 169 15.05 27.53 -20.06
C ASN G 169 15.93 26.30 -20.28
N LEU G 170 16.69 25.90 -19.26
CA LEU G 170 17.74 24.90 -19.44
C LEU G 170 17.24 23.46 -19.47
N SER G 171 16.00 23.24 -19.04
CA SER G 171 15.45 21.89 -19.07
C SER G 171 14.48 21.71 -20.25
N GLN G 172 14.53 22.63 -21.20
CA GLN G 172 13.69 22.55 -22.40
C GLN G 172 14.08 21.40 -23.32
N SER G 173 15.37 21.26 -23.59
CA SER G 173 15.86 20.27 -24.54
C SER G 173 16.11 18.90 -23.91
N SER G 174 16.68 18.89 -22.72
CA SER G 174 16.86 17.65 -21.96
C SER G 174 16.88 18.00 -20.48
N GLN G 175 16.90 16.99 -19.62
CA GLN G 175 16.79 17.24 -18.19
C GLN G 175 18.13 17.60 -17.56
N ILE G 176 18.07 18.24 -16.39
CA ILE G 176 19.25 18.50 -15.59
C ILE G 176 19.45 17.34 -14.62
N ASP G 177 20.65 16.80 -14.58
CA ASP G 177 20.94 15.66 -13.70
C ASP G 177 21.13 16.12 -12.26
N ILE G 178 22.04 17.08 -12.06
CA ILE G 178 22.36 17.60 -10.73
C ILE G 178 22.36 19.13 -10.72
N SER G 179 21.67 19.71 -9.74
CA SER G 179 21.77 21.14 -9.49
C SER G 179 22.42 21.40 -8.13
N LEU G 180 23.18 22.49 -8.03
CA LEU G 180 23.92 22.84 -6.82
C LEU G 180 23.51 24.20 -6.27
N SER G 181 23.30 24.27 -4.96
CA SER G 181 23.15 25.55 -4.27
C SER G 181 23.88 25.47 -2.93
N HIS G 182 24.11 26.61 -2.28
CA HIS G 182 24.71 26.57 -0.96
C HIS G 182 23.62 26.48 0.10
N ASP G 183 22.85 27.56 0.26
CA ASP G 183 21.70 27.51 1.16
C ASP G 183 20.57 26.71 0.52
N TRP G 184 19.62 26.30 1.34
CA TRP G 184 18.57 25.39 0.89
C TRP G 184 17.52 26.10 0.07
N PRO G 185 16.92 25.37 -0.88
CA PRO G 185 15.74 25.91 -1.57
C PRO G 185 14.64 26.11 -0.55
N GLN G 186 14.00 27.28 -0.55
CA GLN G 186 12.99 27.62 0.44
C GLN G 186 11.87 26.59 0.50
N GLY G 187 11.68 25.98 1.67
CA GLY G 187 10.54 25.10 1.89
C GLY G 187 10.82 23.61 1.81
N ILE G 188 11.95 23.25 1.20
CA ILE G 188 12.29 21.84 1.01
C ILE G 188 12.42 21.08 2.33
N VAL G 189 12.72 21.80 3.41
CA VAL G 189 12.90 21.20 4.73
C VAL G 189 11.66 20.43 5.19
N MET G 190 10.48 20.91 4.80
CA MET G 190 9.22 20.25 5.16
C MET G 190 9.01 18.92 4.42
N LYS G 191 9.85 18.65 3.44
CA LYS G 191 9.70 17.45 2.61
C LYS G 191 10.54 16.27 3.09
N GLY G 192 11.10 16.37 4.29
CA GLY G 192 11.89 15.30 4.83
C GLY G 192 11.57 15.02 6.29
N ASN G 193 12.29 14.07 6.88
CA ASN G 193 12.18 13.79 8.31
C ASN G 193 12.53 15.04 9.12
N TYR G 194 11.61 16.01 9.16
CA TYR G 194 11.95 17.31 9.75
C TYR G 194 11.89 17.39 11.27
N LYS G 195 11.00 16.61 11.88
CA LYS G 195 10.98 16.52 13.34
C LYS G 195 12.24 15.83 13.85
N GLN G 196 12.72 14.83 13.12
CA GLN G 196 14.01 14.20 13.42
C GLN G 196 15.13 15.22 13.31
N LEU G 197 15.15 15.94 12.19
CA LEU G 197 16.13 16.99 11.97
C LEU G 197 16.12 18.01 13.10
N TYR G 198 14.92 18.35 13.57
CA TYR G 198 14.75 19.32 14.64
C TYR G 198 15.27 18.83 15.99
N ARG G 199 15.38 17.51 16.15
CA ARG G 199 15.92 16.92 17.37
C ARG G 199 17.37 17.36 17.58
N PHE G 200 18.08 17.58 16.49
CA PHE G 200 19.53 17.76 16.53
C PHE G 200 19.95 19.22 16.40
N GLN G 201 19.36 19.93 15.45
CA GLN G 201 19.55 21.38 15.35
C GLN G 201 18.21 22.09 15.51
N PRO G 202 17.81 22.34 16.77
CA PRO G 202 16.51 22.95 17.07
C PRO G 202 16.46 24.44 16.73
N GLY G 203 17.53 24.97 16.15
CA GLY G 203 17.54 26.36 15.72
C GLY G 203 16.82 26.55 14.40
N PHE G 204 16.23 25.47 13.90
CA PHE G 204 15.55 25.48 12.60
C PHE G 204 14.03 25.53 12.77
N LYS G 205 13.56 25.15 13.95
CA LYS G 205 12.15 25.22 14.28
C LYS G 205 11.70 26.67 14.18
N LYS G 206 12.60 27.56 14.61
CA LYS G 206 12.41 29.01 14.54
C LYS G 206 12.16 29.46 13.10
N ASP G 207 12.60 28.64 12.15
CA ASP G 207 12.43 28.93 10.73
C ASP G 207 11.24 28.18 10.14
N GLY G 208 11.23 26.86 10.28
CA GLY G 208 10.15 26.04 9.76
C GLY G 208 10.07 26.04 8.25
N ALA G 209 8.91 26.45 7.73
CA ALA G 209 8.66 26.46 6.29
C ALA G 209 9.45 27.55 5.56
N SER G 210 9.74 28.64 6.27
CA SER G 210 10.41 29.81 5.68
C SER G 210 11.90 29.60 5.41
N LEU G 211 12.46 28.52 5.95
CA LEU G 211 13.90 28.25 5.86
C LEU G 211 14.39 28.17 4.42
N GLY G 212 15.44 28.91 4.11
CA GLY G 212 16.15 28.74 2.84
C GLY G 212 15.87 29.78 1.77
N SER G 213 16.35 29.49 0.57
CA SER G 213 16.32 30.46 -0.52
C SER G 213 15.10 30.33 -1.41
N PRO G 214 14.32 31.43 -1.54
CA PRO G 214 13.21 31.50 -2.48
C PRO G 214 13.69 31.42 -3.91
N ILE G 215 14.91 31.92 -4.15
CA ILE G 215 15.52 31.89 -5.47
C ILE G 215 15.80 30.45 -5.89
N ASN G 216 16.33 29.65 -4.97
CA ASN G 216 16.61 28.25 -5.25
C ASN G 216 15.34 27.38 -5.36
N LYS G 217 14.31 27.74 -4.60
CA LYS G 217 12.99 27.10 -4.71
C LYS G 217 12.45 27.21 -6.14
N VAL G 218 12.52 28.41 -6.70
CA VAL G 218 12.01 28.66 -8.05
C VAL G 218 12.78 27.83 -9.08
N ILE G 219 14.10 27.84 -8.96
CA ILE G 219 14.96 27.12 -9.88
C ILE G 219 14.73 25.61 -9.80
N LEU G 220 14.54 25.09 -8.59
CA LEU G 220 14.23 23.68 -8.43
C LEU G 220 12.88 23.34 -9.08
N ASN G 221 11.86 24.15 -8.82
CA ASN G 221 10.53 23.91 -9.40
C ASN G 221 10.55 24.01 -10.92
N THR G 222 11.41 24.90 -11.43
CA THR G 222 11.52 25.15 -12.87
C THR G 222 12.26 24.04 -13.59
N LEU G 223 13.45 23.71 -13.11
CA LEU G 223 14.32 22.74 -13.78
C LEU G 223 14.10 21.30 -13.34
N LYS G 224 13.54 21.12 -12.14
CA LYS G 224 13.30 19.79 -11.55
C LYS G 224 14.43 18.81 -11.81
N PRO G 225 15.63 19.11 -11.30
CA PRO G 225 16.75 18.21 -11.59
C PRO G 225 16.55 16.90 -10.85
N LYS G 226 17.21 15.83 -11.30
CA LYS G 226 17.12 14.55 -10.60
C LYS G 226 17.60 14.70 -9.17
N TYR G 227 18.69 15.47 -9.01
CA TYR G 227 19.29 15.70 -7.70
C TYR G 227 19.50 17.20 -7.44
N TRP G 228 19.20 17.62 -6.21
CA TRP G 228 19.58 18.96 -5.76
C TRP G 228 20.39 18.83 -4.48
N ILE G 229 21.59 19.41 -4.49
CA ILE G 229 22.48 19.27 -3.35
C ILE G 229 22.85 20.63 -2.78
N SER G 230 22.72 20.75 -1.45
CA SER G 230 23.02 22.00 -0.76
C SER G 230 23.86 21.75 0.49
N GLY G 231 24.59 22.77 0.93
CA GLY G 231 25.38 22.68 2.14
C GLY G 231 24.86 23.67 3.16
N HIS G 232 25.72 24.61 3.52
CA HIS G 232 25.37 25.73 4.41
C HIS G 232 24.85 25.39 5.81
N MET G 233 24.07 24.32 5.94
CA MET G 233 23.32 24.07 7.18
C MET G 233 24.04 23.19 8.22
N HIS G 234 25.20 22.65 7.86
CA HIS G 234 25.99 21.83 8.76
C HIS G 234 25.24 20.60 9.27
N CYS G 235 24.30 20.11 8.46
CA CYS G 235 23.52 18.93 8.84
C CYS G 235 23.23 18.03 7.64
N GLU G 236 23.29 16.72 7.86
CA GLU G 236 22.92 15.74 6.84
C GLU G 236 21.40 15.67 6.77
N TYR G 237 20.86 15.60 5.55
CA TYR G 237 19.40 15.65 5.39
C TYR G 237 18.92 15.14 4.02
N HIS G 238 17.74 14.54 4.01
CA HIS G 238 17.11 14.05 2.77
C HIS G 238 15.71 14.65 2.62
N ALA G 239 15.28 14.84 1.38
CA ALA G 239 13.92 15.30 1.09
C ALA G 239 13.55 15.02 -0.37
N GLU G 240 12.28 14.73 -0.59
CA GLU G 240 11.77 14.52 -1.94
C GLU G 240 10.84 15.67 -2.34
N GLU G 241 11.14 16.32 -3.46
CA GLU G 241 10.28 17.36 -4.00
C GLU G 241 9.92 17.01 -5.43
N GLY G 242 8.84 16.24 -5.59
CA GLY G 242 8.50 15.70 -6.90
C GLY G 242 9.55 14.71 -7.32
N PRO G 243 10.05 14.85 -8.56
CA PRO G 243 11.08 13.98 -9.11
C PRO G 243 12.49 14.36 -8.64
N THR G 244 12.60 15.41 -7.82
CA THR G 244 13.90 15.88 -7.35
C THR G 244 14.30 15.29 -6.00
N HIS G 245 15.39 14.54 -5.98
CA HIS G 245 15.99 14.10 -4.72
C HIS G 245 16.80 15.27 -4.14
N PHE G 246 16.36 15.81 -3.00
CA PHE G 246 17.16 16.82 -2.32
C PHE G 246 18.11 16.19 -1.31
N ILE G 247 19.38 16.59 -1.36
CA ILE G 247 20.38 16.12 -0.41
C ILE G 247 21.14 17.30 0.20
N ALA G 248 21.32 17.28 1.51
CA ALA G 248 22.11 18.30 2.20
C ALA G 248 23.32 17.68 2.89
N LEU G 249 24.42 18.42 2.92
CA LEU G 249 25.67 17.93 3.51
C LEU G 249 26.21 18.89 4.57
N GLY G 250 27.00 18.37 5.51
CA GLY G 250 27.53 19.18 6.59
C GLY G 250 28.88 19.79 6.27
N LYS G 251 29.58 20.29 7.29
CA LYS G 251 30.88 20.93 7.05
C LYS G 251 32.07 20.00 7.30
N ILE G 252 33.11 20.16 6.48
CA ILE G 252 34.34 19.38 6.58
C ILE G 252 34.92 19.43 7.99
N GLY G 253 35.34 18.27 8.52
CA GLY G 253 35.78 18.15 9.90
C GLY G 253 34.76 17.36 10.71
N TYR G 254 33.68 16.99 10.04
CA TYR G 254 32.59 16.24 10.64
C TYR G 254 32.17 15.19 9.62
N LYS G 255 31.49 14.12 10.06
CA LYS G 255 31.24 12.98 9.16
C LYS G 255 30.26 13.29 8.03
N ASN G 256 29.18 13.98 8.37
CA ASN G 256 28.09 14.30 7.44
C ASN G 256 28.43 15.33 6.35
N ALA G 257 29.71 15.46 6.03
CA ALA G 257 30.16 16.49 5.09
C ALA G 257 30.38 15.95 3.67
N ILE G 258 30.67 14.66 3.57
CA ILE G 258 30.90 14.03 2.28
C ILE G 258 29.99 12.82 2.08
N SER G 259 29.28 12.80 0.94
CA SER G 259 28.58 11.60 0.52
C SER G 259 28.97 11.24 -0.90
N TYR G 260 28.38 10.18 -1.43
CA TYR G 260 28.77 9.67 -2.73
C TYR G 260 27.55 9.28 -3.55
N LEU G 261 27.49 9.81 -4.78
CA LEU G 261 26.45 9.42 -5.73
C LEU G 261 26.99 8.35 -6.67
N ASP G 262 26.30 7.22 -6.75
CA ASP G 262 26.71 6.14 -7.64
C ASP G 262 25.81 6.16 -8.87
N LEU G 263 26.06 7.12 -9.75
CA LEU G 263 25.22 7.35 -10.93
C LEU G 263 25.63 6.48 -12.11
N PRO G 264 24.66 6.19 -13.00
CA PRO G 264 24.97 5.44 -14.22
C PRO G 264 25.85 6.23 -15.18
N LEU G 265 26.99 5.66 -15.54
CA LEU G 265 27.90 6.28 -16.50
C LEU G 265 27.62 5.76 -17.90
N LYS G 266 26.93 6.58 -18.70
CA LYS G 266 26.70 6.24 -20.09
C LYS G 266 28.01 6.33 -20.85
N GLN G 267 28.47 7.57 -21.02
CA GLN G 267 29.66 7.88 -21.79
C GLN G 267 30.64 8.63 -20.89
N LYS G 268 31.90 8.24 -20.91
CA LYS G 268 32.91 8.97 -20.16
C LYS G 268 33.41 10.16 -20.99
N THR G 269 33.22 11.36 -20.46
CA THR G 269 33.46 12.58 -21.24
C THR G 269 34.07 13.70 -20.40
N ASP G 270 35.06 14.38 -20.98
CA ASP G 270 35.74 15.48 -20.30
C ASP G 270 34.79 16.64 -20.05
N LEU G 271 35.07 17.40 -19.00
CA LEU G 271 34.31 18.60 -18.62
C LEU G 271 34.11 19.51 -19.82
N GLU G 272 32.86 19.87 -20.11
CA GLU G 272 32.57 20.77 -21.22
C GLU G 272 31.52 21.80 -20.84
N TYR G 273 31.51 22.92 -21.56
CA TYR G 273 30.46 23.91 -21.39
C TYR G 273 29.15 23.33 -21.92
N ASP G 274 28.04 23.69 -21.28
CA ASP G 274 26.73 23.27 -21.77
C ASP G 274 26.30 24.16 -22.91
N LYS G 275 25.87 23.55 -24.01
CA LYS G 275 25.52 24.29 -25.23
C LYS G 275 24.37 25.28 -25.02
N ASP G 276 23.33 24.86 -24.31
CA ASP G 276 22.22 25.75 -24.03
C ASP G 276 22.67 26.91 -23.14
N TRP G 277 23.43 26.61 -22.09
CA TRP G 277 23.96 27.67 -21.23
C TRP G 277 24.78 28.65 -22.04
N VAL G 278 25.65 28.13 -22.90
CA VAL G 278 26.48 28.97 -23.77
C VAL G 278 25.62 29.92 -24.60
N CYS G 279 24.54 29.39 -25.17
CA CYS G 279 23.61 30.24 -25.94
C CYS G 279 22.95 31.28 -25.04
N ASN G 280 22.60 30.91 -23.81
CA ASN G 280 22.04 31.88 -22.88
C ASN G 280 23.07 32.95 -22.55
N LEU G 281 24.31 32.51 -22.37
CA LEU G 281 25.43 33.40 -22.06
C LEU G 281 25.62 34.46 -23.16
N ILE G 282 25.64 34.02 -24.40
CA ILE G 282 25.87 34.92 -25.53
C ILE G 282 24.71 35.88 -25.76
N MET G 283 23.49 35.36 -25.74
CA MET G 283 22.31 36.17 -26.04
C MET G 283 22.03 37.22 -24.95
N THR G 284 22.52 36.99 -23.74
CA THR G 284 22.32 37.96 -22.66
C THR G 284 23.45 38.98 -22.59
N TRP G 285 24.38 38.94 -23.54
CA TRP G 285 25.47 39.91 -23.55
C TRP G 285 25.07 41.38 -23.34
N PRO G 286 24.01 41.86 -24.03
CA PRO G 286 23.72 43.30 -23.88
C PRO G 286 23.45 43.69 -22.44
N ALA G 287 22.89 42.78 -21.65
CA ALA G 287 22.63 43.04 -20.24
C ALA G 287 23.92 43.16 -19.42
N PHE G 288 25.00 42.57 -19.95
CA PHE G 288 26.27 42.47 -19.24
C PHE G 288 27.36 43.30 -19.91
N SER G 289 26.99 44.09 -20.91
CA SER G 289 27.99 44.81 -21.71
C SER G 289 28.76 45.91 -20.95
N ASN G 290 28.22 46.34 -19.81
CA ASN G 290 28.93 47.31 -18.98
C ASN G 290 29.72 46.58 -17.90
N LYS G 291 31.05 46.51 -18.06
CA LYS G 291 31.90 45.74 -17.16
C LYS G 291 31.92 46.32 -15.75
N ALA G 292 31.59 47.60 -15.62
CA ALA G 292 31.64 48.28 -14.33
C ALA G 292 30.43 47.93 -13.47
N GLN G 293 29.33 47.58 -14.12
CA GLN G 293 28.09 47.26 -13.41
C GLN G 293 27.17 46.37 -14.22
N PHE G 294 26.94 45.15 -13.73
CA PHE G 294 26.16 44.15 -14.44
C PHE G 294 25.43 43.24 -13.45
N PRO G 295 24.31 42.64 -13.87
CA PRO G 295 23.65 42.88 -15.17
C PRO G 295 22.83 44.16 -15.16
N ASP G 296 22.69 44.78 -16.34
CA ASP G 296 21.85 45.96 -16.48
C ASP G 296 20.39 45.54 -16.68
N LEU G 297 19.61 45.61 -15.61
CA LEU G 297 18.25 45.07 -15.63
C LEU G 297 17.23 46.05 -16.20
N SER G 298 17.72 47.12 -16.82
CA SER G 298 16.86 47.93 -17.68
C SER G 298 16.44 47.01 -18.80
N TYR G 299 17.37 46.14 -19.20
CA TYR G 299 17.09 45.01 -20.09
C TYR G 299 16.25 43.97 -19.36
N SER G 300 15.56 43.13 -20.14
CA SER G 300 14.92 41.94 -19.59
C SER G 300 15.68 40.71 -20.07
N ILE G 301 16.10 39.87 -19.14
CA ILE G 301 16.83 38.66 -19.49
C ILE G 301 15.94 37.76 -20.34
N SER G 302 14.72 37.55 -19.88
CA SER G 302 13.72 36.74 -20.58
C SER G 302 13.58 37.23 -22.01
N GLU G 303 13.33 38.52 -22.16
CA GLU G 303 13.20 39.15 -23.47
C GLU G 303 14.41 38.86 -24.34
N LEU G 304 15.61 39.04 -23.78
CA LEU G 304 16.83 38.80 -24.55
C LEU G 304 16.92 37.32 -24.95
N LEU G 305 16.56 36.44 -24.02
CA LEU G 305 16.60 35.00 -24.28
C LEU G 305 15.53 34.56 -25.28
N SER G 306 14.45 35.32 -25.37
CA SER G 306 13.35 34.98 -26.28
C SER G 306 13.80 35.04 -27.74
N LYS G 307 14.93 35.69 -28.00
CA LYS G 307 15.46 35.84 -29.34
C LYS G 307 16.25 34.62 -29.80
N ARG G 308 16.38 33.63 -28.93
CA ARG G 308 17.09 32.40 -29.29
C ARG G 308 16.34 31.66 -30.40
N THR G 309 17.08 31.23 -31.43
CA THR G 309 16.53 30.36 -32.47
C THR G 309 17.47 29.20 -32.75
N LYS G 310 16.95 28.21 -33.47
CA LYS G 310 17.71 27.01 -33.79
C LYS G 310 19.00 27.33 -34.57
N GLU G 311 18.89 28.22 -35.54
CA GLU G 311 20.03 28.54 -36.38
C GLU G 311 21.03 29.44 -35.66
N LEU G 312 20.52 30.42 -34.91
CA LEU G 312 21.35 31.27 -34.07
C LEU G 312 22.16 30.41 -33.08
N ASP G 313 21.47 29.50 -32.39
CA ASP G 313 22.12 28.58 -31.45
C ASP G 313 23.27 27.82 -32.12
N LYS G 314 23.03 27.33 -33.33
CA LYS G 314 24.04 26.58 -34.07
C LYS G 314 25.21 27.47 -34.47
N LYS G 315 24.92 28.74 -34.77
CA LYS G 315 25.99 29.67 -35.12
C LYS G 315 26.82 29.97 -33.87
N ILE G 316 26.13 30.12 -32.74
CA ILE G 316 26.77 30.41 -31.46
C ILE G 316 27.72 29.30 -31.03
N ILE G 317 27.25 28.06 -31.06
CA ILE G 317 28.07 26.91 -30.72
C ILE G 317 29.28 26.82 -31.63
N GLU G 318 29.05 27.00 -32.93
CA GLU G 318 30.12 27.03 -33.91
C GLU G 318 31.21 28.04 -33.55
N LEU G 319 30.80 29.28 -33.27
CA LEU G 319 31.73 30.35 -32.91
C LEU G 319 32.44 30.13 -31.56
N TRP G 320 31.69 29.63 -30.57
CA TRP G 320 32.27 29.33 -29.27
C TRP G 320 33.31 28.23 -29.40
N GLU G 321 33.01 27.27 -30.26
CA GLU G 321 33.90 26.14 -30.50
C GLU G 321 35.22 26.64 -31.05
N LYS G 322 35.13 27.63 -31.94
CA LYS G 322 36.31 28.21 -32.58
C LYS G 322 37.16 29.04 -31.62
N TYR G 323 36.52 29.96 -30.89
CA TYR G 323 37.26 30.95 -30.11
C TYR G 323 37.66 30.47 -28.71
N ILE G 324 36.85 29.60 -28.11
CA ILE G 324 37.02 29.17 -26.72
C ILE G 324 37.17 27.67 -26.59
N GLY G 325 36.36 26.95 -27.36
CA GLY G 325 36.35 25.50 -27.28
C GLY G 325 35.21 25.01 -26.39
N LEU G 326 34.71 23.82 -26.69
CA LEU G 326 33.63 23.22 -25.91
C LEU G 326 34.19 22.64 -24.62
N LYS G 327 35.41 22.13 -24.68
CA LYS G 327 36.07 21.52 -23.53
C LYS G 327 36.58 22.61 -22.58
N ILE G 328 36.23 22.50 -21.30
CA ILE G 328 36.71 23.46 -20.31
C ILE G 328 38.15 23.14 -19.94
N ILE G 329 39.08 24.00 -20.34
CA ILE G 329 40.49 23.69 -20.20
C ILE G 329 41.14 24.58 -19.17
N TYR G 330 42.17 24.05 -18.50
CA TYR G 330 42.90 24.82 -17.49
C TYR G 330 43.59 26.04 -18.09
N ASP G 331 43.48 27.14 -17.36
CA ASP G 331 43.98 28.44 -17.79
C ASP G 331 44.58 29.05 -16.54
N SER G 332 45.83 29.51 -16.61
CA SER G 332 46.52 30.02 -15.43
C SER G 332 46.75 31.54 -15.45
N ASP G 333 46.08 32.24 -16.36
CA ASP G 333 46.10 33.70 -16.35
C ASP G 333 45.46 34.19 -15.06
N THR G 334 45.89 35.35 -14.56
CA THR G 334 45.28 35.92 -13.36
C THR G 334 43.79 36.12 -13.60
N PHE G 335 43.00 36.14 -12.54
CA PHE G 335 41.56 36.11 -12.68
C PHE G 335 41.01 37.38 -13.33
N ASP G 336 41.70 38.50 -13.14
CA ASP G 336 41.34 39.76 -13.79
C ASP G 336 41.48 39.69 -15.31
N ILE G 337 42.54 39.04 -15.77
CA ILE G 337 42.73 38.80 -17.20
C ILE G 337 41.62 37.89 -17.74
N GLN G 338 41.31 36.83 -16.99
CA GLN G 338 40.35 35.84 -17.44
C GLN G 338 38.95 36.44 -17.56
N PHE G 339 38.63 37.34 -16.64
CA PHE G 339 37.39 38.11 -16.70
C PHE G 339 37.28 38.83 -18.03
N THR G 340 38.31 39.59 -18.37
CA THR G 340 38.31 40.39 -19.59
C THR G 340 38.27 39.51 -20.83
N SER G 341 39.05 38.43 -20.79
CA SER G 341 39.20 37.54 -21.93
C SER G 341 37.89 36.83 -22.27
N ARG G 342 37.24 36.24 -21.26
CA ARG G 342 35.99 35.53 -21.51
C ARG G 342 34.90 36.48 -22.02
N ARG G 343 34.82 37.67 -21.45
CA ARG G 343 33.87 38.68 -21.90
C ARG G 343 34.20 39.17 -23.32
N PHE G 344 35.49 39.21 -23.67
CA PHE G 344 35.89 39.64 -25.01
C PHE G 344 35.35 38.69 -26.05
N TYR G 345 35.44 37.40 -25.78
CA TYR G 345 34.95 36.40 -26.72
C TYR G 345 33.42 36.25 -26.72
N ILE G 346 32.78 36.50 -25.57
CA ILE G 346 31.33 36.53 -25.52
C ILE G 346 30.83 37.68 -26.41
N GLU G 347 31.44 38.86 -26.23
CA GLU G 347 31.08 40.02 -27.01
C GLU G 347 31.36 39.79 -28.50
N LYS G 348 32.47 39.14 -28.81
CA LYS G 348 32.85 38.88 -30.19
C LYS G 348 31.82 38.01 -30.88
N ILE G 349 31.38 36.96 -30.20
CA ILE G 349 30.42 36.01 -30.74
C ILE G 349 29.06 36.66 -30.95
N TYR G 350 28.59 37.40 -29.94
CA TYR G 350 27.31 38.11 -30.02
C TYR G 350 27.27 39.05 -31.22
N ASN G 351 28.33 39.85 -31.38
CA ASN G 351 28.35 40.86 -32.44
C ASN G 351 28.47 40.27 -33.85
N GLU G 352 28.81 39.00 -33.92
CA GLU G 352 28.89 38.30 -35.19
C GLU G 352 27.51 37.80 -35.60
N LEU G 353 26.62 37.65 -34.63
CA LEU G 353 25.26 37.21 -34.91
C LEU G 353 24.54 38.24 -35.76
N ASN G 354 24.97 39.49 -35.64
CA ASN G 354 24.39 40.60 -36.40
C ASN G 354 22.91 40.77 -36.13
N ILE G 355 22.52 40.64 -34.86
CA ILE G 355 21.12 40.75 -34.49
C ILE G 355 20.88 41.91 -33.52
N GLN I 7 -38.19 30.75 -25.65
CA GLN I 7 -37.64 29.40 -25.60
C GLN I 7 -36.16 29.44 -25.27
N ILE I 8 -35.82 29.05 -24.05
CA ILE I 8 -34.45 29.14 -23.54
C ILE I 8 -33.93 27.77 -23.10
N GLN I 9 -32.62 27.67 -22.91
CA GLN I 9 -32.00 26.42 -22.46
C GLN I 9 -31.48 26.58 -21.03
N HIS I 10 -31.53 25.49 -20.27
CA HIS I 10 -31.05 25.52 -18.89
C HIS I 10 -29.79 24.66 -18.72
N ILE I 11 -28.66 25.33 -18.62
CA ILE I 11 -27.36 24.68 -18.48
C ILE I 11 -26.89 24.69 -17.04
N ALA I 12 -26.58 23.51 -16.50
CA ALA I 12 -25.99 23.41 -15.17
C ALA I 12 -24.50 23.73 -15.27
N ILE I 13 -24.02 24.60 -14.38
CA ILE I 13 -22.59 24.87 -14.28
C ILE I 13 -22.08 24.41 -12.90
N VAL I 14 -20.95 23.71 -12.89
CA VAL I 14 -20.46 23.03 -11.69
C VAL I 14 -19.01 23.39 -11.33
N GLY I 15 -18.75 23.60 -10.05
CA GLY I 15 -17.40 23.87 -9.60
C GLY I 15 -16.56 22.60 -9.54
N SER I 16 -15.80 22.45 -8.46
CA SER I 16 -14.89 21.31 -8.33
C SER I 16 -15.64 20.02 -8.01
N VAL I 17 -15.48 19.02 -8.86
CA VAL I 17 -16.21 17.76 -8.72
C VAL I 17 -15.54 16.81 -7.72
N HIS I 18 -14.21 16.73 -7.77
CA HIS I 18 -13.43 15.87 -6.88
C HIS I 18 -13.92 14.41 -6.88
N GLY I 19 -14.40 13.96 -8.03
CA GLY I 19 -14.78 12.56 -8.19
C GLY I 19 -16.11 12.16 -7.57
N LYS I 20 -16.88 13.14 -7.12
CA LYS I 20 -18.18 12.86 -6.52
C LYS I 20 -19.27 12.94 -7.60
N TYR I 21 -19.22 12.03 -8.55
CA TYR I 21 -20.13 12.05 -9.70
C TYR I 21 -21.57 11.66 -9.36
N ARG I 22 -21.73 10.62 -8.55
CA ARG I 22 -23.08 10.18 -8.19
C ARG I 22 -23.79 11.27 -7.39
N GLU I 23 -23.05 11.97 -6.55
CA GLU I 23 -23.59 13.09 -5.79
C GLU I 23 -23.94 14.28 -6.68
N MET I 24 -23.10 14.55 -7.69
CA MET I 24 -23.36 15.67 -8.59
C MET I 24 -24.62 15.44 -9.41
N TYR I 25 -24.74 14.26 -10.01
CA TYR I 25 -25.89 13.93 -10.83
C TYR I 25 -27.14 13.79 -9.98
N ARG I 26 -26.95 13.47 -8.70
CA ARG I 26 -28.04 13.42 -7.74
C ARG I 26 -28.64 14.82 -7.59
N GLN I 27 -27.78 15.79 -7.32
CA GLN I 27 -28.19 17.19 -7.17
C GLN I 27 -28.81 17.77 -8.44
N LEU I 28 -28.24 17.43 -9.59
CA LEU I 28 -28.78 17.84 -10.87
C LEU I 28 -30.18 17.24 -11.06
N SER I 29 -30.40 16.09 -10.45
CA SER I 29 -31.69 15.42 -10.50
C SER I 29 -32.69 16.00 -9.51
N GLU I 30 -32.21 16.76 -8.52
CA GLU I 30 -33.09 17.40 -7.56
C GLU I 30 -33.51 18.80 -8.02
N TYR I 31 -33.21 19.12 -9.28
CA TYR I 31 -33.47 20.46 -9.82
C TYR I 31 -34.43 20.42 -11.01
N GLU I 32 -34.32 19.39 -11.84
CA GLU I 32 -35.24 19.22 -12.96
C GLU I 32 -36.66 19.03 -12.44
N LYS I 33 -36.77 18.44 -11.25
CA LYS I 33 -38.05 18.16 -10.61
C LYS I 33 -38.57 19.34 -9.81
N SER I 34 -37.73 19.86 -8.91
CA SER I 34 -38.15 20.94 -8.01
C SER I 34 -38.37 22.27 -8.74
N THR I 35 -38.16 22.28 -10.05
CA THR I 35 -38.38 23.46 -10.86
C THR I 35 -39.21 23.14 -12.09
N GLY I 36 -39.26 21.86 -12.48
CA GLY I 36 -39.92 21.47 -13.71
C GLY I 36 -39.03 21.73 -14.91
N LYS I 37 -38.06 22.63 -14.73
CA LYS I 37 -37.12 23.00 -15.78
C LYS I 37 -36.29 21.81 -16.20
N GLU I 38 -35.79 21.82 -17.44
CA GLU I 38 -35.03 20.70 -17.96
C GLU I 38 -33.60 21.10 -18.31
N ILE I 39 -32.65 20.32 -17.82
CA ILE I 39 -31.23 20.55 -18.11
C ILE I 39 -30.91 20.17 -19.55
N SER I 40 -30.29 21.09 -20.28
CA SER I 40 -29.90 20.82 -21.67
C SER I 40 -28.56 20.09 -21.74
N PHE I 41 -27.60 20.58 -20.97
CA PHE I 41 -26.31 19.91 -20.80
C PHE I 41 -25.60 20.46 -19.57
N VAL I 42 -24.52 19.80 -19.16
CA VAL I 42 -23.79 20.19 -17.96
C VAL I 42 -22.35 20.62 -18.27
N ILE I 43 -21.90 21.67 -17.60
CA ILE I 43 -20.53 22.15 -17.71
C ILE I 43 -19.85 22.07 -16.35
N CYS I 44 -18.68 21.46 -16.29
CA CYS I 44 -17.94 21.34 -15.05
C CYS I 44 -16.60 22.02 -15.21
N THR I 45 -16.17 22.75 -14.18
CA THR I 45 -14.97 23.56 -14.28
C THR I 45 -13.70 22.88 -13.76
N GLY I 46 -13.73 21.55 -13.60
CA GLY I 46 -12.50 20.83 -13.31
C GLY I 46 -12.41 20.03 -12.03
N ASP I 47 -11.20 19.56 -11.73
CA ASP I 47 -10.95 18.59 -10.67
C ASP I 47 -11.84 17.36 -10.85
N MET I 48 -11.80 16.80 -12.05
CA MET I 48 -12.72 15.72 -12.43
C MET I 48 -12.28 14.35 -11.91
N GLN I 49 -10.98 14.15 -11.74
CA GLN I 49 -10.45 12.89 -11.23
C GLN I 49 -11.01 11.72 -12.02
N THR I 50 -10.80 11.75 -13.35
CA THR I 50 -11.30 10.68 -14.20
C THR I 50 -10.32 9.51 -14.20
N LEU I 51 -10.21 8.86 -13.05
CA LEU I 51 -9.38 7.67 -12.91
C LEU I 51 -10.11 6.43 -13.40
N ARG I 52 -9.53 5.72 -14.37
CA ARG I 52 -10.17 4.55 -14.97
C ARG I 52 -10.09 3.33 -14.06
N TYR I 53 -8.92 3.16 -13.46
CA TYR I 53 -8.64 2.01 -12.62
C TYR I 53 -7.56 2.38 -11.63
N GLU I 54 -7.32 1.50 -10.65
CA GLU I 54 -6.35 1.74 -9.58
C GLU I 54 -5.02 2.29 -10.08
N ALA I 55 -4.52 1.75 -11.18
CA ALA I 55 -3.23 2.18 -11.72
C ALA I 55 -3.17 3.68 -12.03
N ASP I 56 -4.32 4.31 -12.32
CA ASP I 56 -4.32 5.75 -12.61
C ASP I 56 -4.06 6.62 -11.37
N LEU I 57 -4.12 6.05 -10.16
CA LEU I 57 -3.88 6.80 -8.92
C LEU I 57 -2.51 7.45 -8.93
N VAL I 58 -1.57 6.79 -9.60
CA VAL I 58 -0.22 7.30 -9.79
C VAL I 58 -0.21 8.72 -10.36
N TYR I 59 -1.16 9.02 -11.24
CA TYR I 59 -1.21 10.31 -11.93
C TYR I 59 -2.09 11.34 -11.24
N LEU I 60 -2.68 10.97 -10.11
CA LEU I 60 -3.49 11.90 -9.33
C LEU I 60 -2.65 12.61 -8.28
N LYS I 61 -2.38 13.89 -8.53
CA LYS I 61 -1.64 14.73 -7.58
C LYS I 61 -2.58 15.22 -6.49
N VAL I 62 -2.50 14.59 -5.32
CA VAL I 62 -3.35 14.95 -4.19
C VAL I 62 -2.59 14.76 -2.89
N PRO I 63 -3.07 15.40 -1.81
CA PRO I 63 -2.59 15.00 -0.48
C PRO I 63 -3.00 13.54 -0.23
N PRO I 64 -2.14 12.77 0.47
CA PRO I 64 -2.33 11.34 0.69
C PRO I 64 -3.73 10.95 1.12
N LYS I 65 -4.38 11.75 1.97
CA LYS I 65 -5.74 11.46 2.42
C LYS I 65 -6.74 11.44 1.27
N TYR I 66 -6.37 12.07 0.16
CA TYR I 66 -7.26 12.16 -0.99
C TYR I 66 -6.85 11.21 -2.13
N LYS I 67 -5.90 10.31 -1.87
CA LYS I 67 -5.56 9.25 -2.82
C LYS I 67 -6.69 8.22 -2.91
N GLN I 68 -7.82 8.64 -3.46
CA GLN I 68 -8.99 7.78 -3.58
C GLN I 68 -9.42 7.71 -5.04
N MET I 69 -10.14 6.64 -5.40
CA MET I 69 -10.60 6.44 -6.77
C MET I 69 -11.74 7.35 -7.16
N GLY I 70 -12.58 7.69 -6.18
CA GLY I 70 -13.80 8.43 -6.50
C GLY I 70 -14.79 7.57 -7.27
N ASP I 71 -15.75 8.22 -7.93
CA ASP I 71 -16.85 7.51 -8.58
C ASP I 71 -16.67 7.31 -10.08
N PHE I 72 -15.70 7.99 -10.68
CA PHE I 72 -15.60 8.00 -12.15
C PHE I 72 -15.58 6.60 -12.76
N HIS I 73 -14.80 5.70 -12.16
CA HIS I 73 -14.65 4.35 -12.68
C HIS I 73 -15.98 3.61 -12.79
N LEU I 74 -16.94 3.97 -11.94
CA LEU I 74 -18.28 3.40 -11.99
C LEU I 74 -18.92 3.71 -13.34
N TYR I 75 -18.60 4.88 -13.86
CA TYR I 75 -19.14 5.32 -15.14
C TYR I 75 -18.27 4.75 -16.27
N TYR I 76 -16.97 4.69 -16.04
CA TYR I 76 -16.04 4.13 -17.01
C TYR I 76 -16.36 2.66 -17.27
N GLU I 77 -16.74 1.95 -16.20
CA GLU I 77 -17.10 0.53 -16.29
C GLU I 77 -18.51 0.31 -16.83
N GLY I 78 -19.39 1.28 -16.60
CA GLY I 78 -20.77 1.16 -17.08
C GLY I 78 -21.78 0.89 -15.98
N LYS I 79 -21.30 0.75 -14.74
CA LYS I 79 -22.19 0.50 -13.62
C LYS I 79 -23.08 1.71 -13.38
N GLU I 80 -22.54 2.89 -13.67
CA GLU I 80 -23.32 4.11 -13.65
C GLU I 80 -23.34 4.72 -15.03
N LYS I 81 -24.34 5.55 -15.30
CA LYS I 81 -24.50 6.18 -16.60
C LYS I 81 -24.88 7.63 -16.41
N ALA I 82 -24.07 8.54 -16.95
CA ALA I 82 -24.33 9.97 -16.79
C ALA I 82 -25.64 10.37 -17.46
N PRO I 83 -26.59 10.88 -16.66
CA PRO I 83 -27.93 11.24 -17.15
C PRO I 83 -27.95 12.44 -18.07
N TYR I 84 -26.89 13.25 -18.06
CA TYR I 84 -26.81 14.42 -18.94
C TYR I 84 -25.49 14.48 -19.69
N LEU I 85 -25.51 15.11 -20.87
CA LEU I 85 -24.28 15.44 -21.56
C LEU I 85 -23.47 16.35 -20.66
N THR I 86 -22.25 15.93 -20.35
CA THR I 86 -21.41 16.64 -19.39
C THR I 86 -20.07 17.02 -20.03
N LEU I 87 -19.90 18.31 -20.30
CA LEU I 87 -18.67 18.82 -20.88
C LEU I 87 -17.76 19.29 -19.75
N PHE I 88 -16.46 19.02 -19.87
CA PHE I 88 -15.55 19.45 -18.81
C PHE I 88 -14.15 19.79 -19.28
N ILE I 89 -13.48 20.62 -18.48
CA ILE I 89 -12.07 20.93 -18.64
C ILE I 89 -11.35 20.26 -17.48
N GLY I 90 -10.03 20.27 -17.50
CA GLY I 90 -9.28 19.73 -16.38
C GLY I 90 -8.91 20.79 -15.38
N GLY I 91 -8.71 20.36 -14.14
CA GLY I 91 -8.22 21.26 -13.10
C GLY I 91 -6.85 20.82 -12.60
N ASN I 92 -6.65 20.87 -11.28
CA ASN I 92 -5.35 20.49 -10.69
C ASN I 92 -5.35 19.10 -10.05
N HIS I 93 -6.53 18.54 -9.85
CA HIS I 93 -6.66 17.17 -9.35
C HIS I 93 -7.29 16.31 -10.43
N GLU I 94 -6.46 15.64 -11.22
CA GLU I 94 -6.93 14.88 -12.38
C GLU I 94 -6.14 13.60 -12.56
N SER I 95 -6.70 12.67 -13.32
CA SER I 95 -5.91 11.57 -13.86
C SER I 95 -5.16 12.17 -15.03
N SER I 96 -4.06 12.86 -14.75
CA SER I 96 -3.38 13.67 -15.76
C SER I 96 -2.92 12.89 -16.98
N ASN I 97 -2.65 11.59 -16.81
CA ASN I 97 -2.31 10.75 -17.96
C ASN I 97 -3.47 10.63 -18.95
N VAL I 98 -4.67 10.42 -18.42
CA VAL I 98 -5.88 10.34 -19.24
C VAL I 98 -6.11 11.62 -20.04
N LEU I 99 -6.00 12.76 -19.37
CA LEU I 99 -6.24 14.04 -20.04
C LEU I 99 -5.19 14.36 -21.11
N LEU I 100 -3.96 13.87 -20.94
CA LEU I 100 -2.92 14.15 -21.93
C LEU I 100 -3.12 13.30 -23.19
N HIS I 101 -3.54 12.05 -23.00
CA HIS I 101 -3.94 11.23 -24.14
C HIS I 101 -5.02 11.97 -24.90
N LEU I 102 -5.91 12.63 -24.16
CA LEU I 102 -7.05 13.34 -24.73
C LEU I 102 -6.82 14.85 -24.82
N TYR I 103 -5.58 15.28 -25.07
CA TYR I 103 -5.27 16.70 -25.13
C TYR I 103 -6.03 17.41 -26.26
N ASN I 104 -6.35 16.66 -27.32
CA ASN I 104 -7.20 17.20 -28.38
C ASN I 104 -8.67 16.92 -28.10
N GLY I 105 -8.97 16.56 -26.86
CA GLY I 105 -10.35 16.34 -26.46
C GLY I 105 -10.82 14.92 -26.70
N GLY I 106 -11.93 14.56 -26.07
CA GLY I 106 -12.49 13.22 -26.25
C GLY I 106 -13.46 12.86 -25.14
N PHE I 107 -14.33 11.89 -25.42
CA PHE I 107 -15.21 11.36 -24.38
C PHE I 107 -14.40 10.42 -23.49
N VAL I 108 -14.45 10.62 -22.18
CA VAL I 108 -13.79 9.69 -21.26
C VAL I 108 -14.73 8.51 -20.97
N CYS I 109 -16.02 8.74 -21.21
CA CYS I 109 -17.03 7.69 -21.17
C CYS I 109 -18.32 8.29 -21.71
N PHE I 110 -19.40 7.51 -21.68
CA PHE I 110 -20.68 7.99 -22.17
C PHE I 110 -21.09 9.28 -21.49
N ASN I 111 -21.50 10.27 -22.29
CA ASN I 111 -21.97 11.57 -21.81
C ASN I 111 -20.98 12.45 -21.06
N MET I 112 -19.69 12.12 -21.13
CA MET I 112 -18.70 12.96 -20.47
C MET I 112 -17.60 13.32 -21.46
N TYR I 113 -17.64 14.55 -21.97
CA TYR I 113 -16.69 14.97 -23.00
C TYR I 113 -15.66 15.93 -22.44
N TYR I 114 -14.39 15.58 -22.61
CA TYR I 114 -13.28 16.43 -22.19
C TYR I 114 -12.89 17.34 -23.35
N LEU I 115 -12.76 18.63 -23.07
CA LEU I 115 -12.45 19.62 -24.12
C LEU I 115 -10.96 19.68 -24.49
N GLY I 116 -10.12 18.91 -23.81
CA GLY I 116 -8.70 18.94 -24.10
C GLY I 116 -7.95 20.03 -23.35
N VAL I 117 -6.66 20.17 -23.64
CA VAL I 117 -5.84 21.23 -23.07
C VAL I 117 -6.56 22.56 -23.22
N CYS I 118 -7.03 22.82 -24.45
CA CYS I 118 -7.92 23.93 -24.74
C CYS I 118 -8.62 23.61 -26.04
N SER I 119 -9.83 24.13 -26.22
CA SER I 119 -10.54 23.97 -27.48
C SER I 119 -11.77 24.84 -27.47
N CYS I 120 -12.45 24.90 -28.62
CA CYS I 120 -13.76 25.52 -28.68
C CYS I 120 -14.72 24.49 -29.24
N ILE I 121 -15.90 24.39 -28.65
CA ILE I 121 -16.93 23.49 -29.16
C ILE I 121 -18.22 24.25 -29.46
N ASN I 122 -19.12 23.64 -30.22
CA ASN I 122 -20.43 24.23 -30.49
C ASN I 122 -21.54 23.34 -29.97
N ILE I 123 -22.57 23.95 -29.39
CA ILE I 123 -23.75 23.24 -28.95
C ILE I 123 -24.91 24.21 -28.78
N ASN I 124 -26.08 23.85 -29.30
CA ASN I 124 -27.26 24.70 -29.24
C ASN I 124 -27.01 26.14 -29.67
N GLY I 125 -26.24 26.31 -30.74
CA GLY I 125 -25.91 27.64 -31.25
C GLY I 125 -24.89 28.40 -30.44
N LEU I 126 -24.34 27.76 -29.42
CA LEU I 126 -23.31 28.38 -28.58
C LEU I 126 -21.91 27.98 -29.02
N ARG I 127 -20.96 28.88 -28.78
CA ARG I 127 -19.55 28.54 -28.93
C ARG I 127 -18.96 28.56 -27.51
N ILE I 128 -18.25 27.49 -27.15
CA ILE I 128 -17.81 27.32 -25.77
C ILE I 128 -16.31 26.99 -25.71
N VAL I 129 -15.56 27.83 -25.00
CA VAL I 129 -14.12 27.66 -24.90
C VAL I 129 -13.73 27.11 -23.52
N GLY I 130 -12.73 26.23 -23.48
CA GLY I 130 -12.25 25.69 -22.23
C GLY I 130 -10.75 25.82 -22.11
N VAL I 131 -10.30 26.18 -20.91
CA VAL I 131 -8.86 26.24 -20.62
C VAL I 131 -8.57 25.39 -19.39
N SER I 132 -7.84 24.29 -19.59
CA SER I 132 -7.57 23.33 -18.51
C SER I 132 -6.40 23.72 -17.63
N GLY I 133 -6.38 23.20 -16.42
CA GLY I 133 -5.24 23.33 -15.53
C GLY I 133 -5.25 24.55 -14.63
N ILE I 134 -4.20 24.70 -13.82
CA ILE I 134 -4.01 25.91 -13.03
C ILE I 134 -2.63 26.50 -13.32
N TYR I 135 -2.46 27.77 -13.00
CA TYR I 135 -1.23 28.49 -13.35
C TYR I 135 -0.07 28.34 -12.37
N LYS I 136 1.09 27.96 -12.90
CA LYS I 136 2.35 28.06 -12.18
C LYS I 136 3.40 28.59 -13.15
N SER I 137 3.93 29.78 -12.88
CA SER I 137 4.86 30.45 -13.79
C SER I 137 6.03 29.56 -14.19
N PHE I 138 6.52 28.76 -13.26
CA PHE I 138 7.68 27.91 -13.50
C PHE I 138 7.43 26.74 -14.46
N ASP I 139 6.18 26.50 -14.85
CA ASP I 139 5.85 25.41 -15.76
C ASP I 139 5.20 25.91 -17.07
N GLU I 140 4.94 27.21 -17.16
CA GLU I 140 4.16 27.75 -18.27
C GLU I 140 4.80 27.57 -19.65
N LYS I 141 6.12 27.43 -19.69
CA LYS I 141 6.82 27.25 -20.95
C LYS I 141 7.28 25.81 -21.13
N LYS I 142 7.00 24.96 -20.14
CA LYS I 142 7.32 23.54 -20.24
C LYS I 142 6.48 22.86 -21.33
N PRO I 143 7.13 22.03 -22.15
CA PRO I 143 6.36 21.29 -23.17
C PRO I 143 5.69 20.08 -22.56
N TYR I 144 4.71 19.53 -23.26
CA TYR I 144 4.14 18.24 -22.88
C TYR I 144 5.03 17.14 -23.42
N THR I 145 5.26 16.11 -22.61
CA THR I 145 6.02 14.95 -23.07
C THR I 145 5.12 13.71 -23.07
N TYR I 146 5.28 12.87 -24.09
CA TYR I 146 4.39 11.73 -24.31
C TYR I 146 5.21 10.51 -24.73
N PRO I 147 4.84 9.32 -24.24
CA PRO I 147 3.73 8.98 -23.33
C PRO I 147 3.97 9.46 -21.90
N PRO I 148 2.89 9.62 -21.12
CA PRO I 148 3.03 10.19 -19.77
C PRO I 148 3.94 9.38 -18.85
N SER I 149 4.75 10.08 -18.06
CA SER I 149 5.59 9.44 -17.05
C SER I 149 5.15 9.89 -15.66
N PRO I 150 5.16 8.97 -14.69
CA PRO I 150 4.76 9.28 -13.30
C PRO I 150 5.57 10.43 -12.70
N ASN I 151 6.73 10.72 -13.28
CA ASN I 151 7.57 11.85 -12.85
C ASN I 151 7.00 13.19 -13.29
N ASP I 152 5.91 13.14 -14.05
CA ASP I 152 5.26 14.36 -14.53
C ASP I 152 3.96 14.67 -13.78
N VAL I 153 3.63 13.83 -12.80
CA VAL I 153 2.41 13.98 -12.01
C VAL I 153 2.26 15.39 -11.42
N VAL I 154 3.40 16.03 -11.14
CA VAL I 154 3.41 17.34 -10.49
C VAL I 154 3.30 18.51 -11.46
N SER I 155 3.49 18.26 -12.75
CA SER I 155 3.57 19.35 -13.73
C SER I 155 2.49 19.32 -14.82
N LEU I 156 1.94 18.13 -15.10
CA LEU I 156 1.06 17.92 -16.23
C LEU I 156 -0.18 18.82 -16.27
N PHE I 157 -0.69 19.18 -15.10
CA PHE I 157 -1.90 19.99 -14.99
C PHE I 157 -1.64 21.48 -14.90
N HIS I 158 -0.39 21.89 -15.08
CA HIS I 158 -0.07 23.31 -15.07
C HIS I 158 -0.32 23.89 -16.47
N THR I 159 -1.15 24.93 -16.51
CA THR I 159 -1.54 25.53 -17.77
C THR I 159 -0.33 26.10 -18.49
N ARG I 160 -0.22 25.80 -19.78
CA ARG I 160 0.88 26.32 -20.60
C ARG I 160 0.52 27.66 -21.26
N ASN I 161 1.52 28.51 -21.40
CA ASN I 161 1.39 29.82 -22.05
C ASN I 161 0.87 29.75 -23.51
N TYR I 162 1.22 28.69 -24.23
CA TYR I 162 0.87 28.60 -25.65
C TYR I 162 -0.61 28.65 -25.96
N VAL I 163 -1.44 28.20 -25.02
CA VAL I 163 -2.88 28.17 -25.23
C VAL I 163 -3.43 29.56 -25.56
N ILE I 164 -2.75 30.58 -25.06
CA ILE I 164 -3.05 31.96 -25.45
C ILE I 164 -2.95 32.08 -26.99
N GLN I 165 -1.85 31.61 -27.55
CA GLN I 165 -1.63 31.69 -29.00
C GLN I 165 -2.53 30.76 -29.81
N MET I 166 -3.20 29.83 -29.13
CA MET I 166 -4.10 28.89 -29.79
C MET I 166 -5.54 29.39 -29.79
N LEU I 167 -5.88 30.25 -28.84
CA LEU I 167 -7.28 30.64 -28.61
C LEU I 167 -7.66 32.06 -29.05
N SER I 168 -6.67 32.96 -29.17
CA SER I 168 -6.92 34.39 -29.39
C SER I 168 -7.77 34.78 -30.62
N ASN I 169 -7.61 34.07 -31.73
CA ASN I 169 -8.31 34.46 -32.96
C ASN I 169 -9.77 33.96 -33.08
N LEU I 170 -10.31 33.42 -31.99
CA LEU I 170 -11.58 32.72 -32.05
C LEU I 170 -12.82 33.61 -31.86
N SER I 171 -12.60 34.89 -31.60
CA SER I 171 -13.70 35.83 -31.42
C SER I 171 -13.88 36.73 -32.64
N GLN I 172 -13.12 36.44 -33.69
CA GLN I 172 -13.17 37.23 -34.92
C GLN I 172 -14.54 37.16 -35.60
N SER I 173 -14.89 35.97 -36.07
CA SER I 173 -16.12 35.78 -36.85
C SER I 173 -17.38 35.80 -35.99
N SER I 174 -17.26 35.36 -34.74
CA SER I 174 -18.38 35.43 -33.80
C SER I 174 -17.86 35.50 -32.37
N GLN I 175 -18.70 36.01 -31.48
CA GLN I 175 -18.36 36.05 -30.07
C GLN I 175 -18.23 34.63 -29.53
N ILE I 176 -17.37 34.48 -28.52
CA ILE I 176 -17.37 33.25 -27.73
C ILE I 176 -18.45 33.45 -26.68
N ASP I 177 -19.38 32.51 -26.59
CA ASP I 177 -20.47 32.65 -25.62
C ASP I 177 -20.03 32.33 -24.19
N ILE I 178 -19.40 31.17 -24.03
CA ILE I 178 -18.96 30.72 -22.71
C ILE I 178 -17.50 30.30 -22.74
N SER I 179 -16.75 30.69 -21.72
CA SER I 179 -15.36 30.26 -21.58
C SER I 179 -15.11 29.65 -20.19
N LEU I 180 -14.46 28.50 -20.16
CA LEU I 180 -14.24 27.76 -18.91
C LEU I 180 -12.77 27.75 -18.50
N SER I 181 -12.52 27.96 -17.21
CA SER I 181 -11.19 27.80 -16.66
C SER I 181 -11.32 27.13 -15.29
N HIS I 182 -10.24 26.57 -14.79
CA HIS I 182 -10.28 26.06 -13.41
C HIS I 182 -10.00 27.19 -12.42
N ASP I 183 -8.77 27.70 -12.42
CA ASP I 183 -8.43 28.82 -11.54
C ASP I 183 -8.90 30.14 -12.16
N TRP I 184 -9.10 31.15 -11.31
CA TRP I 184 -9.71 32.41 -11.74
C TRP I 184 -8.78 33.18 -12.66
N PRO I 185 -9.38 33.96 -13.58
CA PRO I 185 -8.64 34.98 -14.31
C PRO I 185 -7.96 35.92 -13.32
N GLN I 186 -6.64 36.08 -13.44
CA GLN I 186 -5.90 36.92 -12.49
C GLN I 186 -6.46 38.33 -12.47
N GLY I 187 -6.80 38.81 -11.27
CA GLY I 187 -7.28 40.17 -11.12
C GLY I 187 -8.79 40.32 -11.05
N ILE I 188 -9.51 39.33 -11.58
CA ILE I 188 -10.97 39.40 -11.64
C ILE I 188 -11.61 39.47 -10.25
N VAL I 189 -10.85 39.12 -9.22
CA VAL I 189 -11.37 39.15 -7.85
C VAL I 189 -11.70 40.58 -7.38
N MET I 190 -10.89 41.54 -7.81
CA MET I 190 -11.09 42.95 -7.44
C MET I 190 -12.28 43.57 -8.15
N LYS I 191 -12.78 42.89 -9.18
CA LYS I 191 -13.90 43.41 -9.97
C LYS I 191 -15.26 42.94 -9.43
N GLY I 192 -15.27 42.46 -8.20
CA GLY I 192 -16.52 42.05 -7.55
C GLY I 192 -16.52 42.53 -6.10
N ASN I 193 -17.52 42.10 -5.33
CA ASN I 193 -17.60 42.47 -3.92
C ASN I 193 -16.49 41.79 -3.12
N TYR I 194 -15.25 42.22 -3.35
CA TYR I 194 -14.10 41.54 -2.78
C TYR I 194 -14.00 41.61 -1.26
N LYS I 195 -14.48 42.70 -0.67
CA LYS I 195 -14.47 42.83 0.79
C LYS I 195 -15.42 41.84 1.46
N GLN I 196 -16.56 41.58 0.84
CA GLN I 196 -17.48 40.55 1.33
C GLN I 196 -16.80 39.19 1.23
N LEU I 197 -16.10 38.98 0.13
CA LEU I 197 -15.37 37.73 -0.10
C LEU I 197 -14.33 37.48 0.98
N TYR I 198 -13.45 38.47 1.19
CA TYR I 198 -12.37 38.38 2.17
C TYR I 198 -12.90 38.16 3.59
N ARG I 199 -14.11 38.64 3.84
CA ARG I 199 -14.75 38.42 5.14
C ARG I 199 -15.17 36.96 5.28
N PHE I 200 -15.39 36.31 4.15
CA PHE I 200 -15.84 34.93 4.15
C PHE I 200 -14.71 33.94 3.82
N GLN I 201 -13.73 34.40 3.08
CA GLN I 201 -12.55 33.61 2.77
C GLN I 201 -11.29 34.42 3.02
N PRO I 202 -10.97 34.70 4.31
CA PRO I 202 -9.85 35.59 4.65
C PRO I 202 -8.51 35.13 4.08
N GLY I 203 -8.42 33.90 3.61
CA GLY I 203 -7.21 33.39 2.99
C GLY I 203 -6.95 33.99 1.61
N PHE I 204 -7.93 34.71 1.07
CA PHE I 204 -7.82 35.29 -0.26
C PHE I 204 -7.16 36.65 -0.21
N LYS I 205 -7.16 37.23 0.98
CA LYS I 205 -6.67 38.59 1.17
C LYS I 205 -5.20 38.75 0.82
N LYS I 206 -4.43 37.68 1.02
CA LYS I 206 -2.97 37.73 0.88
C LYS I 206 -2.47 37.91 -0.54
N ASP I 207 -3.03 37.16 -1.48
CA ASP I 207 -2.63 37.23 -2.88
C ASP I 207 -3.03 38.57 -3.49
N GLY I 208 -4.12 39.14 -2.99
CA GLY I 208 -4.61 40.43 -3.45
C GLY I 208 -5.17 40.39 -4.85
N ALA I 209 -4.74 41.34 -5.68
CA ALA I 209 -5.18 41.40 -7.07
C ALA I 209 -4.44 40.39 -7.94
N SER I 210 -3.29 39.92 -7.46
CA SER I 210 -2.48 38.95 -8.20
C SER I 210 -3.04 37.53 -8.09
N LEU I 211 -4.23 37.39 -7.49
CA LEU I 211 -4.87 36.10 -7.32
C LEU I 211 -5.38 35.55 -8.65
N GLY I 212 -5.00 34.31 -8.96
CA GLY I 212 -5.49 33.66 -10.16
C GLY I 212 -4.48 33.61 -11.29
N SER I 213 -4.96 33.22 -12.47
CA SER I 213 -4.08 32.94 -13.61
C SER I 213 -3.98 34.09 -14.61
N PRO I 214 -2.74 34.53 -14.89
CA PRO I 214 -2.48 35.53 -15.94
C PRO I 214 -2.85 35.00 -17.33
N ILE I 215 -2.62 33.72 -17.55
CA ILE I 215 -3.00 33.08 -18.81
C ILE I 215 -4.50 33.23 -19.04
N ASN I 216 -5.29 32.90 -18.02
CA ASN I 216 -6.74 33.03 -18.12
C ASN I 216 -7.18 34.49 -18.22
N LYS I 217 -6.41 35.37 -17.58
CA LYS I 217 -6.66 36.81 -17.64
C LYS I 217 -6.55 37.33 -19.07
N VAL I 218 -5.46 36.97 -19.75
CA VAL I 218 -5.23 37.39 -21.13
C VAL I 218 -6.35 36.91 -22.05
N ILE I 219 -6.66 35.62 -21.94
CA ILE I 219 -7.68 34.99 -22.76
C ILE I 219 -9.04 35.63 -22.51
N LEU I 220 -9.29 36.02 -21.26
CA LEU I 220 -10.52 36.77 -20.96
C LEU I 220 -10.45 38.13 -21.65
N ASN I 221 -9.28 38.75 -21.64
CA ASN I 221 -9.09 40.06 -22.27
C ASN I 221 -9.12 40.01 -23.80
N THR I 222 -8.70 38.88 -24.36
CA THR I 222 -8.65 38.73 -25.81
C THR I 222 -10.01 38.34 -26.40
N LEU I 223 -10.69 37.40 -25.77
CA LEU I 223 -11.95 36.88 -26.31
C LEU I 223 -13.17 37.63 -25.79
N LYS I 224 -13.02 38.24 -24.61
CA LYS I 224 -14.12 38.92 -23.93
C LYS I 224 -15.43 38.15 -24.07
N PRO I 225 -15.45 36.88 -23.63
CA PRO I 225 -16.62 36.04 -23.90
C PRO I 225 -17.82 36.59 -23.15
N LYS I 226 -19.02 36.12 -23.48
CA LYS I 226 -20.19 36.55 -22.75
C LYS I 226 -20.03 36.13 -21.29
N TYR I 227 -19.58 34.89 -21.09
CA TYR I 227 -19.37 34.35 -19.75
C TYR I 227 -17.99 33.74 -19.56
N TRP I 228 -17.38 34.01 -18.41
CA TRP I 228 -16.21 33.26 -17.97
C TRP I 228 -16.55 32.55 -16.68
N ILE I 229 -16.50 31.21 -16.70
CA ILE I 229 -16.86 30.42 -15.54
C ILE I 229 -15.66 29.65 -14.99
N SER I 230 -15.39 29.81 -13.69
CA SER I 230 -14.28 29.15 -13.04
C SER I 230 -14.72 28.39 -11.79
N GLY I 231 -13.88 27.46 -11.33
CA GLY I 231 -14.12 26.76 -10.08
C GLY I 231 -12.95 26.95 -9.14
N HIS I 232 -12.39 25.83 -8.68
CA HIS I 232 -11.14 25.81 -7.93
C HIS I 232 -11.13 26.44 -6.53
N MET I 233 -11.67 27.65 -6.39
CA MET I 233 -11.49 28.41 -5.15
C MET I 233 -12.43 28.05 -4.02
N HIS I 234 -13.38 27.15 -4.27
CA HIS I 234 -14.30 26.65 -3.26
C HIS I 234 -15.27 27.70 -2.70
N CYS I 235 -15.56 28.72 -3.49
CA CYS I 235 -16.52 29.73 -3.09
C CYS I 235 -17.34 30.22 -4.28
N GLU I 236 -18.57 30.65 -4.00
CA GLU I 236 -19.39 31.31 -5.02
C GLU I 236 -18.95 32.76 -5.12
N TYR I 237 -18.92 33.30 -6.34
CA TYR I 237 -18.49 34.68 -6.55
C TYR I 237 -19.00 35.21 -7.88
N HIS I 238 -19.16 36.54 -7.96
CA HIS I 238 -19.65 37.20 -9.16
C HIS I 238 -18.82 38.45 -9.45
N ALA I 239 -18.62 38.74 -10.73
CA ALA I 239 -17.89 39.95 -11.14
C ALA I 239 -18.15 40.29 -12.60
N GLU I 240 -17.89 41.55 -12.96
CA GLU I 240 -18.04 41.99 -14.34
C GLU I 240 -16.71 42.56 -14.84
N GLU I 241 -16.28 42.09 -16.01
CA GLU I 241 -15.07 42.61 -16.64
C GLU I 241 -15.45 43.17 -18.01
N GLY I 242 -16.07 44.34 -18.01
CA GLY I 242 -16.64 44.87 -19.23
C GLY I 242 -17.89 44.08 -19.58
N PRO I 243 -17.91 43.49 -20.79
CA PRO I 243 -19.07 42.72 -21.24
C PRO I 243 -19.15 41.34 -20.60
N THR I 244 -18.00 40.81 -20.17
CA THR I 244 -17.93 39.46 -19.64
C THR I 244 -18.44 39.34 -18.21
N HIS I 245 -19.48 38.52 -18.02
CA HIS I 245 -19.93 38.14 -16.69
C HIS I 245 -18.98 37.07 -16.14
N PHE I 246 -18.41 37.32 -14.97
CA PHE I 246 -17.58 36.30 -14.31
C PHE I 246 -18.36 35.58 -13.24
N ILE I 247 -18.26 34.25 -13.24
CA ILE I 247 -18.93 33.44 -12.23
C ILE I 247 -17.99 32.36 -11.69
N ALA I 248 -17.88 32.29 -10.36
CA ALA I 248 -17.08 31.25 -9.71
C ALA I 248 -17.99 30.32 -8.92
N LEU I 249 -17.65 29.04 -8.90
CA LEU I 249 -18.48 28.02 -8.26
C LEU I 249 -17.70 27.26 -7.20
N GLY I 250 -18.43 26.70 -6.23
CA GLY I 250 -17.82 26.01 -5.11
C GLY I 250 -17.46 24.57 -5.41
N LYS I 251 -17.58 23.74 -4.38
CA LYS I 251 -17.06 22.39 -4.40
C LYS I 251 -18.21 21.41 -4.14
N ILE I 252 -18.30 20.35 -4.94
CA ILE I 252 -19.35 19.35 -4.76
C ILE I 252 -19.34 18.82 -3.32
N GLY I 253 -20.50 18.84 -2.68
CA GLY I 253 -20.61 18.52 -1.28
C GLY I 253 -21.09 19.72 -0.50
N TYR I 254 -21.18 20.86 -1.17
CA TYR I 254 -21.65 22.10 -0.56
C TYR I 254 -22.69 22.81 -1.45
N LYS I 255 -23.52 23.65 -0.84
CA LYS I 255 -24.71 24.17 -1.51
C LYS I 255 -24.45 25.29 -2.51
N ASN I 256 -23.19 25.48 -2.87
CA ASN I 256 -22.80 26.57 -3.78
C ASN I 256 -21.91 26.05 -4.92
N ALA I 257 -22.01 24.76 -5.19
CA ALA I 257 -21.18 24.12 -6.20
C ALA I 257 -21.87 24.11 -7.56
N ILE I 258 -23.20 24.17 -7.55
CA ILE I 258 -23.96 24.10 -8.80
C ILE I 258 -24.92 25.27 -8.97
N SER I 259 -24.76 25.99 -10.08
CA SER I 259 -25.67 27.07 -10.46
C SER I 259 -26.16 26.79 -11.87
N TYR I 260 -27.11 27.59 -12.35
CA TYR I 260 -27.73 27.29 -13.64
C TYR I 260 -27.81 28.51 -14.55
N LEU I 261 -27.51 28.29 -15.83
CA LEU I 261 -27.59 29.37 -16.81
C LEU I 261 -28.81 29.23 -17.70
N ASP I 262 -29.67 30.23 -17.67
CA ASP I 262 -30.85 30.27 -18.51
C ASP I 262 -30.57 31.14 -19.73
N LEU I 263 -30.15 30.50 -20.80
CA LEU I 263 -29.70 31.21 -22.00
C LEU I 263 -30.65 30.99 -23.18
N PRO I 264 -30.75 31.98 -24.08
CA PRO I 264 -31.61 31.88 -25.26
C PRO I 264 -31.24 30.72 -26.17
N LEU I 265 -32.17 29.78 -26.34
CA LEU I 265 -31.95 28.62 -27.20
C LEU I 265 -32.51 28.87 -28.60
N LYS I 266 -31.60 29.04 -29.58
CA LYS I 266 -32.01 29.31 -30.96
C LYS I 266 -32.24 28.02 -31.73
N GLN I 267 -31.30 27.08 -31.60
CA GLN I 267 -31.38 25.81 -32.30
C GLN I 267 -30.97 24.68 -31.38
N LYS I 268 -31.69 23.57 -31.45
CA LYS I 268 -31.33 22.39 -30.65
C LYS I 268 -30.38 21.51 -31.46
N THR I 269 -29.10 21.83 -31.42
CA THR I 269 -28.10 21.11 -32.20
C THR I 269 -27.25 20.21 -31.31
N ASP I 270 -26.71 19.16 -31.91
CA ASP I 270 -25.85 18.24 -31.17
C ASP I 270 -24.43 18.78 -31.05
N LEU I 271 -23.71 18.32 -30.04
CA LEU I 271 -22.34 18.73 -29.77
C LEU I 271 -21.47 18.63 -31.02
N GLU I 272 -20.84 19.74 -31.41
CA GLU I 272 -20.01 19.78 -32.60
C GLU I 272 -18.68 20.47 -32.36
N TYR I 273 -17.67 20.08 -33.14
CA TYR I 273 -16.40 20.78 -33.15
C TYR I 273 -16.57 22.19 -33.74
N ASP I 274 -16.08 23.21 -33.03
CA ASP I 274 -16.10 24.56 -33.57
C ASP I 274 -15.20 24.66 -34.80
N LYS I 275 -15.72 25.28 -35.85
CA LYS I 275 -15.02 25.33 -37.13
C LYS I 275 -13.72 26.14 -37.08
N ASP I 276 -13.73 27.31 -36.44
CA ASP I 276 -12.52 28.10 -36.33
C ASP I 276 -11.45 27.34 -35.54
N TRP I 277 -11.88 26.70 -34.45
CA TRP I 277 -10.95 25.88 -33.67
C TRP I 277 -10.32 24.77 -34.51
N VAL I 278 -11.13 24.08 -35.30
CA VAL I 278 -10.62 23.03 -36.18
C VAL I 278 -9.53 23.59 -37.10
N CYS I 279 -9.82 24.72 -37.71
CA CYS I 279 -8.86 25.38 -38.59
C CYS I 279 -7.56 25.69 -37.85
N ASN I 280 -7.68 26.28 -36.65
CA ASN I 280 -6.51 26.53 -35.82
C ASN I 280 -5.76 25.26 -35.48
N LEU I 281 -6.51 24.20 -35.22
CA LEU I 281 -5.93 22.91 -34.83
C LEU I 281 -5.10 22.33 -35.98
N ILE I 282 -5.67 22.36 -37.18
CA ILE I 282 -5.00 21.86 -38.37
C ILE I 282 -3.77 22.69 -38.73
N MET I 283 -3.96 24.01 -38.80
CA MET I 283 -2.87 24.90 -39.21
C MET I 283 -1.64 24.82 -38.29
N THR I 284 -1.88 24.65 -36.98
CA THR I 284 -0.78 24.61 -36.03
C THR I 284 -0.13 23.24 -35.94
N TRP I 285 -0.47 22.34 -36.87
CA TRP I 285 0.09 20.98 -36.84
C TRP I 285 1.62 20.85 -36.77
N PRO I 286 2.38 21.64 -37.55
CA PRO I 286 3.84 21.42 -37.57
C PRO I 286 4.49 21.60 -36.19
N ALA I 287 3.86 22.39 -35.32
CA ALA I 287 4.37 22.59 -33.96
C ALA I 287 4.16 21.36 -33.08
N PHE I 288 3.17 20.55 -33.43
CA PHE I 288 2.84 19.36 -32.66
C PHE I 288 3.25 18.07 -33.38
N SER I 289 4.01 18.20 -34.46
CA SER I 289 4.34 17.05 -35.30
C SER I 289 5.11 15.95 -34.57
N ASN I 290 5.89 16.33 -33.55
CA ASN I 290 6.62 15.34 -32.75
C ASN I 290 5.79 14.86 -31.56
N LYS I 291 5.34 13.61 -31.64
CA LYS I 291 4.45 13.01 -30.65
C LYS I 291 5.08 12.79 -29.28
N ALA I 292 6.39 13.00 -29.16
CA ALA I 292 7.08 12.73 -27.90
C ALA I 292 7.27 14.00 -27.07
N GLN I 293 7.11 15.15 -27.71
CA GLN I 293 7.31 16.42 -27.05
C GLN I 293 6.64 17.53 -27.84
N PHE I 294 5.55 18.06 -27.30
CA PHE I 294 4.80 19.11 -27.99
C PHE I 294 4.26 20.13 -27.00
N PRO I 295 4.07 21.38 -27.46
CA PRO I 295 4.43 21.84 -28.80
C PRO I 295 5.94 22.09 -28.98
N ASP I 296 6.36 22.15 -30.23
CA ASP I 296 7.70 22.63 -30.55
C ASP I 296 7.62 24.14 -30.74
N LEU I 297 8.11 24.89 -29.75
CA LEU I 297 7.92 26.34 -29.76
C LEU I 297 9.04 27.11 -30.47
N SER I 298 9.91 26.40 -31.19
CA SER I 298 10.79 27.05 -32.14
C SER I 298 9.91 27.64 -33.23
N TYR I 299 8.74 27.02 -33.44
CA TYR I 299 7.69 27.60 -34.26
C TYR I 299 6.96 28.69 -33.49
N SER I 300 6.33 29.59 -34.23
CA SER I 300 5.41 30.54 -33.63
C SER I 300 3.99 30.12 -34.01
N ILE I 301 3.19 29.81 -32.99
CA ILE I 301 1.77 29.47 -33.17
C ILE I 301 1.07 30.65 -33.84
N SER I 302 1.54 31.85 -33.53
CA SER I 302 1.08 33.07 -34.19
C SER I 302 1.40 33.05 -35.68
N GLU I 303 2.63 32.65 -36.01
CA GLU I 303 3.10 32.61 -37.39
C GLU I 303 2.36 31.55 -38.20
N LEU I 304 2.14 30.39 -37.59
CA LEU I 304 1.44 29.28 -38.25
C LEU I 304 -0.02 29.64 -38.54
N LEU I 305 -0.65 30.31 -37.58
CA LEU I 305 -2.06 30.68 -37.69
C LEU I 305 -2.34 31.87 -38.60
N SER I 306 -1.34 32.72 -38.82
CA SER I 306 -1.51 33.87 -39.70
C SER I 306 -1.89 33.42 -41.11
N LYS I 307 -1.47 32.20 -41.46
CA LYS I 307 -1.71 31.63 -42.78
C LYS I 307 -3.17 31.30 -43.07
N ARG I 308 -4.08 31.55 -42.12
CA ARG I 308 -5.48 31.21 -42.33
C ARG I 308 -6.16 32.08 -43.40
N THR I 309 -6.81 31.42 -44.35
CA THR I 309 -7.51 32.09 -45.43
C THR I 309 -8.93 31.55 -45.50
N LYS I 310 -9.87 32.36 -45.98
CA LYS I 310 -11.27 31.94 -46.05
C LYS I 310 -11.42 30.71 -46.95
N GLU I 311 -10.53 30.57 -47.92
CA GLU I 311 -10.59 29.45 -48.85
C GLU I 311 -9.72 28.27 -48.43
N LEU I 312 -8.96 28.44 -47.36
CA LEU I 312 -8.30 27.28 -46.76
C LEU I 312 -9.15 26.74 -45.62
N ASP I 313 -9.83 27.63 -44.90
CA ASP I 313 -10.77 27.23 -43.86
C ASP I 313 -11.85 26.33 -44.45
N LYS I 314 -12.37 26.72 -45.62
CA LYS I 314 -13.39 25.93 -46.30
C LYS I 314 -12.86 24.55 -46.65
N LYS I 315 -11.58 24.49 -47.04
CA LYS I 315 -10.94 23.22 -47.39
C LYS I 315 -10.85 22.32 -46.15
N ILE I 316 -10.28 22.85 -45.09
CA ILE I 316 -10.11 22.14 -43.82
C ILE I 316 -11.43 21.54 -43.29
N ILE I 317 -12.43 22.39 -43.11
CA ILE I 317 -13.76 21.97 -42.65
C ILE I 317 -14.29 20.83 -43.51
N GLU I 318 -14.15 20.98 -44.82
CA GLU I 318 -14.55 19.96 -45.78
C GLU I 318 -13.91 18.60 -45.47
N LEU I 319 -12.60 18.60 -45.26
CA LEU I 319 -11.87 17.35 -45.02
C LEU I 319 -12.12 16.78 -43.63
N TRP I 320 -12.21 17.67 -42.64
CA TRP I 320 -12.53 17.26 -41.27
C TRP I 320 -13.88 16.56 -41.25
N GLU I 321 -14.85 17.11 -41.97
CA GLU I 321 -16.16 16.51 -42.07
C GLU I 321 -16.05 15.15 -42.76
N LYS I 322 -15.07 15.00 -43.63
CA LYS I 322 -14.84 13.74 -44.30
C LYS I 322 -14.25 12.69 -43.36
N TYR I 323 -13.13 13.04 -42.72
CA TYR I 323 -12.33 12.08 -41.96
C TYR I 323 -12.83 11.84 -40.54
N ILE I 324 -13.44 12.85 -39.94
CA ILE I 324 -13.79 12.81 -38.52
C ILE I 324 -15.26 13.09 -38.30
N GLY I 325 -15.77 14.09 -39.01
CA GLY I 325 -17.15 14.52 -38.83
C GLY I 325 -17.19 15.77 -37.98
N LEU I 326 -18.17 16.63 -38.25
CA LEU I 326 -18.35 17.85 -37.47
C LEU I 326 -18.94 17.53 -36.11
N LYS I 327 -19.69 16.43 -36.05
CA LYS I 327 -20.33 15.99 -34.82
C LYS I 327 -19.33 15.27 -33.91
N ILE I 328 -19.39 15.59 -32.62
CA ILE I 328 -18.51 14.95 -31.66
C ILE I 328 -19.20 13.69 -31.11
N ILE I 329 -18.74 12.53 -31.55
CA ILE I 329 -19.44 11.29 -31.26
C ILE I 329 -18.66 10.40 -30.31
N TYR I 330 -19.38 9.58 -29.54
CA TYR I 330 -18.73 8.68 -28.59
C TYR I 330 -17.89 7.62 -29.30
N ASP I 331 -16.64 7.52 -28.88
CA ASP I 331 -15.72 6.48 -29.33
C ASP I 331 -15.27 5.76 -28.07
N SER I 332 -15.18 4.43 -28.12
CA SER I 332 -14.81 3.65 -26.95
C SER I 332 -13.38 3.12 -27.03
N ASP I 333 -12.65 3.49 -28.09
CA ASP I 333 -11.25 3.14 -28.19
C ASP I 333 -10.49 3.63 -26.95
N THR I 334 -9.43 2.93 -26.58
CA THR I 334 -8.62 3.38 -25.45
C THR I 334 -8.01 4.73 -25.78
N PHE I 335 -7.60 5.47 -24.75
CA PHE I 335 -7.22 6.87 -24.93
C PHE I 335 -5.88 7.01 -25.64
N ASP I 336 -5.03 6.00 -25.51
CA ASP I 336 -3.77 5.94 -26.23
C ASP I 336 -4.02 5.81 -27.74
N ILE I 337 -5.03 5.02 -28.10
CA ILE I 337 -5.44 4.88 -29.50
C ILE I 337 -6.09 6.17 -30.02
N GLN I 338 -6.94 6.77 -29.19
CA GLN I 338 -7.62 8.02 -29.57
C GLN I 338 -6.61 9.14 -29.78
N PHE I 339 -5.56 9.14 -28.95
CA PHE I 339 -4.45 10.07 -29.08
C PHE I 339 -3.86 10.00 -30.50
N THR I 340 -3.38 8.81 -30.85
CA THR I 340 -2.72 8.56 -32.12
C THR I 340 -3.65 8.78 -33.31
N SER I 341 -4.90 8.36 -33.15
CA SER I 341 -5.88 8.46 -34.23
C SER I 341 -6.23 9.91 -34.57
N ARG I 342 -6.46 10.74 -33.56
CA ARG I 342 -6.84 12.13 -33.81
C ARG I 342 -5.72 12.92 -34.48
N ARG I 343 -4.47 12.68 -34.05
CA ARG I 343 -3.32 13.34 -34.66
C ARG I 343 -3.15 12.90 -36.10
N PHE I 344 -3.40 11.62 -36.37
CA PHE I 344 -3.25 11.08 -37.71
C PHE I 344 -4.09 11.88 -38.70
N TYR I 345 -5.32 12.18 -38.32
CA TYR I 345 -6.21 12.94 -39.20
C TYR I 345 -5.84 14.42 -39.29
N ILE I 346 -5.44 15.01 -38.18
CA ILE I 346 -4.93 16.38 -38.20
C ILE I 346 -3.72 16.49 -39.13
N GLU I 347 -2.79 15.56 -38.99
CA GLU I 347 -1.63 15.51 -39.87
C GLU I 347 -2.05 15.27 -41.31
N LYS I 348 -3.04 14.39 -41.49
CA LYS I 348 -3.54 14.07 -42.82
C LYS I 348 -4.19 15.28 -43.47
N ILE I 349 -4.97 16.04 -42.70
CA ILE I 349 -5.68 17.22 -43.21
C ILE I 349 -4.71 18.40 -43.40
N TYR I 350 -3.53 18.31 -42.78
CA TYR I 350 -2.47 19.29 -43.04
C TYR I 350 -1.66 19.01 -44.33
N ASN I 351 -1.42 17.73 -44.63
CA ASN I 351 -0.64 17.32 -45.80
C ASN I 351 -1.45 17.12 -47.10
N GLU I 352 -2.61 17.76 -47.15
CA GLU I 352 -3.55 17.68 -48.25
C GLU I 352 -3.92 19.07 -48.69
N LEU I 353 -3.63 20.05 -47.84
CA LEU I 353 -3.82 21.44 -48.17
C LEU I 353 -2.70 21.88 -49.11
N ASN I 354 -1.52 21.33 -48.87
CA ASN I 354 -0.35 21.59 -49.69
C ASN I 354 0.37 22.88 -49.31
N ILE I 355 1.36 22.76 -48.44
CA ILE I 355 2.17 23.90 -48.01
C ILE I 355 3.58 23.45 -47.66
#